data_9MXJ
#
_entry.id   9MXJ
#
loop_
_entity.id
_entity.type
_entity.pdbx_description
1 polymer 'Major vault protein'
2 non-polymer ADENOSINE-5-DIPHOSPHORIBOSE
#
_entity_poly.entity_id   1
_entity_poly.type   'polypeptide(L)'
_entity_poly.pdbx_seq_one_letter_code
;MATEEFIIRIPPYHYIHVLDQNSNVSRVEVGPKTYIRQDNERVLFAPMRMVTVPPRHYCTVANPVSRDAQGLVLFDVTGQ
VRLRHADLEIRLAQDPFPLYPGEVLEKDITPLQVVLPNTALHLKALLDFEDKDGDKVVAGDEWLFEGPGTYIPRKEVEVV
EIIQATIIRQNQALRLRARKECWDRDGKERVTGEEWLVTTVGAYLPAVFEEVLDLVDAVILTEKTALHLRARRNFRDFRG
VSRRTGEEWLVTVQDTEAHVPDVHEEVLGVVPITTLGPHNYCVILDPVGPDGKNQLGQKRVVKGEKSFFLQPGEQLEQGI
QDVYVLSEQQGLLLRALQPLEEGEDEEKVSHQAGDHWLIRGPLEYVPSAKVEVVEERQAIPLDENEGIYVQDVKTGKVRA
VIGSTYMLTQDEVLWEKELPPGVEELLNKGQDPLADRGEKDTAKSLQPLAPRNKTRVVSYRVPHNAAVQVYDYREKRARV
VFGPELVSLGPEEQFTVLSLSAGRPKRPHARRALCLLLGPDFFTDVITIETADHARLQLQLAYNWHFEVNDRKDPQETAK
LFSVPDFVGDACKAIASRVRGAVASVTFDDFHKNSARIIRTAVFGFETSEAKGPDGMALPRPRDQAVFPQNGLVVSSVDV
QSVEPVDQRTRDALQRSVQLAIEITTNSQEAAAKHEAQRLEQEARGRLERQKILDQSEAEKARKELLELEALSMAVESTG
TAKAEAESRAEAARIEGEGSVLQAKLKAQALAIETEAELQRVQKVRELELVYARAQLELEVSKAQQLAEVEVKKFKQMTE
AIGPSTIRDLAVAGPEMQVKLLQSLGLKSTLITDGSTPINLFNTAFGLLGMGPEGQPLGRRVASGPSPGEGISPQSAQAP
QAPGDNHVVPVLR
;
_entity_poly.pdbx_strand_id   A,B
#
# COMPACT_ATOMS: atom_id res chain seq x y z
N GLU A 5 18.29 17.93 -7.38
CA GLU A 5 18.34 19.30 -6.89
C GLU A 5 19.77 19.85 -6.96
N PHE A 6 20.74 18.95 -6.87
CA PHE A 6 22.14 19.35 -6.89
C PHE A 6 22.58 19.80 -8.27
N ILE A 7 22.04 19.19 -9.33
CA ILE A 7 22.40 19.51 -10.70
C ILE A 7 21.18 20.15 -11.37
N ILE A 8 21.40 21.30 -12.01
CA ILE A 8 20.35 22.04 -12.69
C ILE A 8 20.82 22.38 -14.09
N ARG A 9 19.94 22.20 -15.07
CA ARG A 9 20.21 22.56 -16.45
C ARG A 9 19.29 23.69 -16.86
N ILE A 10 19.83 24.62 -17.64
CA ILE A 10 19.15 25.87 -17.99
C ILE A 10 18.77 25.79 -19.46
N PRO A 11 17.51 26.00 -19.82
CA PRO A 11 17.09 25.96 -21.23
C PRO A 11 17.63 27.16 -22.00
N PRO A 12 17.48 27.16 -23.36
CA PRO A 12 17.84 28.36 -24.14
C PRO A 12 17.17 29.66 -23.69
N TYR A 13 18.04 30.61 -23.27
CA TYR A 13 17.67 31.93 -22.78
C TYR A 13 16.74 31.86 -21.56
N HIS A 14 17.27 31.28 -20.49
CA HIS A 14 16.63 31.27 -19.17
C HIS A 14 17.67 31.69 -18.13
N TYR A 15 17.23 31.76 -16.88
CA TYR A 15 18.16 32.00 -15.77
C TYR A 15 17.74 31.20 -14.56
N ILE A 16 18.53 31.33 -13.49
CA ILE A 16 18.23 30.70 -12.20
C ILE A 16 18.82 31.59 -11.10
N HIS A 17 18.18 31.55 -9.94
CA HIS A 17 18.64 32.25 -8.75
C HIS A 17 19.23 31.25 -7.77
N VAL A 18 20.48 31.48 -7.37
CA VAL A 18 21.14 30.66 -6.36
C VAL A 18 21.38 31.54 -5.14
N LEU A 19 21.18 30.97 -3.96
CA LEU A 19 21.30 31.71 -2.70
C LEU A 19 22.47 31.10 -1.93
N ASP A 20 23.59 31.80 -1.92
CA ASP A 20 24.78 31.35 -1.18
C ASP A 20 24.50 31.54 0.29
N GLN A 21 24.08 30.48 0.97
CA GLN A 21 23.57 30.59 2.33
C GLN A 21 24.65 30.86 3.37
N ASN A 22 25.93 30.69 3.01
CA ASN A 22 27.01 31.04 3.93
C ASN A 22 27.10 32.55 4.11
N SER A 23 27.01 33.31 3.02
CA SER A 23 26.95 34.77 3.09
C SER A 23 25.54 35.31 3.13
N ASN A 24 24.53 34.43 2.98
CA ASN A 24 23.12 34.79 2.84
C ASN A 24 22.90 35.80 1.70
N VAL A 25 23.59 35.56 0.59
CA VAL A 25 23.57 36.46 -0.57
C VAL A 25 23.00 35.70 -1.75
N SER A 26 21.97 36.25 -2.38
CA SER A 26 21.34 35.64 -3.53
C SER A 26 22.01 36.15 -4.81
N ARG A 27 22.41 35.22 -5.66
CA ARG A 27 23.05 35.52 -6.93
C ARG A 27 22.18 35.03 -8.07
N VAL A 28 22.61 35.32 -9.31
CA VAL A 28 21.91 34.88 -10.49
C VAL A 28 22.90 34.14 -11.38
N GLU A 29 22.38 33.24 -12.22
CA GLU A 29 23.18 32.49 -13.16
C GLU A 29 22.46 32.49 -14.51
N VAL A 30 23.10 33.07 -15.52
CA VAL A 30 22.47 33.31 -16.81
C VAL A 30 23.13 32.44 -17.87
N GLY A 31 22.49 32.37 -19.03
CA GLY A 31 23.01 31.63 -20.15
C GLY A 31 22.54 30.19 -20.15
N PRO A 32 22.31 29.62 -21.35
CA PRO A 32 21.85 28.22 -21.44
C PRO A 32 22.98 27.23 -21.18
N LYS A 33 23.41 27.15 -19.93
CA LYS A 33 24.50 26.29 -19.51
C LYS A 33 24.07 25.51 -18.27
N THR A 34 24.52 24.27 -18.16
CA THR A 34 24.26 23.48 -16.98
C THR A 34 25.04 24.02 -15.78
N TYR A 35 24.38 24.04 -14.63
CA TYR A 35 24.96 24.61 -13.42
C TYR A 35 25.02 23.55 -12.33
N ILE A 36 26.11 23.55 -11.58
CA ILE A 36 26.34 22.61 -10.50
C ILE A 36 26.32 23.40 -9.20
N ARG A 37 25.18 23.40 -8.52
CA ARG A 37 25.06 24.09 -7.25
C ARG A 37 25.78 23.32 -6.15
N GLN A 38 26.17 24.03 -5.10
CA GLN A 38 26.89 23.43 -3.99
C GLN A 38 25.89 23.00 -2.92
N ASP A 39 26.39 22.58 -1.77
CA ASP A 39 25.50 22.14 -0.72
C ASP A 39 24.86 23.33 0.01
N ASN A 40 25.62 24.40 0.20
CA ASN A 40 25.07 25.57 0.86
C ASN A 40 24.10 26.31 -0.03
N GLU A 41 24.36 26.33 -1.34
CA GLU A 41 23.52 27.05 -2.27
C GLU A 41 22.19 26.32 -2.47
N ARG A 42 21.10 27.07 -2.46
CA ARG A 42 19.75 26.53 -2.58
C ARG A 42 19.05 27.16 -3.77
N VAL A 43 18.25 26.36 -4.46
CA VAL A 43 17.51 26.78 -5.65
C VAL A 43 16.12 27.20 -5.20
N LEU A 44 15.73 28.44 -5.51
CA LEU A 44 14.48 28.99 -5.00
C LEU A 44 13.27 28.48 -5.78
N PHE A 45 13.33 28.49 -7.10
CA PHE A 45 12.20 28.04 -7.91
C PHE A 45 12.73 27.47 -9.23
N ALA A 46 11.81 27.11 -10.12
CA ALA A 46 12.15 26.54 -11.40
C ALA A 46 12.80 27.59 -12.29
N PRO A 47 13.71 27.18 -13.21
CA PRO A 47 14.42 28.08 -14.13
C PRO A 47 13.53 29.15 -14.77
N MET A 48 13.86 30.40 -14.50
CA MET A 48 13.11 31.54 -15.00
C MET A 48 13.68 32.02 -16.33
N ARG A 49 12.79 32.48 -17.21
CA ARG A 49 13.18 32.96 -18.53
C ARG A 49 13.69 34.39 -18.48
N MET A 50 14.78 34.67 -19.16
CA MET A 50 15.34 36.01 -19.13
C MET A 50 14.27 36.78 -19.88
N VAL A 51 13.49 37.60 -19.17
CA VAL A 51 12.38 38.30 -19.78
C VAL A 51 12.85 39.16 -20.95
N THR A 52 12.16 39.03 -22.07
CA THR A 52 12.51 39.76 -23.27
C THR A 52 11.43 40.74 -23.63
N VAL A 53 11.80 41.70 -24.47
CA VAL A 53 10.83 42.70 -24.90
C VAL A 53 10.92 42.84 -26.41
N PRO A 54 9.81 42.73 -27.14
CA PRO A 54 9.86 42.96 -28.58
C PRO A 54 10.01 44.43 -28.89
N PRO A 55 10.30 44.80 -30.15
CA PRO A 55 10.26 46.22 -30.53
C PRO A 55 8.87 46.80 -30.38
N ARG A 56 8.85 48.12 -30.11
CA ARG A 56 7.64 48.86 -29.72
C ARG A 56 6.98 48.24 -28.49
N HIS A 57 7.80 47.87 -27.52
CA HIS A 57 7.32 47.37 -26.23
C HIS A 57 8.30 47.81 -25.15
N TYR A 58 7.86 47.72 -23.90
CA TYR A 58 8.68 48.11 -22.77
C TYR A 58 8.19 47.38 -21.53
N CYS A 59 8.92 47.53 -20.44
CA CYS A 59 8.54 46.95 -19.15
C CYS A 59 9.20 47.74 -18.04
N THR A 60 8.59 47.68 -16.86
CA THR A 60 9.07 48.39 -15.68
C THR A 60 9.45 47.36 -14.62
N VAL A 61 10.68 47.42 -14.14
CA VAL A 61 11.21 46.50 -13.15
C VAL A 61 11.46 47.26 -11.85
N ALA A 62 10.89 46.76 -10.75
CA ALA A 62 11.06 47.41 -9.46
C ALA A 62 12.45 47.14 -8.91
N ASN A 63 13.03 48.17 -8.26
CA ASN A 63 14.37 48.19 -7.67
C ASN A 63 15.43 47.82 -8.68
N PRO A 64 15.71 48.67 -9.67
CA PRO A 64 16.62 48.28 -10.74
C PRO A 64 18.08 48.29 -10.30
N VAL A 65 18.90 47.63 -11.11
CA VAL A 65 20.30 47.45 -10.77
C VAL A 65 21.08 48.73 -11.05
N SER A 66 21.83 49.18 -10.05
CA SER A 66 22.72 50.32 -10.24
C SER A 66 23.87 49.93 -11.16
N ARG A 67 24.21 50.82 -12.08
CA ARG A 67 25.23 50.55 -13.09
C ARG A 67 26.16 51.75 -13.20
N ASP A 68 27.33 51.51 -13.78
CA ASP A 68 28.35 52.52 -13.93
C ASP A 68 28.14 53.25 -15.24
N ALA A 69 29.12 54.07 -15.65
CA ALA A 69 29.03 54.74 -16.93
C ALA A 69 29.22 53.77 -18.08
N GLN A 70 29.98 52.69 -17.87
CA GLN A 70 30.16 51.70 -18.93
C GLN A 70 28.93 50.83 -19.12
N GLY A 71 28.10 50.70 -18.09
CA GLY A 71 26.92 49.88 -18.15
C GLY A 71 27.04 48.52 -17.50
N LEU A 72 28.17 48.23 -16.86
CA LEU A 72 28.34 46.95 -16.17
C LEU A 72 27.53 46.93 -14.88
N VAL A 73 27.19 45.71 -14.44
CA VAL A 73 26.39 45.54 -13.23
C VAL A 73 27.27 45.75 -12.02
N LEU A 74 26.85 46.65 -11.14
CA LEU A 74 27.63 46.94 -9.94
C LEU A 74 27.32 45.92 -8.86
N PHE A 75 28.36 45.50 -8.16
CA PHE A 75 28.25 44.49 -7.12
C PHE A 75 28.77 45.06 -5.80
N ASP A 76 28.14 44.66 -4.70
CA ASP A 76 28.50 45.14 -3.38
C ASP A 76 29.70 44.40 -2.83
N VAL A 77 30.10 44.75 -1.61
CA VAL A 77 31.22 44.08 -0.96
C VAL A 77 30.86 42.65 -0.58
N THR A 78 29.61 42.44 -0.15
CA THR A 78 29.17 41.11 0.27
C THR A 78 28.80 40.20 -0.89
N GLY A 79 28.83 40.71 -2.12
CA GLY A 79 28.44 39.93 -3.28
C GLY A 79 27.01 40.15 -3.73
N GLN A 80 26.20 40.87 -2.95
CA GLN A 80 24.85 41.21 -3.36
C GLN A 80 24.89 42.22 -4.50
N VAL A 81 23.87 42.15 -5.37
CA VAL A 81 23.78 43.07 -6.49
C VAL A 81 23.37 44.45 -6.00
N ARG A 82 23.99 45.49 -6.57
CA ARG A 82 23.66 46.85 -6.19
C ARG A 82 22.30 47.24 -6.75
N LEU A 83 21.39 47.67 -5.89
CA LEU A 83 20.06 47.99 -6.39
C LEU A 83 19.51 49.31 -5.90
N ARG A 84 19.06 50.14 -6.84
CA ARG A 84 18.45 51.40 -6.51
C ARG A 84 17.07 51.00 -6.01
N HIS A 85 16.86 51.12 -4.70
CA HIS A 85 15.58 50.72 -4.11
C HIS A 85 14.38 51.58 -4.47
N ALA A 86 13.26 50.89 -4.73
CA ALA A 86 11.99 51.54 -5.07
C ALA A 86 12.10 52.54 -6.21
N ASP A 87 12.89 52.21 -7.23
CA ASP A 87 13.06 53.07 -8.39
C ASP A 87 12.65 52.29 -9.61
N LEU A 88 11.88 52.90 -10.48
CA LEU A 88 11.45 52.20 -11.68
C LEU A 88 12.16 52.70 -12.92
N GLU A 89 12.78 51.75 -13.62
CA GLU A 89 13.45 52.03 -14.89
C GLU A 89 12.64 51.44 -16.03
N ILE A 90 12.61 52.15 -17.14
CA ILE A 90 11.93 51.72 -18.34
C ILE A 90 12.99 51.10 -19.25
N ARG A 91 12.79 49.86 -19.65
CA ARG A 91 13.75 49.15 -20.48
C ARG A 91 13.14 48.92 -21.86
N LEU A 92 13.78 49.48 -22.88
CA LEU A 92 13.26 49.43 -24.24
C LEU A 92 13.71 48.14 -24.92
N ALA A 93 13.54 48.06 -26.23
CA ALA A 93 13.82 46.84 -26.98
C ALA A 93 15.31 46.56 -27.03
N GLN A 94 15.70 45.43 -26.46
CA GLN A 94 17.11 45.04 -26.35
C GLN A 94 17.17 43.52 -26.19
N ASP A 95 18.32 43.02 -25.76
CA ASP A 95 18.54 41.61 -25.53
C ASP A 95 17.69 41.12 -24.36
N PRO A 96 17.42 39.80 -24.26
CA PRO A 96 16.68 39.29 -23.10
C PRO A 96 17.49 39.37 -21.81
N PHE A 97 17.42 40.54 -21.17
CA PHE A 97 18.15 40.81 -19.96
C PHE A 97 17.70 39.87 -18.82
N PRO A 98 18.56 39.60 -17.85
CA PRO A 98 18.13 38.85 -16.67
C PRO A 98 17.62 39.78 -15.57
N LEU A 99 16.93 39.17 -14.60
CA LEU A 99 16.44 39.87 -13.42
C LEU A 99 17.31 39.48 -12.23
N TYR A 100 18.18 40.39 -11.81
CA TYR A 100 18.99 40.19 -10.62
C TYR A 100 18.10 40.18 -9.39
N PRO A 101 18.44 39.38 -8.35
CA PRO A 101 17.45 39.13 -7.29
C PRO A 101 17.23 40.33 -6.39
N GLY A 102 16.02 40.40 -5.85
CA GLY A 102 15.54 41.61 -5.22
C GLY A 102 14.71 42.49 -6.12
N GLU A 103 14.29 41.97 -7.29
CA GLU A 103 13.53 42.73 -8.27
C GLU A 103 12.16 42.11 -8.48
N VAL A 104 11.18 42.97 -8.68
CA VAL A 104 9.80 42.57 -8.96
C VAL A 104 9.42 43.13 -10.32
N LEU A 105 8.91 42.27 -11.20
CA LEU A 105 8.41 42.69 -12.50
C LEU A 105 6.99 43.20 -12.31
N GLU A 106 6.88 44.52 -12.32
CA GLU A 106 5.63 45.24 -12.18
C GLU A 106 4.87 45.19 -13.50
N LYS A 107 5.42 45.82 -14.53
CA LYS A 107 4.79 45.82 -15.86
C LYS A 107 5.50 44.77 -16.70
N ASP A 108 4.97 43.55 -16.71
CA ASP A 108 5.62 42.46 -17.43
C ASP A 108 5.74 42.71 -18.91
N ILE A 109 4.66 43.14 -19.54
CA ILE A 109 4.71 43.43 -20.96
C ILE A 109 3.65 44.47 -21.28
N THR A 110 3.98 45.40 -22.16
CA THR A 110 3.07 46.47 -22.53
C THR A 110 3.65 47.16 -23.76
N PRO A 111 2.83 47.42 -24.79
CA PRO A 111 3.35 48.11 -25.98
C PRO A 111 3.81 49.53 -25.68
N LEU A 112 4.78 49.98 -26.46
CA LEU A 112 5.25 51.36 -26.39
C LEU A 112 4.12 52.29 -26.81
N GLN A 113 3.91 53.34 -26.02
CA GLN A 113 2.74 54.20 -26.20
C GLN A 113 2.93 55.11 -27.41
N VAL A 114 2.12 54.87 -28.43
CA VAL A 114 2.07 55.73 -29.61
C VAL A 114 0.70 56.40 -29.65
N VAL A 115 0.70 57.67 -29.97
CA VAL A 115 -0.53 58.36 -29.94
C VAL A 115 -1.08 58.60 -31.35
N LEU A 116 -2.41 58.73 -31.46
CA LEU A 116 -3.11 58.84 -32.72
C LEU A 116 -2.86 60.21 -33.35
N PRO A 117 -3.13 60.33 -34.67
CA PRO A 117 -3.11 61.67 -35.28
C PRO A 117 -4.13 62.64 -34.69
N ASN A 118 -3.62 63.87 -34.44
CA ASN A 118 -4.31 64.92 -33.68
C ASN A 118 -4.81 64.40 -32.34
N THR A 119 -3.95 63.72 -31.59
CA THR A 119 -4.27 63.22 -30.25
C THR A 119 -3.04 63.35 -29.38
N ALA A 120 -3.17 64.07 -28.27
CA ALA A 120 -2.06 64.31 -27.37
C ALA A 120 -2.16 63.45 -26.13
N LEU A 121 -1.10 63.51 -25.32
CA LEU A 121 -0.98 62.73 -24.10
C LEU A 121 -0.86 63.68 -22.93
N HIS A 122 -1.88 63.71 -22.08
CA HIS A 122 -1.84 64.53 -20.87
C HIS A 122 -1.13 63.72 -19.80
N LEU A 123 0.18 63.93 -19.66
CA LEU A 123 1.00 63.19 -18.72
C LEU A 123 1.56 64.14 -17.68
N LYS A 124 1.40 63.80 -16.41
CA LYS A 124 1.81 64.64 -15.30
C LYS A 124 3.07 64.05 -14.66
N ALA A 125 4.08 64.90 -14.46
CA ALA A 125 5.31 64.48 -13.81
C ALA A 125 5.06 64.26 -12.33
N LEU A 126 5.36 63.06 -11.83
CA LEU A 126 5.14 62.78 -10.41
C LEU A 126 6.23 63.40 -9.55
N LEU A 127 7.48 63.40 -10.02
CA LEU A 127 8.60 63.89 -9.23
C LEU A 127 9.58 64.62 -10.13
N ASP A 128 10.58 65.24 -9.50
CA ASP A 128 11.52 66.11 -10.19
C ASP A 128 12.45 65.32 -11.11
N PHE A 129 12.70 65.87 -12.30
CA PHE A 129 13.55 65.21 -13.28
C PHE A 129 14.16 66.28 -14.17
N GLU A 130 15.17 65.88 -14.93
CA GLU A 130 15.82 66.72 -15.93
C GLU A 130 15.51 66.16 -17.32
N ASP A 131 15.02 67.02 -18.22
CA ASP A 131 14.50 66.53 -19.49
C ASP A 131 15.59 66.47 -20.55
N LYS A 132 15.21 66.12 -21.78
CA LYS A 132 16.16 66.06 -22.89
C LYS A 132 16.54 67.44 -23.39
N ASP A 133 15.64 68.43 -23.29
CA ASP A 133 15.92 69.76 -23.80
C ASP A 133 16.92 70.50 -22.92
N GLY A 134 16.83 70.32 -21.60
CA GLY A 134 17.76 70.96 -20.70
C GLY A 134 17.11 71.88 -19.67
N ASP A 135 15.84 71.60 -19.34
CA ASP A 135 15.09 72.40 -18.39
C ASP A 135 14.66 71.54 -17.23
N LYS A 136 14.89 72.02 -16.01
CA LYS A 136 14.47 71.31 -14.82
C LYS A 136 12.95 71.36 -14.69
N VAL A 137 12.35 70.20 -14.39
CA VAL A 137 10.90 70.04 -14.34
C VAL A 137 10.49 69.88 -12.90
N VAL A 138 9.61 70.77 -12.44
CA VAL A 138 9.09 70.68 -11.08
C VAL A 138 8.12 69.51 -10.97
N ALA A 139 7.96 68.99 -9.75
CA ALA A 139 7.08 67.86 -9.49
C ALA A 139 5.60 68.19 -9.66
N GLY A 140 5.24 69.46 -9.76
CA GLY A 140 3.87 69.87 -10.05
C GLY A 140 3.61 70.27 -11.48
N ASP A 141 4.56 70.04 -12.39
CA ASP A 141 4.41 70.47 -13.76
C ASP A 141 3.49 69.54 -14.54
N GLU A 142 3.00 70.03 -15.67
CA GLU A 142 2.13 69.28 -16.57
C GLU A 142 2.70 69.31 -17.97
N TRP A 143 2.64 68.16 -18.65
CA TRP A 143 3.20 68.00 -19.98
C TRP A 143 2.09 67.71 -20.98
N LEU A 144 2.21 68.31 -22.17
CA LEU A 144 1.33 68.05 -23.29
C LEU A 144 2.18 67.56 -24.45
N PHE A 145 1.88 66.37 -24.94
CA PHE A 145 2.70 65.70 -25.96
C PHE A 145 1.98 65.75 -27.31
N GLU A 146 2.20 66.84 -28.04
CA GLU A 146 1.59 67.00 -29.33
C GLU A 146 2.35 66.17 -30.33
N GLY A 147 1.62 65.29 -31.01
CA GLY A 147 2.24 64.44 -32.01
C GLY A 147 1.77 63.00 -31.91
N PRO A 148 1.86 62.28 -33.03
CA PRO A 148 1.49 60.87 -33.13
C PRO A 148 2.73 59.99 -32.98
N GLY A 149 3.89 60.61 -32.78
CA GLY A 149 5.13 59.88 -32.62
C GLY A 149 5.14 59.06 -31.35
N THR A 150 5.78 57.90 -31.39
CA THR A 150 5.86 57.04 -30.22
C THR A 150 6.42 57.79 -29.02
N TYR A 151 5.78 57.58 -27.89
CA TYR A 151 6.15 58.20 -26.63
C TYR A 151 6.89 57.18 -25.77
N ILE A 152 8.12 57.50 -25.41
CA ILE A 152 8.94 56.64 -24.56
C ILE A 152 8.60 56.95 -23.11
N PRO A 153 8.08 55.98 -22.35
CA PRO A 153 7.70 56.26 -20.96
C PRO A 153 8.91 56.48 -20.07
N ARG A 154 8.70 57.24 -19.00
CA ARG A 154 9.73 57.51 -18.02
C ARG A 154 9.21 57.12 -16.63
N LYS A 155 10.15 56.91 -15.71
CA LYS A 155 9.80 56.57 -14.34
C LYS A 155 9.12 57.75 -13.65
N GLU A 156 9.60 58.96 -13.91
CA GLU A 156 9.03 60.16 -13.30
C GLU A 156 7.60 60.45 -13.75
N VAL A 157 7.42 60.69 -15.05
CA VAL A 157 6.11 61.02 -15.61
C VAL A 157 5.16 59.85 -15.84
N GLU A 158 3.90 60.06 -15.48
CA GLU A 158 2.85 59.08 -15.63
C GLU A 158 1.75 59.68 -16.49
N VAL A 159 1.21 58.87 -17.40
CA VAL A 159 0.18 59.29 -18.34
C VAL A 159 -1.15 59.27 -17.63
N VAL A 160 -1.83 60.42 -17.60
CA VAL A 160 -3.09 60.57 -16.88
C VAL A 160 -4.26 60.26 -17.81
N GLU A 161 -4.32 60.95 -18.95
CA GLU A 161 -5.45 60.80 -19.87
C GLU A 161 -4.99 61.16 -21.28
N ILE A 162 -5.82 60.78 -22.24
CA ILE A 162 -5.60 61.10 -23.65
C ILE A 162 -6.41 62.35 -24.00
N ILE A 163 -5.78 63.31 -24.66
CA ILE A 163 -6.43 64.55 -25.07
C ILE A 163 -6.78 64.40 -26.55
N GLN A 164 -8.05 64.15 -26.83
CA GLN A 164 -8.52 64.11 -28.21
C GLN A 164 -8.81 65.52 -28.67
N ALA A 165 -8.39 65.83 -29.90
CA ALA A 165 -8.61 67.16 -30.45
C ALA A 165 -10.07 67.34 -30.86
N THR A 166 -10.64 68.46 -30.47
CA THR A 166 -11.99 68.84 -30.92
C THR A 166 -11.82 69.76 -32.12
N ILE A 167 -12.50 69.42 -33.21
CA ILE A 167 -12.26 70.08 -34.50
C ILE A 167 -13.03 71.40 -34.54
N ILE A 168 -12.32 72.46 -34.91
CA ILE A 168 -12.93 73.76 -35.17
C ILE A 168 -13.06 73.90 -36.67
N ARG A 169 -14.29 73.89 -37.17
CA ARG A 169 -14.53 74.08 -38.58
C ARG A 169 -14.63 75.57 -38.89
N GLN A 170 -14.88 75.91 -40.16
CA GLN A 170 -15.03 77.30 -40.53
C GLN A 170 -16.36 77.84 -40.02
N ASN A 171 -16.33 79.14 -39.64
CA ASN A 171 -17.43 79.81 -38.93
C ASN A 171 -17.83 79.06 -37.67
N GLN A 172 -16.82 78.76 -36.85
CA GLN A 172 -17.04 78.09 -35.56
C GLN A 172 -15.91 78.49 -34.63
N ALA A 173 -16.15 78.30 -33.34
CA ALA A 173 -15.16 78.61 -32.32
C ALA A 173 -15.31 77.65 -31.16
N LEU A 174 -14.27 77.58 -30.34
CA LEU A 174 -14.20 76.65 -29.22
C LEU A 174 -14.23 77.43 -27.92
N ARG A 175 -15.20 77.11 -27.05
CA ARG A 175 -15.32 77.75 -25.76
C ARG A 175 -14.62 76.88 -24.73
N LEU A 176 -13.46 77.34 -24.26
CA LEU A 176 -12.65 76.55 -23.34
C LEU A 176 -12.20 77.40 -22.17
N ARG A 177 -12.11 76.79 -20.99
CA ARG A 177 -11.89 77.48 -19.74
C ARG A 177 -10.57 77.02 -19.13
N ALA A 178 -9.76 77.98 -18.69
CA ALA A 178 -8.49 77.64 -18.06
C ALA A 178 -8.72 77.14 -16.64
N ARG A 179 -8.14 75.98 -16.32
CA ARG A 179 -8.21 75.49 -14.95
C ARG A 179 -7.17 76.15 -14.06
N LYS A 180 -6.05 76.60 -14.63
CA LYS A 180 -4.99 77.28 -13.91
C LYS A 180 -4.59 78.53 -14.67
N GLU A 181 -3.87 79.42 -13.99
CA GLU A 181 -3.32 80.61 -14.64
C GLU A 181 -2.24 80.19 -15.63
N CYS A 182 -2.32 80.70 -16.86
CA CYS A 182 -1.49 80.18 -17.93
C CYS A 182 -1.37 81.23 -19.03
N TRP A 183 -0.73 80.82 -20.13
CA TRP A 183 -0.60 81.61 -21.34
C TRP A 183 -1.14 80.77 -22.49
N ASP A 184 -2.01 81.37 -23.30
CA ASP A 184 -2.69 80.62 -24.35
C ASP A 184 -1.83 80.59 -25.62
N ARG A 185 -2.42 80.13 -26.72
CA ARG A 185 -1.72 80.14 -28.01
C ARG A 185 -1.56 81.56 -28.52
N ASP A 186 -2.50 82.45 -28.22
CA ASP A 186 -2.37 83.84 -28.63
C ASP A 186 -1.31 84.57 -27.82
N GLY A 187 -1.06 84.13 -26.59
CA GLY A 187 -0.04 84.73 -25.74
C GLY A 187 -0.57 85.70 -24.70
N LYS A 188 -1.88 85.80 -24.53
CA LYS A 188 -2.44 86.72 -23.54
C LYS A 188 -2.61 86.01 -22.20
N GLU A 189 -2.59 86.80 -21.13
CA GLU A 189 -2.69 86.26 -19.78
C GLU A 189 -4.11 85.78 -19.50
N ARG A 190 -4.23 84.59 -18.94
CA ARG A 190 -5.52 84.02 -18.57
C ARG A 190 -5.51 83.69 -17.08
N VAL A 191 -6.47 84.24 -16.34
CA VAL A 191 -6.61 83.96 -14.91
C VAL A 191 -7.40 82.66 -14.76
N THR A 192 -7.45 82.14 -13.54
CA THR A 192 -8.14 80.89 -13.26
C THR A 192 -9.65 81.06 -13.45
N GLY A 193 -10.25 80.16 -14.21
CA GLY A 193 -11.66 80.20 -14.49
C GLY A 193 -12.08 81.06 -15.66
N GLU A 194 -11.14 81.78 -16.27
CA GLU A 194 -11.46 82.65 -17.39
C GLU A 194 -11.66 81.83 -18.66
N GLU A 195 -12.80 82.03 -19.31
CA GLU A 195 -13.09 81.37 -20.58
C GLU A 195 -12.85 82.35 -21.73
N TRP A 196 -12.35 81.83 -22.83
CA TRP A 196 -12.13 82.65 -24.02
C TRP A 196 -12.37 81.79 -25.25
N LEU A 197 -12.15 82.37 -26.42
CA LEU A 197 -12.47 81.74 -27.69
C LEU A 197 -11.23 81.65 -28.55
N VAL A 198 -11.07 80.52 -29.23
CA VAL A 198 -10.01 80.33 -30.22
C VAL A 198 -10.66 80.17 -31.58
N THR A 199 -10.18 80.97 -32.56
CA THR A 199 -10.78 81.01 -33.88
C THR A 199 -9.93 80.33 -34.94
N THR A 200 -8.96 79.52 -34.55
CA THR A 200 -8.13 78.83 -35.52
C THR A 200 -8.90 77.66 -36.13
N VAL A 201 -8.99 77.66 -37.45
CA VAL A 201 -9.75 76.65 -38.17
C VAL A 201 -8.94 75.36 -38.24
N GLY A 202 -9.61 74.24 -38.00
CA GLY A 202 -8.99 72.93 -38.04
C GLY A 202 -9.12 72.20 -36.72
N ALA A 203 -8.42 71.08 -36.62
CA ALA A 203 -8.40 70.32 -35.39
C ALA A 203 -7.55 71.04 -34.36
N TYR A 204 -8.17 71.45 -33.25
CA TYR A 204 -7.51 72.20 -32.21
C TYR A 204 -7.17 71.29 -31.05
N LEU A 205 -5.93 71.35 -30.60
CA LEU A 205 -5.45 70.51 -29.51
C LEU A 205 -5.36 71.35 -28.24
N PRO A 206 -6.26 71.16 -27.28
CA PRO A 206 -6.23 71.99 -26.07
C PRO A 206 -5.03 71.67 -25.20
N ALA A 207 -4.56 72.68 -24.49
CA ALA A 207 -3.37 72.54 -23.66
C ALA A 207 -3.70 71.84 -22.34
N VAL A 208 -2.69 71.72 -21.47
CA VAL A 208 -2.88 71.08 -20.19
C VAL A 208 -3.73 71.94 -19.26
N PHE A 209 -3.67 73.26 -19.42
CA PHE A 209 -4.38 74.20 -18.57
C PHE A 209 -5.82 74.44 -19.01
N GLU A 210 -6.13 74.22 -20.29
CA GLU A 210 -7.42 74.61 -20.85
C GLU A 210 -8.38 73.43 -20.87
N GLU A 211 -9.60 73.66 -20.41
CA GLU A 211 -10.64 72.63 -20.36
C GLU A 211 -11.72 72.99 -21.38
N VAL A 212 -11.92 72.13 -22.36
CA VAL A 212 -12.87 72.39 -23.43
C VAL A 212 -14.28 72.05 -22.95
N LEU A 213 -15.21 73.01 -23.11
CA LEU A 213 -16.60 72.79 -22.74
C LEU A 213 -17.46 72.45 -23.95
N ASP A 214 -17.52 73.35 -24.93
CA ASP A 214 -18.32 73.11 -26.14
C ASP A 214 -17.91 73.98 -27.30
N LEU A 215 -18.31 73.57 -28.50
CA LEU A 215 -18.06 74.32 -29.72
C LEU A 215 -19.21 75.31 -29.93
N VAL A 216 -18.93 76.59 -29.78
CA VAL A 216 -19.95 77.61 -30.02
C VAL A 216 -20.10 77.81 -31.52
N ASP A 217 -21.33 77.75 -32.01
CA ASP A 217 -21.60 77.88 -33.44
C ASP A 217 -21.84 79.32 -33.80
N ALA A 218 -21.17 79.79 -34.86
CA ALA A 218 -21.42 81.14 -35.35
C ALA A 218 -22.78 81.20 -36.04
N VAL A 219 -23.56 82.22 -35.69
CA VAL A 219 -24.90 82.39 -36.25
C VAL A 219 -24.79 83.15 -37.56
N ILE A 220 -25.43 82.63 -38.60
CA ILE A 220 -25.38 83.23 -39.92
C ILE A 220 -26.33 84.41 -39.97
N LEU A 221 -25.81 85.59 -40.30
CA LEU A 221 -26.61 86.79 -40.38
C LEU A 221 -26.98 87.08 -41.82
N THR A 222 -28.28 87.21 -42.08
CA THR A 222 -28.81 87.61 -43.37
C THR A 222 -29.27 89.07 -43.25
N GLU A 223 -29.65 89.67 -44.37
CA GLU A 223 -30.11 91.06 -44.37
C GLU A 223 -31.43 91.23 -43.61
N LYS A 224 -32.19 90.16 -43.43
CA LYS A 224 -33.44 90.19 -42.70
C LYS A 224 -33.29 89.82 -41.23
N THR A 225 -32.07 89.61 -40.72
CA THR A 225 -31.86 89.22 -39.33
C THR A 225 -30.66 89.94 -38.75
N ALA A 226 -30.64 90.07 -37.43
CA ALA A 226 -29.49 90.62 -36.74
C ALA A 226 -29.42 90.03 -35.34
N LEU A 227 -28.24 90.10 -34.76
CA LEU A 227 -27.94 89.46 -33.48
C LEU A 227 -28.14 90.46 -32.37
N HIS A 228 -29.09 90.17 -31.47
CA HIS A 228 -29.34 90.99 -30.29
C HIS A 228 -28.61 90.35 -29.13
N LEU A 229 -27.59 91.02 -28.64
CA LEU A 229 -26.78 90.46 -27.57
C LEU A 229 -26.41 91.54 -26.56
N ARG A 230 -26.24 91.14 -25.30
CA ARG A 230 -25.75 92.03 -24.28
C ARG A 230 -24.26 91.75 -24.04
N ALA A 231 -23.67 92.45 -23.08
CA ALA A 231 -22.28 92.22 -22.68
C ALA A 231 -22.25 91.87 -21.21
N ARG A 232 -21.46 90.85 -20.87
CA ARG A 232 -21.33 90.40 -19.50
C ARG A 232 -20.20 91.08 -18.74
N ARG A 233 -19.14 91.44 -19.45
CA ARG A 233 -17.99 92.11 -18.85
C ARG A 233 -17.57 93.26 -19.74
N ASN A 234 -16.79 94.21 -19.21
CA ASN A 234 -16.32 95.30 -20.04
C ASN A 234 -15.25 94.74 -20.96
N PHE A 235 -15.38 95.01 -22.26
CA PHE A 235 -14.46 94.49 -23.27
C PHE A 235 -14.66 95.27 -24.57
N ARG A 236 -13.81 94.99 -25.55
CA ARG A 236 -13.95 95.52 -26.90
C ARG A 236 -14.17 94.36 -27.84
N ASP A 237 -15.19 94.48 -28.69
CA ASP A 237 -15.54 93.40 -29.61
C ASP A 237 -14.62 93.45 -30.84
N PHE A 238 -14.96 92.67 -31.87
CA PHE A 238 -14.12 92.61 -33.05
C PHE A 238 -14.22 93.87 -33.91
N ARG A 239 -15.22 94.71 -33.68
CA ARG A 239 -15.32 95.96 -34.42
C ARG A 239 -14.30 96.98 -33.92
N GLY A 240 -13.99 96.95 -32.62
CA GLY A 240 -13.03 97.85 -32.04
C GLY A 240 -13.59 98.92 -31.11
N VAL A 241 -14.87 98.83 -30.73
CA VAL A 241 -15.50 99.79 -29.85
C VAL A 241 -15.76 99.12 -28.51
N SER A 242 -15.30 99.76 -27.44
CA SER A 242 -15.46 99.19 -26.10
C SER A 242 -16.91 99.19 -25.67
N ARG A 243 -17.33 98.11 -25.03
CA ARG A 243 -18.71 97.91 -24.61
C ARG A 243 -18.77 97.74 -23.09
N ARG A 244 -19.66 98.47 -22.45
CA ARG A 244 -19.79 98.42 -21.00
C ARG A 244 -20.51 97.15 -20.56
N THR A 245 -20.55 96.94 -19.25
CA THR A 245 -21.23 95.78 -18.69
C THR A 245 -22.73 96.00 -18.74
N GLY A 246 -23.44 95.05 -19.36
CA GLY A 246 -24.88 95.16 -19.49
C GLY A 246 -25.37 95.91 -20.71
N GLU A 247 -24.47 96.51 -21.48
CA GLU A 247 -24.87 97.20 -22.70
C GLU A 247 -25.25 96.20 -23.77
N GLU A 248 -26.38 96.44 -24.42
CA GLU A 248 -26.85 95.62 -25.50
C GLU A 248 -26.75 96.38 -26.82
N TRP A 249 -26.45 95.66 -27.89
CA TRP A 249 -26.34 96.26 -29.20
C TRP A 249 -26.67 95.21 -30.25
N LEU A 250 -26.68 95.64 -31.51
CA LEU A 250 -27.03 94.77 -32.62
C LEU A 250 -25.83 94.53 -33.52
N VAL A 251 -25.71 93.29 -33.98
CA VAL A 251 -24.69 92.91 -34.96
C VAL A 251 -25.40 92.63 -36.27
N THR A 252 -25.05 93.39 -37.31
CA THR A 252 -25.68 93.29 -38.61
C THR A 252 -24.68 92.79 -39.64
N VAL A 253 -25.15 92.66 -40.87
CA VAL A 253 -24.33 92.23 -41.99
C VAL A 253 -23.27 93.26 -42.36
N GLN A 254 -23.54 94.53 -42.11
CA GLN A 254 -22.56 95.58 -42.36
C GLN A 254 -21.34 95.46 -41.46
N ASP A 255 -21.51 94.85 -40.28
CA ASP A 255 -20.36 94.55 -39.43
C ASP A 255 -19.70 93.24 -39.85
N THR A 256 -20.42 92.12 -39.75
CA THR A 256 -19.90 90.81 -40.08
C THR A 256 -20.99 89.95 -40.70
N GLU A 257 -20.60 89.11 -41.66
CA GLU A 257 -21.56 88.21 -42.29
C GLU A 257 -21.93 87.06 -41.37
N ALA A 258 -21.00 86.62 -40.53
CA ALA A 258 -21.23 85.49 -39.62
C ALA A 258 -20.51 85.80 -38.30
N HIS A 259 -21.23 86.33 -37.34
CA HIS A 259 -20.66 86.65 -36.06
C HIS A 259 -20.91 85.46 -35.16
N VAL A 260 -19.95 85.20 -34.29
CA VAL A 260 -20.05 84.11 -33.33
C VAL A 260 -20.18 84.70 -31.96
N PRO A 261 -21.25 84.33 -31.23
CA PRO A 261 -21.48 84.80 -29.89
C PRO A 261 -20.23 84.55 -29.08
N ASP A 262 -19.60 85.64 -28.67
CA ASP A 262 -18.35 85.72 -27.92
C ASP A 262 -18.49 85.16 -26.50
N VAL A 263 -17.37 84.91 -25.83
CA VAL A 263 -17.45 84.40 -24.48
C VAL A 263 -18.18 85.37 -23.56
N HIS A 264 -17.91 86.67 -23.72
CA HIS A 264 -18.58 87.70 -22.95
C HIS A 264 -20.01 87.95 -23.40
N GLU A 265 -20.20 88.13 -24.71
CA GLU A 265 -21.51 88.46 -25.26
C GLU A 265 -22.50 87.35 -24.99
N GLU A 266 -23.65 87.71 -24.41
CA GLU A 266 -24.75 86.78 -24.20
C GLU A 266 -25.80 87.05 -25.28
N VAL A 267 -26.02 86.09 -26.16
CA VAL A 267 -27.01 86.26 -27.21
C VAL A 267 -28.40 86.10 -26.63
N LEU A 268 -29.18 87.17 -26.66
CA LEU A 268 -30.55 87.12 -26.17
C LEU A 268 -31.49 86.50 -27.20
N GLY A 269 -31.08 86.47 -28.45
CA GLY A 269 -31.90 85.94 -29.52
C GLY A 269 -31.70 86.76 -30.77
N VAL A 270 -32.07 86.16 -31.90
CA VAL A 270 -32.01 86.87 -33.18
C VAL A 270 -33.16 87.86 -33.24
N VAL A 271 -32.98 88.94 -33.99
CA VAL A 271 -34.01 89.94 -34.19
C VAL A 271 -34.31 90.00 -35.69
N PRO A 272 -35.54 89.71 -36.11
CA PRO A 272 -35.87 89.88 -37.53
C PRO A 272 -35.97 91.34 -37.90
N ILE A 273 -35.80 91.62 -39.19
CA ILE A 273 -35.86 92.99 -39.66
C ILE A 273 -37.30 93.49 -39.58
N THR A 274 -37.44 94.79 -39.38
CA THR A 274 -38.74 95.45 -39.28
C THR A 274 -38.90 96.25 -40.55
N THR A 275 -39.39 95.60 -41.60
CA THR A 275 -39.50 96.23 -42.91
C THR A 275 -40.85 96.90 -43.04
N LEU A 276 -40.84 98.11 -43.63
CA LEU A 276 -42.05 98.87 -43.87
C LEU A 276 -42.17 99.13 -45.36
N GLY A 277 -43.33 98.80 -45.93
CA GLY A 277 -43.59 99.11 -47.31
C GLY A 277 -43.86 100.58 -47.52
N PRO A 278 -44.05 100.96 -48.78
CA PRO A 278 -44.35 102.37 -49.08
C PRO A 278 -45.71 102.83 -48.53
N HIS A 279 -46.62 101.91 -48.24
CA HIS A 279 -47.90 102.23 -47.63
C HIS A 279 -47.95 101.87 -46.15
N ASN A 280 -46.80 101.90 -45.48
CA ASN A 280 -46.73 101.46 -44.09
C ASN A 280 -45.97 102.47 -43.28
N TYR A 281 -46.36 102.60 -42.01
CA TYR A 281 -45.62 103.36 -41.03
C TYR A 281 -45.64 102.61 -39.71
N CYS A 282 -44.75 103.00 -38.81
CA CYS A 282 -44.71 102.38 -37.50
C CYS A 282 -44.20 103.39 -36.49
N VAL A 283 -44.55 103.17 -35.23
CA VAL A 283 -44.18 104.06 -34.13
C VAL A 283 -43.20 103.33 -33.23
N ILE A 284 -41.98 103.85 -33.14
CA ILE A 284 -40.93 103.25 -32.33
C ILE A 284 -41.08 103.76 -30.91
N LEU A 285 -41.34 102.87 -29.96
CA LEU A 285 -41.35 103.25 -28.56
C LEU A 285 -39.94 103.22 -28.01
N ASP A 286 -39.55 104.28 -27.30
CA ASP A 286 -38.22 104.54 -26.78
C ASP A 286 -37.15 104.45 -27.86
N PRO A 287 -37.07 105.42 -28.77
CA PRO A 287 -36.09 105.32 -29.87
C PRO A 287 -34.68 105.59 -29.38
N VAL A 288 -33.72 105.26 -30.25
CA VAL A 288 -32.31 105.48 -29.97
C VAL A 288 -31.92 106.84 -30.51
N GLY A 289 -31.36 107.67 -29.64
CA GLY A 289 -30.96 109.00 -30.02
C GLY A 289 -29.56 109.04 -30.62
N PRO A 290 -29.02 110.25 -30.79
CA PRO A 290 -27.68 110.38 -31.36
C PRO A 290 -26.57 109.92 -30.43
N ASP A 291 -26.81 109.88 -29.12
CA ASP A 291 -25.80 109.44 -28.17
C ASP A 291 -25.73 107.92 -28.05
N GLY A 292 -26.67 107.19 -28.64
CA GLY A 292 -26.70 105.76 -28.59
C GLY A 292 -27.61 105.19 -27.51
N LYS A 293 -27.99 105.99 -26.54
CA LYS A 293 -28.89 105.55 -25.47
C LYS A 293 -30.33 105.79 -25.87
N ASN A 294 -31.23 105.02 -25.25
CA ASN A 294 -32.65 105.13 -25.53
C ASN A 294 -33.21 106.44 -24.98
N GLN A 295 -34.04 107.10 -25.77
CA GLN A 295 -34.81 108.26 -25.29
C GLN A 295 -36.10 107.71 -24.70
N LEU A 296 -36.07 107.43 -23.41
CA LEU A 296 -37.20 106.78 -22.75
C LEU A 296 -38.38 107.73 -22.61
N GLY A 297 -39.58 107.21 -22.85
CA GLY A 297 -40.79 107.98 -22.77
C GLY A 297 -41.18 108.70 -24.04
N GLN A 298 -40.32 108.70 -25.05
CA GLN A 298 -40.61 109.35 -26.32
C GLN A 298 -40.96 108.31 -27.37
N LYS A 299 -41.53 108.77 -28.46
CA LYS A 299 -41.88 107.90 -29.58
C LYS A 299 -41.51 108.59 -30.88
N ARG A 300 -41.15 107.78 -31.87
CA ARG A 300 -40.71 108.27 -33.17
C ARG A 300 -41.47 107.54 -34.26
N VAL A 301 -41.93 108.27 -35.26
CA VAL A 301 -42.64 107.70 -36.40
C VAL A 301 -41.67 107.46 -37.53
N VAL A 302 -41.82 106.33 -38.21
CA VAL A 302 -40.98 105.96 -39.35
C VAL A 302 -41.85 105.92 -40.58
N LYS A 303 -41.39 106.54 -41.65
CA LYS A 303 -42.19 106.64 -42.87
C LYS A 303 -42.05 105.36 -43.70
N GLY A 304 -42.54 105.38 -44.92
CA GLY A 304 -42.47 104.18 -45.73
C GLY A 304 -41.15 103.87 -46.38
N GLU A 305 -41.04 102.63 -46.86
CA GLU A 305 -39.85 102.14 -47.55
C GLU A 305 -38.57 102.40 -46.79
N LYS A 306 -38.52 101.92 -45.56
CA LYS A 306 -37.35 102.02 -44.70
C LYS A 306 -37.26 100.72 -43.91
N SER A 307 -36.46 99.79 -44.42
CA SER A 307 -36.22 98.54 -43.71
C SER A 307 -35.16 98.78 -42.65
N PHE A 308 -35.55 98.66 -41.39
CA PHE A 308 -34.69 98.97 -40.26
C PHE A 308 -34.76 97.85 -39.24
N PHE A 309 -33.82 97.85 -38.32
CA PHE A 309 -33.76 96.85 -37.27
C PHE A 309 -34.20 97.45 -35.95
N LEU A 310 -34.95 96.66 -35.17
CA LEU A 310 -35.38 97.10 -33.86
C LEU A 310 -34.20 97.09 -32.90
N GLN A 311 -33.79 98.28 -32.47
CA GLN A 311 -32.64 98.45 -31.60
C GLN A 311 -32.94 97.88 -30.21
N PRO A 312 -31.90 97.58 -29.41
CA PRO A 312 -32.14 96.95 -28.10
C PRO A 312 -32.83 97.85 -27.09
N GLY A 313 -34.15 97.90 -27.17
CA GLY A 313 -34.95 98.72 -26.30
C GLY A 313 -36.13 99.31 -27.03
N GLU A 314 -35.98 99.45 -28.35
CA GLU A 314 -37.03 99.98 -29.20
C GLU A 314 -38.12 98.93 -29.42
N GLN A 315 -39.37 99.35 -29.26
CA GLN A 315 -40.52 98.49 -29.49
C GLN A 315 -41.50 99.20 -30.41
N LEU A 316 -42.25 98.42 -31.17
CA LEU A 316 -43.32 98.98 -31.98
C LEU A 316 -44.54 99.22 -31.09
N GLU A 317 -45.23 100.34 -31.34
CA GLU A 317 -46.40 100.68 -30.55
C GLU A 317 -47.56 99.74 -30.84
N GLN A 318 -47.84 99.50 -32.12
CA GLN A 318 -48.91 98.59 -32.50
C GLN A 318 -48.50 97.65 -33.63
N GLY A 319 -47.25 97.67 -34.05
CA GLY A 319 -46.79 96.85 -35.15
C GLY A 319 -46.60 97.65 -36.41
N ILE A 320 -46.70 96.94 -37.54
CA ILE A 320 -46.57 97.58 -38.84
C ILE A 320 -47.92 98.15 -39.23
N GLN A 321 -48.18 99.39 -38.84
CA GLN A 321 -49.45 100.01 -39.14
C GLN A 321 -49.48 100.47 -40.60
N ASP A 322 -50.69 100.77 -41.07
CA ASP A 322 -50.90 101.26 -42.43
C ASP A 322 -51.04 102.77 -42.40
N VAL A 323 -50.39 103.43 -43.37
CA VAL A 323 -50.50 104.88 -43.48
C VAL A 323 -51.89 105.23 -43.98
N TYR A 324 -52.40 106.39 -43.55
CA TYR A 324 -53.74 106.82 -43.92
C TYR A 324 -53.66 107.50 -45.27
N VAL A 325 -54.12 106.82 -46.32
CA VAL A 325 -54.36 107.47 -47.59
C VAL A 325 -55.84 107.85 -47.65
N LEU A 326 -56.12 109.00 -48.24
CA LEU A 326 -57.45 109.57 -48.22
C LEU A 326 -57.83 110.02 -49.63
N SER A 327 -59.10 109.83 -49.98
CA SER A 327 -59.61 110.31 -51.25
C SER A 327 -60.04 111.77 -51.09
N GLU A 328 -60.69 112.32 -52.12
CA GLU A 328 -61.20 113.69 -52.02
C GLU A 328 -62.40 113.76 -51.08
N GLN A 329 -63.29 112.78 -51.16
CA GLN A 329 -64.45 112.72 -50.28
C GLN A 329 -64.19 111.94 -49.01
N GLN A 330 -62.93 111.70 -48.66
CA GLN A 330 -62.57 111.08 -47.39
C GLN A 330 -61.70 112.05 -46.62
N GLY A 331 -61.56 111.81 -45.32
CA GLY A 331 -60.80 112.74 -44.53
C GLY A 331 -60.52 112.23 -43.13
N LEU A 332 -60.01 113.14 -42.31
CA LEU A 332 -59.43 112.78 -41.02
C LEU A 332 -59.70 113.89 -40.02
N LEU A 333 -60.06 113.52 -38.80
CA LEU A 333 -60.16 114.46 -37.70
C LEU A 333 -59.07 114.11 -36.68
N LEU A 334 -58.26 115.08 -36.32
CA LEU A 334 -57.05 114.85 -35.56
C LEU A 334 -57.17 115.51 -34.18
N ARG A 335 -56.13 115.35 -33.36
CA ARG A 335 -56.08 115.96 -32.04
C ARG A 335 -54.63 116.08 -31.63
N ALA A 336 -54.15 117.32 -31.59
CA ALA A 336 -52.77 117.59 -31.28
C ALA A 336 -52.52 117.34 -29.82
N LEU A 337 -51.94 116.19 -29.52
CA LEU A 337 -51.68 115.81 -28.16
C LEU A 337 -50.66 116.74 -27.51
N GLN A 338 -49.95 117.51 -28.32
CA GLN A 338 -48.98 118.43 -27.78
C GLN A 338 -49.17 119.81 -28.34
N PRO A 339 -48.29 120.75 -28.00
CA PRO A 339 -48.52 122.10 -28.46
C PRO A 339 -47.66 122.50 -29.62
N LEU A 340 -48.20 123.32 -30.51
CA LEU A 340 -47.47 123.81 -31.68
C LEU A 340 -46.75 122.75 -32.48
N GLU A 341 -47.48 121.78 -33.02
CA GLU A 341 -46.85 120.76 -33.85
C GLU A 341 -46.20 121.47 -35.05
N GLU A 342 -46.99 122.28 -35.77
CA GLU A 342 -46.52 123.06 -36.92
C GLU A 342 -45.57 122.29 -37.83
N GLY A 343 -45.87 121.01 -38.00
CA GLY A 343 -45.05 120.14 -38.79
C GLY A 343 -45.93 119.36 -39.69
N GLU A 344 -45.28 118.87 -40.73
CA GLU A 344 -45.91 118.12 -41.81
C GLU A 344 -47.26 118.69 -42.23
N ASP A 345 -47.33 120.03 -42.22
CA ASP A 345 -48.53 120.75 -42.59
C ASP A 345 -48.22 121.60 -43.83
N GLU A 346 -49.11 121.58 -44.81
CA GLU A 346 -48.88 122.30 -46.06
C GLU A 346 -48.72 123.79 -45.85
N GLU A 347 -49.55 124.35 -44.96
CA GLU A 347 -49.49 125.76 -44.62
C GLU A 347 -48.62 126.00 -43.39
N LYS A 348 -48.01 124.92 -42.89
CA LYS A 348 -47.15 124.94 -41.72
C LYS A 348 -47.90 125.60 -40.57
N VAL A 349 -49.21 125.42 -40.58
CA VAL A 349 -50.06 125.96 -39.54
C VAL A 349 -49.74 125.19 -38.27
N SER A 350 -49.72 125.88 -37.14
CA SER A 350 -49.40 125.23 -35.88
C SER A 350 -50.60 125.12 -34.97
N HIS A 351 -51.09 123.90 -34.77
CA HIS A 351 -52.23 123.74 -33.91
C HIS A 351 -51.77 123.76 -32.48
N GLN A 352 -52.66 124.16 -31.59
CA GLN A 352 -52.30 124.22 -30.17
C GLN A 352 -52.60 122.86 -29.56
N ALA A 353 -52.25 122.66 -28.30
CA ALA A 353 -52.48 121.34 -27.75
C ALA A 353 -53.91 121.09 -27.34
N GLY A 354 -54.53 120.14 -28.00
CA GLY A 354 -55.88 119.69 -27.74
C GLY A 354 -56.90 120.07 -28.78
N ASP A 355 -56.60 120.99 -29.68
CA ASP A 355 -57.57 121.39 -30.68
C ASP A 355 -57.51 120.48 -31.91
N HIS A 356 -58.64 120.34 -32.58
CA HIS A 356 -58.76 119.47 -33.74
C HIS A 356 -58.57 120.25 -35.03
N TRP A 357 -58.24 119.51 -36.09
CA TRP A 357 -58.20 120.09 -37.41
C TRP A 357 -58.63 119.01 -38.39
N LEU A 358 -58.88 119.41 -39.63
CA LEU A 358 -59.36 118.51 -40.65
C LEU A 358 -58.33 118.37 -41.76
N ILE A 359 -57.95 117.13 -42.07
CA ILE A 359 -57.12 116.80 -43.20
C ILE A 359 -57.94 115.95 -44.16
N ARG A 360 -58.04 116.37 -45.41
CA ARG A 360 -58.81 115.65 -46.41
C ARG A 360 -58.07 115.72 -47.74
N GLY A 361 -58.73 115.27 -48.80
CA GLY A 361 -58.19 115.36 -50.13
C GLY A 361 -57.21 114.25 -50.42
N PRO A 362 -56.58 114.30 -51.59
CA PRO A 362 -55.58 113.28 -51.91
C PRO A 362 -54.28 113.48 -51.14
N LEU A 363 -54.26 113.02 -49.88
CA LEU A 363 -53.09 113.14 -49.03
C LEU A 363 -52.79 111.79 -48.40
N GLU A 364 -51.56 111.33 -48.55
CA GLU A 364 -51.09 110.11 -47.87
C GLU A 364 -50.53 110.56 -46.53
N TYR A 365 -51.40 110.66 -45.54
CA TYR A 365 -51.04 111.27 -44.27
C TYR A 365 -50.61 110.22 -43.26
N VAL A 366 -49.51 110.45 -42.55
CA VAL A 366 -49.04 109.54 -41.50
C VAL A 366 -49.04 110.28 -40.16
N PRO A 367 -49.83 109.82 -39.19
CA PRO A 367 -50.01 110.56 -37.93
C PRO A 367 -48.69 110.66 -37.19
N SER A 368 -48.34 111.88 -36.80
CA SER A 368 -47.09 112.13 -36.10
C SER A 368 -47.19 111.65 -34.65
N ALA A 369 -46.08 111.75 -33.92
CA ALA A 369 -46.06 111.33 -32.53
C ALA A 369 -46.85 112.27 -31.63
N LYS A 370 -47.06 113.52 -32.04
CA LYS A 370 -47.79 114.48 -31.24
C LYS A 370 -49.28 114.44 -31.50
N VAL A 371 -49.70 114.19 -32.73
CA VAL A 371 -51.11 114.21 -33.08
C VAL A 371 -51.72 112.84 -32.81
N GLU A 372 -53.05 112.80 -32.81
CA GLU A 372 -53.78 111.56 -32.62
C GLU A 372 -55.05 111.60 -33.47
N VAL A 373 -55.26 110.58 -34.29
CA VAL A 373 -56.45 110.53 -35.14
C VAL A 373 -57.64 110.16 -34.28
N VAL A 374 -58.68 111.00 -34.34
CA VAL A 374 -59.87 110.80 -33.52
C VAL A 374 -60.83 109.85 -34.22
N GLU A 375 -61.26 110.22 -35.43
CA GLU A 375 -62.24 109.43 -36.15
C GLU A 375 -62.04 109.60 -37.65
N GLU A 376 -62.37 108.55 -38.39
CA GLU A 376 -62.38 108.60 -39.85
C GLU A 376 -63.60 109.37 -40.30
N ARG A 377 -63.38 110.46 -41.02
CA ARG A 377 -64.48 111.30 -41.47
C ARG A 377 -64.67 111.17 -42.97
N GLN A 378 -65.92 111.01 -43.40
CA GLN A 378 -66.29 110.84 -44.79
C GLN A 378 -67.22 111.97 -45.21
N ALA A 379 -66.97 112.52 -46.40
CA ALA A 379 -67.83 113.56 -46.92
C ALA A 379 -69.18 112.98 -47.33
N ILE A 380 -70.24 113.73 -47.05
CA ILE A 380 -71.61 113.29 -47.31
C ILE A 380 -72.02 113.80 -48.68
N PRO A 381 -72.36 112.92 -49.62
CA PRO A 381 -72.69 113.36 -50.99
C PRO A 381 -74.06 114.00 -51.06
N LEU A 382 -74.08 115.32 -51.30
CA LEU A 382 -75.31 116.08 -51.39
C LEU A 382 -75.34 116.82 -52.71
N ASP A 383 -76.43 116.70 -53.46
CA ASP A 383 -76.60 117.44 -54.70
C ASP A 383 -77.32 118.75 -54.38
N GLU A 384 -77.79 119.45 -55.41
CA GLU A 384 -78.55 120.67 -55.20
C GLU A 384 -79.91 120.34 -54.58
N ASN A 385 -80.49 121.35 -53.93
CA ASN A 385 -81.70 121.29 -53.07
C ASN A 385 -81.73 120.08 -52.13
N GLU A 386 -80.56 119.73 -51.59
CA GLU A 386 -80.44 118.71 -50.57
C GLU A 386 -79.24 119.07 -49.72
N GLY A 387 -79.21 118.57 -48.48
CA GLY A 387 -78.16 118.96 -47.58
C GLY A 387 -78.37 118.43 -46.18
N ILE A 388 -77.51 118.87 -45.28
CA ILE A 388 -77.49 118.40 -43.90
C ILE A 388 -77.57 119.61 -42.99
N TYR A 389 -77.69 119.35 -41.69
CA TYR A 389 -77.74 120.38 -40.67
C TYR A 389 -76.48 120.26 -39.81
N VAL A 390 -75.48 121.06 -40.12
CA VAL A 390 -74.23 121.04 -39.38
C VAL A 390 -74.33 122.03 -38.23
N GLN A 391 -73.68 121.70 -37.11
CA GLN A 391 -73.70 122.54 -35.92
C GLN A 391 -72.27 122.90 -35.56
N ASP A 392 -71.88 124.14 -35.81
CA ASP A 392 -70.55 124.63 -35.47
C ASP A 392 -70.46 124.80 -33.96
N VAL A 393 -69.90 123.81 -33.26
CA VAL A 393 -69.91 123.83 -31.80
C VAL A 393 -68.90 124.82 -31.25
N LYS A 394 -67.98 125.32 -32.07
CA LYS A 394 -67.08 126.36 -31.60
C LYS A 394 -67.82 127.67 -31.37
N THR A 395 -68.78 127.98 -32.24
CA THR A 395 -69.61 129.17 -32.08
C THR A 395 -71.04 128.86 -31.67
N GLY A 396 -71.44 127.59 -31.66
CA GLY A 396 -72.73 127.20 -31.15
C GLY A 396 -73.86 127.25 -32.15
N LYS A 397 -73.66 127.84 -33.32
CA LYS A 397 -74.75 128.07 -34.25
C LYS A 397 -74.93 126.89 -35.19
N VAL A 398 -76.14 126.73 -35.70
CA VAL A 398 -76.49 125.64 -36.60
C VAL A 398 -77.00 126.24 -37.91
N ARG A 399 -76.47 125.75 -39.02
CA ARG A 399 -76.79 126.30 -40.33
C ARG A 399 -77.23 125.18 -41.26
N ALA A 400 -77.87 125.56 -42.36
CA ALA A 400 -78.30 124.61 -43.37
C ALA A 400 -77.36 124.74 -44.56
N VAL A 401 -76.53 123.73 -44.78
CA VAL A 401 -75.64 123.71 -45.92
C VAL A 401 -76.31 122.92 -47.05
N ILE A 402 -76.49 123.58 -48.19
CA ILE A 402 -77.11 122.96 -49.36
C ILE A 402 -76.29 123.35 -50.58
N GLY A 403 -76.04 122.39 -51.47
CA GLY A 403 -75.20 122.65 -52.61
C GLY A 403 -74.32 121.47 -52.97
N SER A 404 -73.00 121.68 -52.97
CA SER A 404 -72.07 120.61 -53.28
C SER A 404 -72.00 119.62 -52.11
N THR A 405 -71.24 118.54 -52.32
CA THR A 405 -71.09 117.50 -51.31
C THR A 405 -70.26 118.03 -50.16
N TYR A 406 -70.92 118.38 -49.07
CA TYR A 406 -70.28 119.05 -47.95
C TYR A 406 -69.57 118.05 -47.06
N MET A 407 -68.40 118.44 -46.57
CA MET A 407 -67.62 117.67 -45.62
C MET A 407 -67.51 118.46 -44.33
N LEU A 408 -67.80 117.81 -43.21
CA LEU A 408 -67.81 118.47 -41.91
C LEU A 408 -66.40 118.90 -41.51
N THR A 409 -66.29 120.12 -40.99
CA THR A 409 -64.99 120.66 -40.61
C THR A 409 -64.58 120.14 -39.24
N GLN A 410 -63.58 120.79 -38.63
CA GLN A 410 -63.03 120.32 -37.37
C GLN A 410 -63.99 120.51 -36.22
N ASP A 411 -64.81 121.55 -36.25
CA ASP A 411 -65.68 121.89 -35.12
C ASP A 411 -67.14 121.83 -35.49
N GLU A 412 -67.55 120.87 -36.31
CA GLU A 412 -68.95 120.72 -36.70
C GLU A 412 -69.43 119.31 -36.45
N VAL A 413 -70.67 119.20 -35.98
CA VAL A 413 -71.32 117.93 -35.70
C VAL A 413 -72.71 118.01 -36.32
N LEU A 414 -73.22 116.88 -36.79
CA LEU A 414 -74.56 116.84 -37.39
C LEU A 414 -75.63 117.16 -36.36
N TRP A 415 -76.53 118.06 -36.73
CA TRP A 415 -77.61 118.52 -35.86
C TRP A 415 -78.91 117.85 -36.28
N GLU A 416 -79.59 117.22 -35.33
CA GLU A 416 -80.83 116.52 -35.60
C GLU A 416 -81.99 117.50 -35.44
N LYS A 417 -82.64 117.84 -36.55
CA LYS A 417 -83.82 118.71 -36.49
C LYS A 417 -85.01 117.89 -36.00
N GLU A 418 -85.54 118.26 -34.84
CA GLU A 418 -86.70 117.57 -34.27
C GLU A 418 -87.95 118.31 -34.73
N LEU A 419 -88.67 117.71 -35.67
CA LEU A 419 -89.93 118.26 -36.13
C LEU A 419 -91.00 118.07 -35.06
N PRO A 420 -92.00 118.96 -35.01
CA PRO A 420 -93.12 118.75 -34.10
C PRO A 420 -93.93 117.51 -34.52
N PRO A 421 -94.58 116.85 -33.56
CA PRO A 421 -95.30 115.61 -33.90
C PRO A 421 -96.50 115.87 -34.79
N GLY A 422 -96.70 114.99 -35.75
CA GLY A 422 -97.74 115.17 -36.74
C GLY A 422 -97.17 115.64 -38.07
N VAL A 423 -96.18 116.53 -38.01
CA VAL A 423 -95.57 117.07 -39.22
C VAL A 423 -94.78 115.99 -39.94
N GLU A 424 -94.14 115.09 -39.18
CA GLU A 424 -93.37 114.00 -39.77
C GLU A 424 -94.25 113.04 -40.53
N GLU A 425 -95.51 112.90 -40.12
CA GLU A 425 -96.44 112.06 -40.86
C GLU A 425 -96.88 112.72 -42.16
N LEU A 426 -97.01 114.05 -42.16
CA LEU A 426 -97.48 114.76 -43.35
C LEU A 426 -96.41 114.88 -44.42
N LEU A 427 -95.14 114.72 -44.07
CA LEU A 427 -94.09 114.73 -45.09
C LEU A 427 -93.90 113.37 -45.73
N ASN A 428 -94.05 112.30 -44.95
CA ASN A 428 -93.97 110.95 -45.51
C ASN A 428 -95.24 110.60 -46.29
N LYS A 429 -96.40 111.00 -45.78
CA LYS A 429 -97.66 110.68 -46.45
C LYS A 429 -97.92 111.63 -47.62
N GLY A 430 -97.81 112.93 -47.39
CA GLY A 430 -98.08 113.90 -48.42
C GLY A 430 -96.93 114.12 -49.39
N GLN A 431 -96.64 113.10 -50.20
CA GLN A 431 -95.62 113.26 -51.22
C GLN A 431 -96.10 114.17 -52.36
N ASP A 432 -97.38 114.06 -52.71
CA ASP A 432 -97.99 114.91 -53.73
C ASP A 432 -99.45 115.13 -53.36
N PRO A 433 -99.77 116.22 -52.67
CA PRO A 433 -101.16 116.47 -52.25
C PRO A 433 -102.10 116.86 -53.39
N LEU A 434 -101.58 117.21 -54.57
CA LEU A 434 -102.43 117.43 -55.72
C LEU A 434 -103.07 116.14 -56.23
N ALA A 435 -102.37 115.02 -56.11
CA ALA A 435 -102.90 113.72 -56.49
C ALA A 435 -103.35 112.88 -55.30
N ASP A 436 -102.64 112.94 -54.18
CA ASP A 436 -103.01 112.22 -52.96
C ASP A 436 -103.83 113.18 -52.11
N ARG A 437 -105.12 113.26 -52.38
CA ARG A 437 -105.95 114.17 -51.60
C ARG A 437 -107.19 113.49 -51.04
N GLY A 438 -107.60 112.36 -51.62
CA GLY A 438 -108.81 111.72 -51.10
C GLY A 438 -108.68 111.21 -49.69
N GLU A 439 -107.45 111.08 -49.19
CA GLU A 439 -107.24 110.62 -47.82
C GLU A 439 -105.94 111.20 -47.27
N LEU A 449 -92.87 104.51 -44.16
CA LEU A 449 -92.54 103.28 -43.47
C LEU A 449 -91.14 103.34 -42.88
N ALA A 450 -90.17 103.68 -43.70
CA ALA A 450 -88.80 103.81 -43.22
C ALA A 450 -88.65 105.08 -42.38
N PRO A 451 -87.89 105.04 -41.30
CA PRO A 451 -87.68 106.25 -40.50
C PRO A 451 -86.81 107.26 -41.22
N ARG A 452 -87.19 108.53 -41.12
CA ARG A 452 -86.45 109.58 -41.78
C ARG A 452 -85.15 109.89 -41.05
N ASN A 453 -84.21 110.48 -41.78
CA ASN A 453 -82.96 110.93 -41.19
C ASN A 453 -83.17 112.31 -40.57
N LYS A 454 -82.90 112.44 -39.28
CA LYS A 454 -83.11 113.71 -38.60
C LYS A 454 -82.08 114.74 -39.03
N THR A 455 -80.93 114.29 -39.53
CA THR A 455 -79.86 115.19 -39.93
C THR A 455 -80.22 115.99 -41.18
N ARG A 456 -80.83 115.32 -42.16
CA ARG A 456 -81.06 115.90 -43.48
C ARG A 456 -82.05 117.05 -43.42
N VAL A 457 -81.91 117.98 -44.36
CA VAL A 457 -82.77 119.15 -44.40
C VAL A 457 -84.18 118.71 -44.82
N VAL A 458 -85.18 119.16 -44.07
CA VAL A 458 -86.56 118.78 -44.32
C VAL A 458 -87.04 119.54 -45.55
N SER A 459 -87.27 118.80 -46.64
CA SER A 459 -87.68 119.39 -47.90
C SER A 459 -89.07 118.87 -48.27
N TYR A 460 -89.95 119.79 -48.66
CA TYR A 460 -91.33 119.46 -49.02
C TYR A 460 -91.58 119.98 -50.42
N ARG A 461 -91.95 119.09 -51.34
CA ARG A 461 -92.15 119.45 -52.74
C ARG A 461 -93.53 120.07 -52.90
N VAL A 462 -93.58 121.38 -53.10
CA VAL A 462 -94.84 122.10 -53.21
C VAL A 462 -95.40 121.93 -54.63
N PRO A 463 -96.64 121.52 -54.79
CA PRO A 463 -97.26 121.49 -56.13
C PRO A 463 -97.50 122.88 -56.67
N HIS A 464 -97.84 122.93 -57.96
CA HIS A 464 -97.91 124.20 -58.70
C HIS A 464 -99.05 125.09 -58.24
N ASN A 465 -100.13 124.50 -57.70
CA ASN A 465 -101.22 125.29 -57.17
C ASN A 465 -101.21 125.40 -55.66
N ALA A 466 -100.47 124.54 -54.95
CA ALA A 466 -100.45 124.60 -53.51
C ALA A 466 -99.53 125.71 -53.03
N ALA A 467 -99.60 126.00 -51.73
CA ALA A 467 -98.82 127.06 -51.13
C ALA A 467 -98.51 126.70 -49.69
N VAL A 468 -97.24 126.83 -49.31
CA VAL A 468 -96.80 126.56 -47.94
C VAL A 468 -96.13 127.82 -47.40
N GLN A 469 -96.43 128.12 -46.15
CA GLN A 469 -95.82 129.24 -45.44
C GLN A 469 -94.90 128.70 -44.38
N VAL A 470 -93.65 129.15 -44.38
CA VAL A 470 -92.65 128.70 -43.43
C VAL A 470 -92.27 129.84 -42.51
N TYR A 471 -92.14 129.52 -41.22
CA TYR A 471 -91.82 130.52 -40.20
C TYR A 471 -90.36 130.37 -39.81
N ASP A 472 -89.51 131.25 -40.34
CA ASP A 472 -88.11 131.24 -39.94
C ASP A 472 -88.01 131.90 -38.56
N TYR A 473 -88.04 131.06 -37.53
CA TYR A 473 -88.02 131.53 -36.17
C TYR A 473 -86.72 132.16 -35.72
N ARG A 474 -85.63 131.89 -36.42
CA ARG A 474 -84.33 132.43 -36.02
C ARG A 474 -84.23 133.92 -36.32
N GLU A 475 -84.87 134.39 -37.39
CA GLU A 475 -84.85 135.80 -37.74
C GLU A 475 -86.24 136.43 -37.70
N LYS A 476 -87.25 135.67 -37.25
CA LYS A 476 -88.65 136.09 -37.15
C LYS A 476 -89.20 136.58 -38.48
N ARG A 477 -88.76 135.98 -39.58
CA ARG A 477 -89.21 136.35 -40.92
C ARG A 477 -90.13 135.22 -41.41
N ALA A 478 -91.35 135.60 -41.79
CA ALA A 478 -92.29 134.63 -42.31
C ALA A 478 -92.37 134.80 -43.82
N ARG A 479 -92.10 133.73 -44.55
CA ARG A 479 -92.19 133.72 -46.00
C ARG A 479 -93.08 132.57 -46.44
N VAL A 480 -93.88 132.83 -47.48
CA VAL A 480 -94.75 131.83 -48.06
C VAL A 480 -94.38 131.68 -49.53
N VAL A 481 -94.17 130.44 -49.96
CA VAL A 481 -93.64 130.15 -51.28
C VAL A 481 -94.57 129.17 -51.98
N PHE A 482 -94.74 129.35 -53.28
CA PHE A 482 -95.58 128.50 -54.10
C PHE A 482 -94.97 128.35 -55.48
N GLY A 483 -95.40 127.31 -56.19
CA GLY A 483 -94.90 127.04 -57.52
C GLY A 483 -94.42 125.60 -57.60
N PRO A 484 -93.50 125.33 -58.53
CA PRO A 484 -92.88 123.99 -58.60
C PRO A 484 -91.76 123.77 -57.61
N GLU A 485 -91.45 124.77 -56.77
CA GLU A 485 -90.26 124.73 -55.94
C GLU A 485 -90.49 123.87 -54.72
N LEU A 486 -89.50 123.06 -54.38
CA LEU A 486 -89.48 122.38 -53.09
C LEU A 486 -88.82 123.30 -52.08
N VAL A 487 -89.51 123.54 -50.97
CA VAL A 487 -88.99 124.45 -49.95
C VAL A 487 -88.14 123.66 -48.99
N SER A 488 -87.02 124.25 -48.59
CA SER A 488 -86.08 123.61 -47.68
C SER A 488 -86.07 124.39 -46.38
N LEU A 489 -86.34 123.69 -45.28
CA LEU A 489 -86.34 124.34 -43.98
C LEU A 489 -84.91 124.69 -43.56
N GLY A 490 -84.78 125.79 -42.84
CA GLY A 490 -83.50 126.17 -42.29
C GLY A 490 -83.25 125.46 -40.98
N PRO A 491 -82.40 126.04 -40.13
CA PRO A 491 -82.21 125.47 -38.80
C PRO A 491 -83.44 125.58 -37.91
N GLU A 492 -84.33 126.56 -38.15
CA GLU A 492 -85.52 126.73 -37.33
C GLU A 492 -86.77 127.08 -38.13
N GLU A 493 -86.74 127.00 -39.45
CA GLU A 493 -87.95 127.20 -40.23
C GLU A 493 -88.92 126.05 -40.00
N GLN A 494 -90.19 126.38 -39.78
CA GLN A 494 -91.22 125.38 -39.52
C GLN A 494 -92.41 125.62 -40.42
N PHE A 495 -93.06 124.52 -40.82
CA PHE A 495 -94.21 124.60 -41.70
C PHE A 495 -95.45 125.10 -40.96
N THR A 496 -96.38 125.66 -41.72
CA THR A 496 -97.66 126.09 -41.18
C THR A 496 -98.66 124.96 -41.40
N VAL A 497 -98.93 124.20 -40.35
CA VAL A 497 -99.88 123.09 -40.43
C VAL A 497 -101.29 123.66 -40.35
N LEU A 498 -102.14 123.23 -41.28
CA LEU A 498 -103.51 123.74 -41.38
C LEU A 498 -104.47 122.61 -41.02
N SER A 499 -105.06 122.68 -39.84
CA SER A 499 -106.08 121.71 -39.45
C SER A 499 -107.35 122.05 -40.20
N LEU A 500 -107.51 121.48 -41.38
CA LEU A 500 -108.58 121.84 -42.29
C LEU A 500 -109.86 121.10 -41.92
N SER A 501 -110.82 121.12 -42.83
CA SER A 501 -112.06 120.37 -42.72
C SER A 501 -112.19 119.43 -43.91
N ALA A 502 -112.73 118.24 -43.66
CA ALA A 502 -112.85 117.26 -44.72
C ALA A 502 -114.05 116.37 -44.44
N GLY A 503 -114.33 115.46 -45.36
CA GLY A 503 -115.47 114.58 -45.26
C GLY A 503 -116.73 115.19 -45.85
N ARG A 504 -117.80 114.43 -45.82
CA ARG A 504 -119.06 114.94 -46.35
C ARG A 504 -119.74 115.89 -45.37
N PRO A 505 -120.00 115.45 -44.14
CA PRO A 505 -120.67 116.41 -43.26
C PRO A 505 -119.78 117.53 -42.74
N LYS A 506 -118.54 117.63 -43.25
CA LYS A 506 -117.58 118.68 -42.94
C LYS A 506 -117.26 118.76 -41.43
N ARG A 507 -116.60 117.71 -40.97
CA ARG A 507 -116.03 117.71 -39.63
C ARG A 507 -114.98 118.81 -39.51
N PRO A 508 -114.92 119.52 -38.38
CA PRO A 508 -114.09 120.72 -38.33
C PRO A 508 -112.59 120.47 -38.20
N HIS A 509 -112.16 119.30 -37.74
CA HIS A 509 -110.74 119.00 -37.56
C HIS A 509 -110.42 117.66 -38.19
N ALA A 510 -110.01 117.72 -39.43
CA ALA A 510 -109.54 116.58 -40.20
C ALA A 510 -108.65 117.12 -41.31
N ARG A 511 -108.05 116.21 -42.06
CA ARG A 511 -107.15 116.56 -43.15
C ARG A 511 -106.09 117.60 -42.77
N ARG A 512 -105.36 117.41 -41.68
CA ARG A 512 -104.29 118.37 -41.34
C ARG A 512 -103.26 118.32 -42.43
N ALA A 513 -102.66 119.45 -42.81
CA ALA A 513 -101.86 119.43 -44.01
C ALA A 513 -100.98 120.66 -44.08
N LEU A 514 -99.76 120.49 -44.58
CA LEU A 514 -98.80 121.59 -44.65
C LEU A 514 -99.12 122.56 -45.78
N CYS A 515 -99.67 122.08 -46.88
CA CYS A 515 -99.90 122.90 -48.06
C CYS A 515 -101.26 123.58 -48.01
N LEU A 516 -101.45 124.52 -48.93
CA LEU A 516 -102.72 125.23 -49.10
C LEU A 516 -102.91 125.46 -50.58
N LEU A 517 -103.81 124.70 -51.20
CA LEU A 517 -104.03 124.83 -52.63
C LEU A 517 -104.76 126.12 -52.95
N LEU A 518 -104.33 126.79 -54.01
CA LEU A 518 -104.95 128.02 -54.47
C LEU A 518 -105.65 127.84 -55.80
N GLY A 519 -105.75 126.62 -56.30
CA GLY A 519 -106.31 126.39 -57.61
C GLY A 519 -107.81 126.25 -57.56
N PRO A 520 -108.42 126.29 -58.72
CA PRO A 520 -109.87 126.20 -58.74
C PRO A 520 -110.46 124.86 -58.31
N ASP A 521 -110.35 124.47 -57.06
CA ASP A 521 -110.93 123.20 -56.60
C ASP A 521 -112.39 123.37 -56.17
N PHE A 522 -112.92 122.39 -55.46
CA PHE A 522 -114.30 122.42 -54.99
C PHE A 522 -114.47 121.40 -53.86
N PHE A 523 -115.17 121.81 -52.79
CA PHE A 523 -115.50 120.89 -51.72
C PHE A 523 -117.01 120.69 -51.64
N THR A 524 -117.45 119.44 -51.57
CA THR A 524 -118.88 119.13 -51.51
C THR A 524 -119.28 118.93 -50.06
N ASP A 525 -120.25 119.71 -49.60
CA ASP A 525 -120.75 119.65 -48.23
C ASP A 525 -122.25 119.45 -48.23
N VAL A 526 -122.72 118.48 -47.46
CA VAL A 526 -124.15 118.32 -47.22
C VAL A 526 -124.58 119.30 -46.14
N ILE A 527 -125.63 120.06 -46.40
CA ILE A 527 -126.19 120.98 -45.42
C ILE A 527 -127.68 120.68 -45.29
N THR A 528 -128.15 120.48 -44.07
CA THR A 528 -129.55 120.19 -43.79
C THR A 528 -130.23 121.47 -43.35
N ILE A 529 -131.05 122.02 -44.24
CA ILE A 529 -131.71 123.31 -44.00
C ILE A 529 -133.21 123.09 -44.00
N GLU A 530 -133.93 124.09 -43.47
CA GLU A 530 -135.37 124.05 -43.35
C GLU A 530 -135.97 125.13 -44.24
N THR A 531 -137.04 124.77 -44.96
CA THR A 531 -137.74 125.71 -45.80
C THR A 531 -138.76 126.51 -44.98
N ALA A 532 -139.52 127.38 -45.66
CA ALA A 532 -140.51 128.18 -44.98
C ALA A 532 -141.77 127.41 -44.63
N ASP A 533 -141.92 126.19 -45.15
CA ASP A 533 -143.07 125.34 -44.85
C ASP A 533 -142.74 124.27 -43.82
N HIS A 534 -141.65 124.45 -43.07
CA HIS A 534 -141.16 123.53 -42.03
C HIS A 534 -140.87 122.13 -42.57
N ALA A 535 -140.42 122.05 -43.82
CA ALA A 535 -140.05 120.78 -44.44
C ALA A 535 -138.54 120.79 -44.62
N ARG A 536 -137.83 120.25 -43.63
CA ARG A 536 -136.37 120.28 -43.64
C ARG A 536 -135.83 119.29 -44.67
N LEU A 537 -134.76 119.71 -45.35
CA LEU A 537 -134.22 118.94 -46.45
C LEU A 537 -132.71 119.15 -46.52
N GLN A 538 -131.98 118.07 -46.78
CA GLN A 538 -130.52 118.09 -46.86
C GLN A 538 -130.10 118.20 -48.32
N LEU A 539 -129.14 119.08 -48.58
CA LEU A 539 -128.75 119.36 -49.95
C LEU A 539 -127.26 119.62 -50.03
N GLN A 540 -126.70 119.47 -51.22
CA GLN A 540 -125.26 119.52 -51.45
C GLN A 540 -124.90 120.68 -52.35
N LEU A 541 -123.79 121.34 -52.05
CA LEU A 541 -123.25 122.38 -52.91
C LEU A 541 -121.84 122.00 -53.35
N ALA A 542 -121.51 122.39 -54.58
CA ALA A 542 -120.21 122.04 -55.13
C ALA A 542 -119.10 122.92 -54.57
N TYR A 543 -119.40 124.21 -54.36
CA TYR A 543 -118.48 125.20 -53.77
C TYR A 543 -117.19 125.34 -54.59
N ASN A 544 -117.33 125.81 -55.82
CA ASN A 544 -116.16 126.04 -56.65
C ASN A 544 -115.39 127.25 -56.15
N TRP A 545 -114.14 127.04 -55.72
CA TRP A 545 -113.38 128.07 -55.03
C TRP A 545 -111.97 128.13 -55.60
N HIS A 546 -111.35 129.31 -55.49
CA HIS A 546 -109.93 129.47 -55.74
C HIS A 546 -109.43 130.70 -55.01
N PHE A 547 -108.20 130.66 -54.56
CA PHE A 547 -107.60 131.80 -53.88
C PHE A 547 -107.10 132.81 -54.92
N GLU A 548 -107.59 134.03 -54.82
CA GLU A 548 -107.23 135.08 -55.77
C GLU A 548 -106.07 135.88 -55.18
N VAL A 549 -104.88 135.70 -55.74
CA VAL A 549 -103.70 136.43 -55.33
C VAL A 549 -103.45 137.55 -56.32
N ASN A 550 -103.50 138.79 -55.84
CA ASN A 550 -103.29 139.93 -56.72
C ASN A 550 -101.82 140.07 -57.09
N ASP A 551 -100.94 139.95 -56.11
CA ASP A 551 -99.51 139.94 -56.33
C ASP A 551 -98.90 138.76 -55.58
N ARG A 552 -98.04 138.04 -56.27
CA ARG A 552 -97.47 136.80 -55.77
C ARG A 552 -96.13 136.97 -55.08
N LYS A 553 -95.64 138.20 -54.94
CA LYS A 553 -94.37 138.47 -54.29
C LYS A 553 -94.52 139.44 -53.12
N ASP A 554 -95.74 139.63 -52.64
CA ASP A 554 -96.01 140.55 -51.54
C ASP A 554 -96.01 139.87 -50.17
N PRO A 555 -95.06 140.27 -49.29
CA PRO A 555 -95.01 139.67 -47.94
C PRO A 555 -96.33 139.67 -47.17
N GLN A 556 -97.22 140.60 -47.47
CA GLN A 556 -98.47 140.66 -46.72
C GLN A 556 -99.67 139.98 -47.37
N GLU A 557 -99.87 140.20 -48.66
CA GLU A 557 -101.01 139.60 -49.33
C GLU A 557 -100.85 138.10 -49.54
N THR A 558 -99.64 137.62 -49.82
CA THR A 558 -99.43 136.18 -49.97
C THR A 558 -99.49 135.45 -48.64
N ALA A 559 -99.16 136.14 -47.55
CA ALA A 559 -99.31 135.56 -46.22
C ALA A 559 -100.71 135.79 -45.65
N LYS A 560 -101.56 136.52 -46.36
CA LYS A 560 -102.94 136.70 -45.92
C LYS A 560 -103.78 135.46 -46.17
N LEU A 561 -103.34 134.56 -47.05
CA LEU A 561 -104.08 133.34 -47.33
C LEU A 561 -104.06 132.37 -46.16
N PHE A 562 -103.09 132.49 -45.26
CA PHE A 562 -103.01 131.63 -44.08
C PHE A 562 -103.59 132.32 -42.85
N SER A 563 -104.48 133.29 -43.04
CA SER A 563 -105.06 133.99 -41.89
C SER A 563 -106.04 133.09 -41.14
N VAL A 564 -107.10 132.67 -41.81
CA VAL A 564 -108.05 131.74 -41.20
C VAL A 564 -107.43 130.34 -41.19
N PRO A 565 -107.42 129.64 -40.06
CA PRO A 565 -106.77 128.32 -40.03
C PRO A 565 -107.52 127.26 -40.81
N ASP A 566 -108.84 127.27 -40.76
CA ASP A 566 -109.69 126.30 -41.44
C ASP A 566 -110.48 127.05 -42.50
N PHE A 567 -109.90 127.20 -43.69
CA PHE A 567 -110.60 127.92 -44.74
C PHE A 567 -111.73 127.10 -45.35
N VAL A 568 -111.64 125.77 -45.26
CA VAL A 568 -112.69 124.91 -45.79
C VAL A 568 -113.88 124.84 -44.86
N GLY A 569 -113.65 124.90 -43.56
CA GLY A 569 -114.75 125.00 -42.62
C GLY A 569 -115.37 126.38 -42.56
N ASP A 570 -114.55 127.43 -42.66
CA ASP A 570 -115.09 128.79 -42.68
C ASP A 570 -115.87 129.07 -43.95
N ALA A 571 -115.35 128.62 -45.10
CA ALA A 571 -116.06 128.82 -46.36
C ALA A 571 -117.26 127.90 -46.49
N CYS A 572 -117.34 126.84 -45.70
CA CYS A 572 -118.55 126.04 -45.70
C CYS A 572 -119.61 126.65 -44.79
N LYS A 573 -119.23 127.11 -43.59
CA LYS A 573 -120.22 127.69 -42.69
C LYS A 573 -120.71 129.06 -43.19
N ALA A 574 -119.86 129.82 -43.87
CA ALA A 574 -120.25 131.15 -44.30
C ALA A 574 -121.22 131.13 -45.47
N ILE A 575 -121.26 129.97 -46.13
CA ILE A 575 -122.08 129.68 -47.31
C ILE A 575 -123.26 128.76 -46.98
N ALA A 576 -123.19 128.13 -45.83
CA ALA A 576 -124.27 127.38 -45.22
C ALA A 576 -125.24 128.30 -44.48
N SER A 577 -124.71 129.32 -43.80
CA SER A 577 -125.56 130.32 -43.16
C SER A 577 -126.36 131.11 -44.19
N ARG A 578 -125.72 131.46 -45.31
CA ARG A 578 -126.41 132.20 -46.36
C ARG A 578 -127.50 131.36 -47.02
N VAL A 579 -127.22 130.08 -47.28
CA VAL A 579 -128.18 129.19 -47.89
C VAL A 579 -129.37 128.94 -46.96
N ARG A 580 -129.09 128.72 -45.67
CA ARG A 580 -130.17 128.52 -44.70
C ARG A 580 -130.99 129.78 -44.50
N GLY A 581 -130.35 130.96 -44.54
CA GLY A 581 -131.08 132.20 -44.40
C GLY A 581 -131.87 132.60 -45.63
N ALA A 582 -131.46 132.12 -46.80
CA ALA A 582 -132.17 132.47 -48.03
C ALA A 582 -133.24 131.47 -48.43
N VAL A 583 -133.13 130.22 -47.99
CA VAL A 583 -134.14 129.22 -48.34
C VAL A 583 -135.27 129.19 -47.31
N ALA A 584 -134.99 129.49 -46.04
CA ALA A 584 -136.03 129.50 -45.02
C ALA A 584 -137.03 130.65 -45.19
N SER A 585 -136.74 131.64 -46.02
CA SER A 585 -137.68 132.72 -46.29
C SER A 585 -138.58 132.48 -47.48
N VAL A 586 -138.41 131.35 -48.19
CA VAL A 586 -139.21 131.05 -49.37
C VAL A 586 -139.79 129.65 -49.24
N THR A 587 -140.95 129.45 -49.85
CA THR A 587 -141.75 128.25 -49.64
C THR A 587 -141.16 127.06 -50.38
N PHE A 588 -141.78 125.90 -50.20
CA PHE A 588 -141.30 124.68 -50.83
C PHE A 588 -141.52 124.71 -52.35
N ASP A 589 -142.66 125.22 -52.82
CA ASP A 589 -142.90 125.19 -54.26
C ASP A 589 -141.95 126.09 -55.01
N ASP A 590 -141.68 127.29 -54.48
CA ASP A 590 -140.77 128.23 -55.12
C ASP A 590 -139.32 127.77 -55.02
N PHE A 591 -139.00 126.92 -54.04
CA PHE A 591 -137.66 126.38 -53.92
C PHE A 591 -137.47 125.13 -54.76
N HIS A 592 -138.49 124.28 -54.89
CA HIS A 592 -138.37 123.08 -55.69
C HIS A 592 -138.41 123.41 -57.18
N LYS A 593 -139.19 124.42 -57.57
CA LYS A 593 -139.20 124.83 -58.97
C LYS A 593 -137.92 125.58 -59.33
N ASN A 594 -137.67 126.69 -58.64
CA ASN A 594 -136.50 127.52 -58.90
C ASN A 594 -135.49 127.30 -57.79
N SER A 595 -134.67 126.25 -57.96
CA SER A 595 -133.69 125.86 -56.95
C SER A 595 -132.31 126.42 -57.20
N ALA A 596 -132.08 127.14 -58.28
CA ALA A 596 -130.74 127.59 -58.65
C ALA A 596 -130.53 129.09 -58.52
N ARG A 597 -131.55 129.90 -58.82
CA ARG A 597 -131.37 131.35 -58.72
C ARG A 597 -131.33 131.81 -57.27
N ILE A 598 -132.13 131.19 -56.40
CA ILE A 598 -132.17 131.58 -55.00
C ILE A 598 -131.10 130.89 -54.17
N ILE A 599 -130.21 130.12 -54.79
CA ILE A 599 -129.07 129.54 -54.10
C ILE A 599 -127.75 130.05 -54.66
N ARG A 600 -127.77 130.75 -55.80
CA ARG A 600 -126.57 131.30 -56.40
C ARG A 600 -126.56 132.82 -56.36
N THR A 601 -127.68 133.46 -56.69
CA THR A 601 -127.77 134.91 -56.63
C THR A 601 -128.15 135.41 -55.24
N ALA A 602 -128.33 134.43 -54.35
CA ALA A 602 -128.65 134.57 -52.93
C ALA A 602 -127.39 134.27 -52.12
N VAL A 603 -126.68 133.19 -52.45
CA VAL A 603 -125.41 132.90 -51.78
C VAL A 603 -124.39 133.99 -52.08
N PHE A 604 -124.37 134.50 -53.30
CA PHE A 604 -123.55 135.65 -53.63
C PHE A 604 -124.37 136.67 -54.38
N GLY A 605 -125.46 137.08 -53.75
CA GLY A 605 -126.39 138.04 -54.33
C GLY A 605 -125.82 139.41 -54.61
N PHE A 606 -126.42 140.11 -55.57
CA PHE A 606 -125.98 141.43 -55.98
C PHE A 606 -125.80 142.38 -54.80
N ARG A 623 -123.26 140.14 -58.33
CA ARG A 623 -121.91 139.63 -58.57
C ARG A 623 -121.90 138.10 -58.53
N ASP A 624 -121.00 137.50 -59.29
CA ASP A 624 -120.88 136.05 -59.40
C ASP A 624 -119.80 135.47 -58.50
N GLN A 625 -119.14 136.30 -57.70
CA GLN A 625 -118.01 135.86 -56.89
C GLN A 625 -118.30 136.13 -55.42
N ALA A 626 -118.18 135.09 -54.59
CA ALA A 626 -118.32 135.24 -53.15
C ALA A 626 -116.94 135.43 -52.55
N VAL A 627 -116.48 136.68 -52.56
CA VAL A 627 -115.15 136.98 -52.05
C VAL A 627 -115.14 136.89 -50.53
N PHE A 628 -114.02 136.45 -49.99
CA PHE A 628 -113.78 136.44 -48.55
C PHE A 628 -112.54 137.26 -48.27
N PRO A 629 -112.66 138.48 -47.75
CA PRO A 629 -111.48 139.34 -47.61
C PRO A 629 -110.54 138.95 -46.48
N GLN A 630 -110.91 137.99 -45.64
CA GLN A 630 -110.02 137.53 -44.58
C GLN A 630 -108.80 136.81 -45.15
N ASN A 631 -108.99 136.00 -46.19
CA ASN A 631 -107.90 135.23 -46.78
C ASN A 631 -107.81 135.38 -48.30
N GLY A 632 -108.61 136.26 -48.90
CA GLY A 632 -108.59 136.41 -50.33
C GLY A 632 -109.30 135.33 -51.10
N LEU A 633 -109.97 134.41 -50.42
CA LEU A 633 -110.63 133.30 -51.09
C LEU A 633 -111.90 133.78 -51.76
N VAL A 634 -112.06 133.42 -53.03
CA VAL A 634 -113.30 133.68 -53.75
C VAL A 634 -113.99 132.35 -53.98
N VAL A 635 -115.31 132.38 -54.09
CA VAL A 635 -116.12 131.21 -54.36
C VAL A 635 -116.93 131.47 -55.61
N SER A 636 -116.77 130.61 -56.62
CA SER A 636 -117.50 130.73 -57.87
C SER A 636 -118.89 130.14 -57.74
N SER A 637 -119.56 129.89 -58.87
CA SER A 637 -120.94 129.41 -58.86
C SER A 637 -121.06 128.06 -58.19
N VAL A 638 -122.05 127.91 -57.32
CA VAL A 638 -122.26 126.69 -56.56
C VAL A 638 -123.22 125.80 -57.35
N ASP A 639 -122.85 124.53 -57.49
CA ASP A 639 -123.59 123.59 -58.33
C ASP A 639 -124.26 122.56 -57.44
N VAL A 640 -125.59 122.65 -57.31
CA VAL A 640 -126.34 121.73 -56.46
C VAL A 640 -126.52 120.40 -57.18
N GLN A 641 -126.40 119.31 -56.43
CA GLN A 641 -126.54 117.98 -57.01
C GLN A 641 -127.61 117.12 -56.34
N SER A 642 -128.22 117.58 -55.26
CA SER A 642 -129.34 116.90 -54.64
C SER A 642 -130.13 117.92 -53.83
N VAL A 643 -131.44 117.87 -53.87
CA VAL A 643 -132.21 118.71 -52.97
C VAL A 643 -133.16 117.76 -52.23
N GLU A 644 -132.74 116.51 -52.08
CA GLU A 644 -133.48 115.43 -51.48
C GLU A 644 -133.91 115.74 -50.08
N PRO A 645 -135.20 115.56 -49.80
CA PRO A 645 -135.72 115.80 -48.46
C PRO A 645 -135.26 114.76 -47.44
N VAL A 646 -135.19 115.19 -46.18
CA VAL A 646 -134.77 114.30 -45.12
C VAL A 646 -135.84 113.28 -44.78
N ASP A 647 -137.08 113.75 -44.60
CA ASP A 647 -138.16 112.89 -44.15
C ASP A 647 -138.63 111.97 -45.26
N GLN A 648 -138.94 110.73 -44.90
CA GLN A 648 -139.54 109.82 -45.87
C GLN A 648 -140.99 110.18 -46.15
N ARG A 649 -141.65 110.87 -45.22
CA ARG A 649 -142.99 111.39 -45.47
C ARG A 649 -142.96 112.46 -46.56
N THR A 650 -141.98 113.36 -46.50
CA THR A 650 -141.85 114.39 -47.53
C THR A 650 -141.39 113.79 -48.85
N ARG A 651 -140.63 112.70 -48.80
CA ARG A 651 -140.24 112.00 -50.02
C ARG A 651 -141.32 111.08 -50.54
N ASP A 652 -142.40 110.88 -49.78
CA ASP A 652 -143.56 110.13 -50.25
C ASP A 652 -144.67 111.03 -50.77
N ALA A 653 -144.86 112.20 -50.17
CA ALA A 653 -145.86 113.14 -50.68
C ALA A 653 -145.43 113.72 -52.02
N LEU A 654 -144.13 113.91 -52.21
CA LEU A 654 -143.63 114.31 -53.52
C LEU A 654 -143.79 113.20 -54.55
N GLN A 655 -143.66 111.95 -54.11
CA GLN A 655 -143.94 110.81 -54.99
C GLN A 655 -145.42 110.78 -55.38
N ARG A 656 -146.31 110.99 -54.41
CA ARG A 656 -147.73 110.99 -54.70
C ARG A 656 -147.98 112.05 -55.74
N SER A 657 -147.21 113.11 -55.68
CA SER A 657 -147.31 114.17 -56.66
C SER A 657 -146.89 113.74 -58.06
N VAL A 658 -146.00 112.76 -58.17
CA VAL A 658 -145.59 112.34 -59.47
C VAL A 658 -146.82 111.81 -60.18
N GLN A 659 -147.50 110.90 -59.50
CA GLN A 659 -148.66 110.25 -60.06
C GLN A 659 -149.73 111.25 -60.38
N LEU A 660 -149.95 112.20 -59.49
CA LEU A 660 -150.95 113.20 -59.79
C LEU A 660 -150.45 113.99 -60.97
N ALA A 661 -149.14 114.04 -61.21
CA ALA A 661 -148.72 114.75 -62.41
C ALA A 661 -148.78 113.85 -63.64
N ILE A 662 -148.30 112.61 -63.52
CA ILE A 662 -148.40 111.70 -64.66
C ILE A 662 -149.84 111.24 -64.86
N GLU A 663 -150.66 111.23 -63.81
CA GLU A 663 -152.08 110.90 -63.95
C GLU A 663 -152.83 111.98 -64.71
N ILE A 664 -152.59 113.25 -64.38
CA ILE A 664 -153.24 114.32 -65.16
C ILE A 664 -152.63 114.45 -66.54
N THR A 665 -151.38 114.02 -66.75
CA THR A 665 -150.81 113.99 -68.09
C THR A 665 -151.49 112.94 -68.97
N THR A 666 -151.65 111.72 -68.47
CA THR A 666 -152.34 110.71 -69.27
C THR A 666 -153.83 110.97 -69.34
N ASN A 667 -154.41 111.68 -68.37
CA ASN A 667 -155.81 112.08 -68.48
C ASN A 667 -156.00 113.15 -69.53
N SER A 668 -155.04 114.09 -69.65
CA SER A 668 -155.10 115.07 -70.72
C SER A 668 -154.90 114.43 -72.08
N GLN A 669 -154.02 113.44 -72.16
CA GLN A 669 -153.83 112.70 -73.41
C GLN A 669 -155.09 111.93 -73.82
N GLU A 670 -155.72 111.26 -72.84
CA GLU A 670 -156.94 110.51 -73.10
C GLU A 670 -158.10 111.44 -73.47
N ALA A 671 -158.18 112.60 -72.80
CA ALA A 671 -159.24 113.56 -73.12
C ALA A 671 -159.04 114.18 -74.49
N ALA A 672 -157.78 114.47 -74.87
CA ALA A 672 -157.52 115.01 -76.20
C ALA A 672 -157.80 113.98 -77.28
N ALA A 673 -157.47 112.71 -77.02
CA ALA A 673 -157.79 111.65 -77.96
C ALA A 673 -159.30 111.45 -78.08
N LYS A 674 -160.03 111.55 -76.96
CA LYS A 674 -161.48 111.42 -76.99
C LYS A 674 -162.13 112.60 -77.72
N HIS A 675 -161.60 113.81 -77.54
CA HIS A 675 -162.15 114.97 -78.23
C HIS A 675 -161.86 114.90 -79.72
N GLU A 676 -160.68 114.43 -80.11
CA GLU A 676 -160.38 114.26 -81.53
C GLU A 676 -161.22 113.16 -82.15
N ALA A 677 -161.46 112.07 -81.41
CA ALA A 677 -162.33 110.99 -81.88
C ALA A 677 -163.77 111.47 -82.01
N GLN A 678 -164.24 112.31 -81.08
CA GLN A 678 -165.58 112.86 -81.17
C GLN A 678 -165.70 113.82 -82.34
N ARG A 679 -164.66 114.62 -82.61
CA ARG A 679 -164.69 115.53 -83.75
C ARG A 679 -164.67 114.77 -85.06
N LEU A 680 -163.87 113.70 -85.16
CA LEU A 680 -163.85 112.89 -86.38
C LEU A 680 -165.16 112.13 -86.56
N GLU A 681 -165.75 111.64 -85.47
CA GLU A 681 -167.04 110.98 -85.53
C GLU A 681 -168.14 111.93 -85.96
N GLN A 682 -168.10 113.18 -85.46
CA GLN A 682 -169.08 114.19 -85.87
C GLN A 682 -168.90 114.58 -87.34
N GLU A 683 -167.66 114.69 -87.80
CA GLU A 683 -167.42 115.01 -89.20
C GLU A 683 -167.87 113.87 -90.11
N ALA A 684 -167.58 112.62 -89.73
CA ALA A 684 -168.02 111.47 -90.50
C ALA A 684 -169.53 111.33 -90.48
N ARG A 685 -170.15 111.64 -89.33
CA ARG A 685 -171.61 111.61 -89.25
C ARG A 685 -172.24 112.69 -90.10
N GLY A 686 -171.66 113.88 -90.13
CA GLY A 686 -172.19 114.94 -90.97
C GLY A 686 -172.04 114.64 -92.46
N ARG A 687 -170.91 114.03 -92.84
CA ARG A 687 -170.75 113.57 -94.22
C ARG A 687 -171.72 112.46 -94.56
N LEU A 688 -171.98 111.56 -93.60
CA LEU A 688 -172.94 110.48 -93.81
C LEU A 688 -174.36 111.00 -93.96
N GLU A 689 -174.75 112.00 -93.16
CA GLU A 689 -176.10 112.54 -93.31
C GLU A 689 -176.24 113.38 -94.57
N ARG A 690 -175.19 114.11 -94.98
CA ARG A 690 -175.23 114.82 -96.24
C ARG A 690 -175.33 113.86 -97.42
N GLN A 691 -174.58 112.75 -97.37
CA GLN A 691 -174.66 111.75 -98.41
C GLN A 691 -175.99 111.00 -98.39
N LYS A 692 -176.59 110.85 -97.20
CA LYS A 692 -177.90 110.19 -97.12
C LYS A 692 -179.00 111.10 -97.67
N ILE A 693 -178.89 112.40 -97.44
CA ILE A 693 -179.83 113.36 -98.03
C ILE A 693 -179.66 113.39 -99.54
N LEU A 694 -178.42 113.32 -100.03
CA LEU A 694 -178.20 113.27 -101.48
C LEU A 694 -178.67 111.94 -102.08
N ASP A 695 -178.53 110.84 -101.35
CA ASP A 695 -179.04 109.56 -101.84
C ASP A 695 -180.55 109.53 -101.87
N GLN A 696 -181.20 110.14 -100.87
CA GLN A 696 -182.65 110.27 -100.92
C GLN A 696 -183.09 111.25 -102.01
N SER A 697 -182.25 112.22 -102.34
CA SER A 697 -182.54 113.10 -103.46
C SER A 697 -182.47 112.35 -104.78
N GLU A 698 -181.49 111.47 -104.95
CA GLU A 698 -181.42 110.65 -106.16
C GLU A 698 -182.55 109.63 -106.21
N ALA A 699 -182.92 109.07 -105.06
CA ALA A 699 -184.06 108.15 -104.97
C ALA A 699 -185.36 108.87 -105.30
N GLU A 700 -185.50 110.13 -104.88
CA GLU A 700 -186.68 110.90 -105.25
C GLU A 700 -186.66 111.32 -106.72
N LYS A 701 -185.47 111.51 -107.28
CA LYS A 701 -185.37 111.77 -108.72
C LYS A 701 -185.80 110.56 -109.53
N ALA A 702 -185.47 109.36 -109.08
CA ALA A 702 -185.99 108.16 -109.73
C ALA A 702 -187.47 107.96 -109.43
N ARG A 703 -187.90 108.31 -108.21
CA ARG A 703 -189.28 108.13 -107.81
C ARG A 703 -190.21 109.13 -108.48
N LYS A 704 -189.68 110.23 -109.03
CA LYS A 704 -190.50 111.12 -109.83
C LYS A 704 -190.97 110.43 -111.10
N GLU A 705 -190.07 109.75 -111.80
CA GLU A 705 -190.49 109.01 -113.00
C GLU A 705 -191.25 107.74 -112.62
N LEU A 706 -190.95 107.15 -111.45
CA LEU A 706 -191.74 106.02 -110.97
C LEU A 706 -193.18 106.42 -110.67
N LEU A 707 -193.38 107.60 -110.05
CA LEU A 707 -194.72 108.08 -109.77
C LEU A 707 -195.40 108.62 -111.01
N GLU A 708 -194.63 109.10 -111.99
CA GLU A 708 -195.24 109.46 -113.28
C GLU A 708 -195.77 108.24 -114.01
N LEU A 709 -195.00 107.14 -114.03
CA LEU A 709 -195.48 105.90 -114.63
C LEU A 709 -196.60 105.28 -113.82
N GLU A 710 -196.56 105.42 -112.49
CA GLU A 710 -197.65 104.93 -111.64
C GLU A 710 -198.91 105.73 -111.87
N ALA A 711 -198.80 107.04 -112.09
CA ALA A 711 -199.96 107.85 -112.39
C ALA A 711 -200.52 107.53 -113.77
N LEU A 712 -199.65 107.23 -114.74
CA LEU A 712 -200.10 106.80 -116.06
C LEU A 712 -200.83 105.45 -115.98
N SER A 713 -200.29 104.51 -115.22
CA SER A 713 -200.95 103.21 -115.07
C SER A 713 -202.24 103.33 -114.26
N MET A 714 -202.28 104.22 -113.27
CA MET A 714 -203.50 104.43 -112.50
C MET A 714 -204.58 105.08 -113.35
N ALA A 715 -204.20 106.04 -114.20
CA ALA A 715 -205.15 106.64 -115.12
C ALA A 715 -205.67 105.63 -116.14
N VAL A 716 -204.78 104.78 -116.65
CA VAL A 716 -205.17 103.74 -117.61
C VAL A 716 -206.11 102.73 -116.96
N GLU A 717 -205.80 102.30 -115.75
CA GLU A 717 -206.65 101.35 -115.04
C GLU A 717 -208.01 101.94 -114.69
N SER A 718 -208.02 103.19 -114.20
CA SER A 718 -209.28 103.82 -113.79
C SER A 718 -210.17 104.12 -115.00
N THR A 719 -209.59 104.67 -116.08
CA THR A 719 -210.40 104.93 -117.26
C THR A 719 -210.76 103.63 -117.98
N GLY A 720 -209.97 102.56 -117.82
CA GLY A 720 -210.35 101.28 -118.41
C GLY A 720 -211.52 100.66 -117.70
N THR A 721 -211.50 100.66 -116.36
CA THR A 721 -212.63 100.11 -115.59
C THR A 721 -213.88 100.96 -115.77
N ALA A 722 -213.74 102.30 -115.73
CA ALA A 722 -214.90 103.17 -115.90
C ALA A 722 -215.45 103.09 -117.31
N LYS A 723 -214.58 103.07 -118.33
CA LYS A 723 -215.05 102.98 -119.71
C LYS A 723 -215.64 101.61 -120.01
N ALA A 724 -215.09 100.55 -119.42
CA ALA A 724 -215.67 99.22 -119.63
C ALA A 724 -217.03 99.09 -119.00
N GLU A 725 -217.20 99.58 -117.76
CA GLU A 725 -218.50 99.53 -117.11
C GLU A 725 -219.52 100.43 -117.80
N ALA A 726 -219.09 101.64 -118.20
CA ALA A 726 -220.01 102.57 -118.86
C ALA A 726 -220.37 102.08 -120.27
N GLU A 727 -219.40 101.49 -120.95
CA GLU A 727 -219.65 101.00 -122.30
C GLU A 727 -220.57 99.79 -122.27
N SER A 728 -220.38 98.88 -121.33
CA SER A 728 -221.24 97.72 -121.25
C SER A 728 -222.66 98.17 -120.95
N ARG A 729 -222.79 99.08 -120.01
CA ARG A 729 -224.07 99.62 -119.61
C ARG A 729 -224.71 100.35 -120.77
N ALA A 730 -223.92 101.09 -121.52
CA ALA A 730 -224.41 101.79 -122.69
C ALA A 730 -224.88 100.79 -123.72
N GLU A 731 -224.15 99.69 -123.88
CA GLU A 731 -224.56 98.68 -124.85
C GLU A 731 -225.83 98.00 -124.39
N ALA A 732 -225.87 97.57 -123.13
CA ALA A 732 -227.10 96.97 -122.62
C ALA A 732 -228.29 97.90 -122.78
N ALA A 733 -228.08 99.20 -122.58
CA ALA A 733 -229.16 100.18 -122.80
C ALA A 733 -229.52 100.30 -124.28
N ARG A 734 -228.55 100.20 -125.18
CA ARG A 734 -228.84 100.24 -126.61
C ARG A 734 -229.59 98.99 -127.06
N ILE A 735 -229.18 97.83 -126.55
CA ILE A 735 -229.86 96.57 -126.87
C ILE A 735 -231.28 96.59 -126.32
N GLU A 736 -231.46 97.08 -125.09
CA GLU A 736 -232.79 97.20 -124.51
C GLU A 736 -233.62 98.27 -125.21
N GLY A 737 -233.00 99.31 -125.74
CA GLY A 737 -233.74 100.32 -126.47
C GLY A 737 -234.21 99.84 -127.83
N GLU A 738 -233.37 99.11 -128.55
CA GLU A 738 -233.79 98.50 -129.82
C GLU A 738 -234.83 97.44 -129.59
N GLY A 739 -234.64 96.64 -128.52
CA GLY A 739 -235.66 95.72 -128.10
C GLY A 739 -236.96 96.41 -127.75
N SER A 740 -236.90 97.54 -127.05
CA SER A 740 -238.10 98.27 -126.67
C SER A 740 -238.79 98.90 -127.87
N VAL A 741 -238.03 99.30 -128.89
CA VAL A 741 -238.64 99.75 -130.14
C VAL A 741 -239.37 98.62 -130.83
N LEU A 742 -238.76 97.43 -130.88
CA LEU A 742 -239.42 96.27 -131.47
C LEU A 742 -240.63 95.83 -130.66
N GLN A 743 -240.52 95.86 -129.32
CA GLN A 743 -241.65 95.53 -128.46
C GLN A 743 -242.77 96.57 -128.57
N ALA A 744 -242.43 97.83 -128.78
CA ALA A 744 -243.45 98.84 -128.96
C ALA A 744 -244.14 98.69 -130.31
N LYS A 745 -243.41 98.29 -131.34
CA LYS A 745 -244.04 97.99 -132.63
C LYS A 745 -244.96 96.78 -132.52
N LEU A 746 -244.53 95.74 -131.80
CA LEU A 746 -245.37 94.57 -131.60
C LEU A 746 -246.57 94.86 -130.72
N LYS A 747 -246.41 95.72 -129.72
CA LYS A 747 -247.54 96.15 -128.91
C LYS A 747 -248.48 97.05 -129.69
N ALA A 748 -247.96 97.82 -130.65
CA ALA A 748 -248.84 98.58 -131.54
C ALA A 748 -249.64 97.67 -132.44
N GLN A 749 -249.02 96.61 -132.95
CA GLN A 749 -249.75 95.62 -133.73
C GLN A 749 -250.81 94.90 -132.90
N ALA A 750 -250.46 94.51 -131.67
CA ALA A 750 -251.40 93.81 -130.79
C ALA A 750 -252.53 94.73 -130.36
N LEU A 751 -252.23 95.99 -130.06
CA LEU A 751 -253.22 96.98 -129.69
C LEU A 751 -253.95 97.55 -130.89
N ALA A 752 -253.55 97.22 -132.11
CA ALA A 752 -254.39 97.46 -133.27
C ALA A 752 -255.37 96.32 -133.50
N ILE A 753 -254.87 95.07 -133.42
CA ILE A 753 -255.72 93.91 -133.64
C ILE A 753 -256.78 93.79 -132.54
N GLU A 754 -256.36 93.96 -131.28
CA GLU A 754 -257.27 93.86 -130.14
C GLU A 754 -258.28 95.00 -130.14
N THR A 755 -257.87 96.21 -130.49
CA THR A 755 -258.81 97.32 -130.52
C THR A 755 -259.77 97.20 -131.69
N GLU A 756 -259.30 96.57 -132.77
CA GLU A 756 -260.13 96.36 -133.94
C GLU A 756 -261.19 95.30 -133.62
N ALA A 757 -260.79 94.24 -132.94
CA ALA A 757 -261.71 93.17 -132.57
C ALA A 757 -262.54 93.64 -131.38
N GLU A 758 -261.98 94.61 -130.67
CA GLU A 758 -262.65 95.28 -129.56
C GLU A 758 -263.72 96.26 -130.01
N LEU A 759 -263.48 96.96 -131.10
CA LEU A 759 -264.44 97.94 -131.59
C LEU A 759 -265.55 97.31 -132.41
N GLN A 760 -265.24 96.28 -133.19
CA GLN A 760 -266.31 95.65 -133.98
C GLN A 760 -267.41 95.11 -133.07
N ARG A 761 -267.03 94.47 -131.96
CA ARG A 761 -268.00 93.97 -130.99
C ARG A 761 -268.75 95.11 -130.32
N VAL A 762 -268.04 96.20 -129.99
CA VAL A 762 -268.66 97.35 -129.34
C VAL A 762 -269.63 98.04 -130.29
N GLN A 763 -269.26 98.19 -131.57
CA GLN A 763 -270.12 98.80 -132.55
C GLN A 763 -271.36 97.94 -132.82
N LYS A 764 -271.19 96.62 -132.90
CA LYS A 764 -272.32 95.73 -133.13
C LYS A 764 -273.27 95.72 -131.93
N VAL A 765 -272.73 95.65 -130.71
CA VAL A 765 -273.60 95.60 -129.54
C VAL A 765 -274.20 96.98 -129.27
N ARG A 766 -273.55 98.05 -129.69
CA ARG A 766 -274.14 99.38 -129.54
C ARG A 766 -275.19 99.64 -130.58
N GLU A 767 -275.03 99.01 -131.75
CA GLU A 767 -276.02 99.17 -132.79
C GLU A 767 -277.34 98.60 -132.30
N LEU A 768 -277.31 97.36 -131.81
CA LEU A 768 -278.54 96.75 -131.32
C LEU A 768 -279.06 97.54 -130.13
N GLU A 769 -278.16 97.91 -129.22
CA GLU A 769 -278.52 98.65 -128.03
C GLU A 769 -279.22 99.91 -128.44
N LEU A 770 -278.94 100.35 -129.65
CA LEU A 770 -279.64 101.50 -130.19
C LEU A 770 -280.97 101.10 -130.82
N VAL A 771 -281.00 99.98 -131.55
CA VAL A 771 -282.28 99.57 -132.16
C VAL A 771 -283.24 99.04 -131.09
N TYR A 772 -282.71 98.38 -130.05
CA TYR A 772 -283.58 97.98 -128.94
C TYR A 772 -284.06 99.16 -128.13
N ALA A 773 -283.24 100.20 -127.99
CA ALA A 773 -283.67 101.41 -127.30
C ALA A 773 -284.69 102.19 -128.12
N ARG A 774 -284.57 102.16 -129.45
CA ARG A 774 -285.59 102.77 -130.29
C ARG A 774 -286.91 102.01 -130.21
N ALA A 775 -286.86 100.68 -130.19
CA ALA A 775 -288.06 99.87 -130.02
C ALA A 775 -288.69 100.09 -128.65
N GLN A 776 -287.87 100.15 -127.59
CA GLN A 776 -288.40 100.40 -126.25
C GLN A 776 -288.92 101.83 -126.12
N LEU A 777 -288.31 102.79 -126.82
CA LEU A 777 -288.79 104.16 -126.80
C LEU A 777 -290.13 104.29 -127.51
N GLU A 778 -290.30 103.63 -128.65
CA GLU A 778 -291.59 103.70 -129.34
C GLU A 778 -292.66 102.92 -128.58
N LEU A 779 -292.29 101.83 -127.89
CA LEU A 779 -293.25 101.12 -127.06
C LEU A 779 -293.64 101.95 -125.84
N GLU A 780 -292.67 102.61 -125.20
CA GLU A 780 -292.95 103.44 -124.05
C GLU A 780 -293.79 104.66 -124.41
N VAL A 781 -293.50 105.28 -125.56
CA VAL A 781 -294.29 106.42 -125.97
C VAL A 781 -295.66 105.99 -126.51
N SER A 782 -295.80 104.76 -127.00
CA SER A 782 -297.13 104.26 -127.37
C SER A 782 -297.96 103.99 -126.13
N LYS A 783 -297.35 103.42 -125.08
CA LYS A 783 -298.05 103.23 -123.81
C LYS A 783 -298.41 104.55 -123.17
N ALA A 784 -297.52 105.54 -123.26
CA ALA A 784 -297.80 106.86 -122.73
C ALA A 784 -298.92 107.55 -123.50
N GLN A 785 -298.92 107.41 -124.82
CA GLN A 785 -299.99 107.98 -125.64
C GLN A 785 -301.34 107.33 -125.34
N GLN A 786 -301.36 106.01 -125.18
CA GLN A 786 -302.62 105.31 -124.89
C GLN A 786 -303.13 105.64 -123.49
N LEU A 787 -302.23 105.70 -122.50
CA LEU A 787 -302.66 106.02 -121.14
C LEU A 787 -303.09 107.48 -121.02
N ALA A 788 -302.40 108.39 -121.72
CA ALA A 788 -302.83 109.78 -121.74
C ALA A 788 -304.13 109.95 -122.49
N GLU A 789 -304.36 109.14 -123.54
CA GLU A 789 -305.61 109.21 -124.27
C GLU A 789 -306.79 108.73 -123.43
N VAL A 790 -306.62 107.63 -122.71
CA VAL A 790 -307.73 107.16 -121.86
C VAL A 790 -307.91 108.06 -120.65
N GLU A 791 -306.84 108.69 -120.15
CA GLU A 791 -306.98 109.64 -119.05
C GLU A 791 -307.70 110.91 -119.50
N VAL A 792 -307.37 111.42 -120.70
CA VAL A 792 -308.04 112.59 -121.25
C VAL A 792 -309.49 112.28 -121.57
N LYS A 793 -309.76 111.08 -122.08
CA LYS A 793 -311.14 110.67 -122.37
C LYS A 793 -311.96 110.52 -121.09
N LYS A 794 -311.37 109.94 -120.04
CA LYS A 794 -312.08 109.83 -118.77
C LYS A 794 -312.33 111.18 -118.14
N PHE A 795 -311.34 112.09 -118.21
CA PHE A 795 -311.51 113.43 -117.66
C PHE A 795 -312.56 114.22 -118.43
N LYS A 796 -312.57 114.09 -119.76
CA LYS A 796 -313.56 114.80 -120.57
C LYS A 796 -314.97 114.25 -120.34
N GLN A 797 -315.10 112.92 -120.20
CA GLN A 797 -316.40 112.33 -119.92
C GLN A 797 -316.90 112.72 -118.54
N MET A 798 -316.02 112.74 -117.54
CA MET A 798 -316.42 113.15 -116.20
C MET A 798 -316.75 114.64 -116.15
N THR A 799 -316.04 115.46 -116.94
CA THR A 799 -316.33 116.88 -117.00
C THR A 799 -317.67 117.15 -117.68
N GLU A 800 -317.94 116.50 -118.80
CA GLU A 800 -319.21 116.69 -119.48
C GLU A 800 -320.38 116.01 -118.77
N ALA A 801 -320.12 115.06 -117.88
CA ALA A 801 -321.18 114.48 -117.08
C ALA A 801 -321.49 115.36 -115.86
N ILE A 802 -320.45 115.84 -115.18
CA ILE A 802 -320.64 116.73 -114.04
C ILE A 802 -321.13 118.09 -114.52
N GLY A 803 -320.50 118.63 -115.56
CA GLY A 803 -320.81 119.95 -116.04
C GLY A 803 -319.68 120.91 -115.77
N PRO A 804 -319.31 121.72 -116.77
CA PRO A 804 -318.26 122.72 -116.54
C PRO A 804 -318.68 123.83 -115.60
N SER A 805 -319.91 124.32 -115.71
CA SER A 805 -320.41 125.33 -114.78
C SER A 805 -320.59 124.76 -113.38
N THR A 806 -320.97 123.48 -113.29
CA THR A 806 -321.07 122.81 -112.00
C THR A 806 -319.70 122.67 -111.34
N ILE A 807 -318.67 122.33 -112.11
CA ILE A 807 -317.33 122.24 -111.52
C ILE A 807 -316.73 123.62 -111.25
N ARG A 808 -317.20 124.68 -111.92
CA ARG A 808 -316.80 126.03 -111.54
C ARG A 808 -317.46 126.44 -110.24
N ASP A 809 -318.68 125.97 -110.00
CA ASP A 809 -319.39 126.30 -108.79
C ASP A 809 -318.86 125.48 -107.61
N LEU A 810 -318.39 124.28 -107.92
CA LEU A 810 -317.83 123.37 -106.93
C LEU A 810 -316.40 123.77 -106.56
N ALA A 811 -315.64 124.30 -107.52
CA ALA A 811 -314.28 124.73 -107.24
C ALA A 811 -314.25 126.06 -106.51
N VAL A 812 -315.34 126.80 -106.68
CA VAL A 812 -315.56 128.11 -106.09
C VAL A 812 -316.51 128.03 -104.89
N ALA A 813 -316.39 126.94 -104.13
CA ALA A 813 -317.21 126.73 -102.95
C ALA A 813 -316.93 127.80 -101.91
N GLU B 5 22.81 10.23 -9.21
CA GLU B 5 23.73 9.52 -10.10
C GLU B 5 24.54 10.51 -10.93
N PHE B 6 23.96 11.68 -11.18
CA PHE B 6 24.63 12.69 -11.99
C PHE B 6 25.79 13.34 -11.24
N ILE B 7 25.67 13.49 -9.94
CA ILE B 7 26.69 14.13 -9.11
C ILE B 7 27.29 13.07 -8.19
N ILE B 8 28.61 12.98 -8.19
CA ILE B 8 29.34 12.01 -7.37
C ILE B 8 30.42 12.74 -6.60
N ARG B 9 30.55 12.41 -5.31
CA ARG B 9 31.60 12.94 -4.46
C ARG B 9 32.55 11.83 -4.07
N ILE B 10 33.84 12.15 -4.03
CA ILE B 10 34.90 11.18 -3.83
C ILE B 10 35.48 11.39 -2.43
N PRO B 11 35.54 10.36 -1.60
CA PRO B 11 36.12 10.51 -0.24
C PRO B 11 37.62 10.71 -0.29
N PRO B 12 38.28 11.04 0.86
CA PRO B 12 39.74 11.10 0.90
C PRO B 12 40.46 9.84 0.43
N TYR B 13 41.24 10.02 -0.64
CA TYR B 13 42.03 8.98 -1.31
C TYR B 13 41.16 7.82 -1.80
N HIS B 14 40.26 8.14 -2.73
CA HIS B 14 39.46 7.18 -3.46
C HIS B 14 39.53 7.51 -4.94
N TYR B 15 38.87 6.69 -5.77
CA TYR B 15 38.74 6.99 -7.18
C TYR B 15 37.36 6.56 -7.69
N ILE B 16 37.13 6.82 -8.97
CA ILE B 16 35.90 6.39 -9.65
C ILE B 16 36.23 6.14 -11.11
N HIS B 17 35.48 5.22 -11.72
CA HIS B 17 35.59 4.91 -13.13
C HIS B 17 34.40 5.49 -13.87
N VAL B 18 34.67 6.30 -14.89
CA VAL B 18 33.63 6.87 -15.75
C VAL B 18 33.82 6.29 -17.14
N LEU B 19 32.72 5.95 -17.79
CA LEU B 19 32.75 5.32 -19.11
C LEU B 19 32.12 6.30 -20.10
N ASP B 20 32.95 6.95 -20.91
CA ASP B 20 32.48 7.88 -21.92
C ASP B 20 31.85 7.07 -23.04
N GLN B 21 30.53 6.94 -23.01
CA GLN B 21 29.83 6.00 -23.89
C GLN B 21 29.80 6.45 -25.34
N ASN B 22 30.11 7.71 -25.63
CA ASN B 22 30.20 8.15 -27.02
C ASN B 22 31.39 7.53 -27.72
N SER B 23 32.54 7.49 -27.06
CA SER B 23 33.72 6.82 -27.57
C SER B 23 33.84 5.38 -27.09
N ASN B 24 32.95 4.95 -26.19
CA ASN B 24 33.01 3.67 -25.49
C ASN B 24 34.36 3.44 -24.82
N VAL B 25 34.87 4.49 -24.18
CA VAL B 25 36.19 4.49 -23.56
C VAL B 25 36.00 4.74 -22.07
N SER B 26 36.55 3.85 -21.24
CA SER B 26 36.47 3.97 -19.79
C SER B 26 37.67 4.75 -19.28
N ARG B 27 37.40 5.77 -18.47
CA ARG B 27 38.43 6.61 -17.88
C ARG B 27 38.38 6.48 -16.37
N VAL B 28 39.33 7.13 -15.69
CA VAL B 28 39.40 7.13 -14.25
C VAL B 28 39.43 8.58 -13.77
N GLU B 29 38.98 8.80 -12.55
CA GLU B 29 38.99 10.12 -11.93
C GLU B 29 39.49 9.97 -10.49
N VAL B 30 40.62 10.60 -10.19
CA VAL B 30 41.31 10.40 -8.93
C VAL B 30 41.26 11.69 -8.11
N GLY B 31 41.63 11.58 -6.85
CA GLY B 31 41.68 12.71 -5.95
C GLY B 31 40.36 12.92 -5.23
N PRO B 32 40.42 13.37 -3.97
CA PRO B 32 39.19 13.61 -3.19
C PRO B 32 38.49 14.90 -3.63
N LYS B 33 37.90 14.86 -4.81
CA LYS B 33 37.21 16.00 -5.40
C LYS B 33 35.85 15.56 -5.92
N THR B 34 34.86 16.43 -5.81
CA THR B 34 33.55 16.13 -6.35
C THR B 34 33.59 16.15 -7.87
N TYR B 35 32.89 15.21 -8.49
CA TYR B 35 32.90 15.04 -9.93
C TYR B 35 31.48 15.18 -10.47
N ILE B 36 31.36 15.84 -11.62
CA ILE B 36 30.08 16.06 -12.28
C ILE B 36 30.10 15.26 -13.58
N ARG B 37 29.50 14.08 -13.56
CA ARG B 37 29.44 13.26 -14.76
C ARG B 37 28.40 13.81 -15.72
N GLN B 38 28.57 13.49 -17.00
CA GLN B 38 27.69 13.96 -18.03
C GLN B 38 26.57 12.94 -18.26
N ASP B 39 25.76 13.15 -19.29
CA ASP B 39 24.68 12.23 -19.54
C ASP B 39 25.16 10.95 -20.21
N ASN B 40 26.14 11.08 -21.09
CA ASN B 40 26.68 9.89 -21.75
C ASN B 40 27.53 9.07 -20.81
N GLU B 41 28.25 9.72 -19.90
CA GLU B 41 29.12 9.01 -18.97
C GLU B 41 28.30 8.28 -17.91
N ARG B 42 28.69 7.03 -17.64
CA ARG B 42 27.98 6.18 -16.69
C ARG B 42 28.95 5.73 -15.60
N VAL B 43 28.43 5.62 -14.38
CA VAL B 43 29.21 5.23 -13.22
C VAL B 43 29.02 3.73 -13.03
N LEU B 44 30.14 2.98 -13.00
CA LEU B 44 30.06 1.53 -12.98
C LEU B 44 29.74 0.99 -11.58
N PHE B 45 30.42 1.48 -10.55
CA PHE B 45 30.19 1.00 -9.20
C PHE B 45 30.48 2.13 -8.22
N ALA B 46 30.41 1.80 -6.93
CA ALA B 46 30.64 2.78 -5.87
C ALA B 46 32.11 3.18 -5.84
N PRO B 47 32.42 4.42 -5.41
CA PRO B 47 33.79 4.96 -5.33
C PRO B 47 34.80 3.98 -4.75
N MET B 48 35.80 3.63 -5.55
CA MET B 48 36.83 2.68 -5.16
C MET B 48 38.02 3.40 -4.54
N ARG B 49 38.64 2.77 -3.55
CA ARG B 49 39.78 3.33 -2.85
C ARG B 49 41.07 3.13 -3.63
N MET B 50 41.89 4.17 -3.73
CA MET B 50 43.14 4.06 -4.47
C MET B 50 43.90 3.09 -3.59
N VAL B 51 44.06 1.85 -4.06
CA VAL B 51 44.72 0.82 -3.26
C VAL B 51 46.10 1.25 -2.84
N THR B 52 46.39 1.10 -1.56
CA THR B 52 47.69 1.49 -1.02
C THR B 52 48.44 0.30 -0.54
N VAL B 53 49.74 0.48 -0.36
CA VAL B 53 50.58 -0.61 0.12
C VAL B 53 51.46 -0.08 1.24
N PRO B 54 51.48 -0.72 2.40
CA PRO B 54 52.40 -0.28 3.47
C PRO B 54 53.82 -0.68 3.15
N PRO B 55 54.81 -0.16 3.88
CA PRO B 55 56.18 -0.67 3.71
C PRO B 55 56.29 -2.13 4.09
N ARG B 56 57.25 -2.81 3.44
CA ARG B 56 57.42 -4.27 3.47
C ARG B 56 56.14 -4.98 3.03
N HIS B 57 55.52 -4.47 1.96
CA HIS B 57 54.37 -5.09 1.33
C HIS B 57 54.43 -4.82 -0.16
N TYR B 58 53.63 -5.57 -0.91
CA TYR B 58 53.58 -5.43 -2.35
C TYR B 58 52.26 -5.96 -2.85
N CYS B 59 52.00 -5.78 -4.15
CA CYS B 59 50.80 -6.28 -4.79
C CYS B 59 51.06 -6.44 -6.28
N THR B 60 50.29 -7.34 -6.90
CA THR B 60 50.41 -7.63 -8.33
C THR B 60 49.10 -7.24 -9.01
N VAL B 61 49.21 -6.38 -10.03
CA VAL B 61 48.04 -5.88 -10.76
C VAL B 61 48.11 -6.44 -12.18
N ALA B 62 47.02 -7.08 -12.61
CA ALA B 62 46.98 -7.65 -13.95
C ALA B 62 46.79 -6.55 -14.99
N ASN B 63 47.45 -6.72 -16.14
CA ASN B 63 47.48 -5.81 -17.29
C ASN B 63 47.91 -4.42 -16.88
N PRO B 64 49.17 -4.20 -16.51
CA PRO B 64 49.59 -2.92 -15.97
C PRO B 64 49.70 -1.85 -17.05
N VAL B 65 49.72 -0.60 -16.58
CA VAL B 65 49.72 0.55 -17.48
C VAL B 65 51.11 0.74 -18.07
N SER B 66 51.17 0.84 -19.40
CA SER B 66 52.41 1.18 -20.07
C SER B 66 52.80 2.61 -19.77
N ARG B 67 54.09 2.83 -19.50
CA ARG B 67 54.58 4.15 -19.11
C ARG B 67 55.85 4.46 -19.89
N ASP B 68 56.20 5.74 -19.92
CA ASP B 68 57.36 6.22 -20.65
C ASP B 68 58.58 6.17 -19.74
N ALA B 69 59.68 6.79 -20.18
CA ALA B 69 60.86 6.86 -19.33
C ALA B 69 60.66 7.83 -18.18
N GLN B 70 59.81 8.85 -18.35
CA GLN B 70 59.55 9.79 -17.26
C GLN B 70 58.63 9.18 -16.20
N GLY B 71 57.83 8.19 -16.58
CA GLY B 71 56.90 7.57 -15.66
C GLY B 71 55.46 8.02 -15.79
N LEU B 72 55.16 8.88 -16.76
CA LEU B 72 53.78 9.32 -16.96
C LEU B 72 52.94 8.23 -17.59
N VAL B 73 51.63 8.31 -17.36
CA VAL B 73 50.71 7.29 -17.87
C VAL B 73 50.48 7.54 -19.35
N LEU B 74 50.71 6.51 -20.16
CA LEU B 74 50.54 6.62 -21.60
C LEU B 74 49.07 6.44 -21.96
N PHE B 75 48.61 7.26 -22.90
CA PHE B 75 47.23 7.24 -23.34
C PHE B 75 47.17 6.98 -24.84
N ASP B 76 46.14 6.25 -25.27
CA ASP B 76 45.99 5.90 -26.66
C ASP B 76 45.35 7.04 -27.45
N VAL B 77 45.13 6.82 -28.75
CA VAL B 77 44.51 7.81 -29.60
C VAL B 77 43.03 7.99 -29.23
N THR B 78 42.36 6.89 -28.89
CA THR B 78 40.95 6.93 -28.56
C THR B 78 40.67 7.41 -27.14
N GLY B 79 41.70 7.63 -26.34
CA GLY B 79 41.53 8.02 -24.95
C GLY B 79 41.64 6.88 -23.96
N GLN B 80 41.67 5.64 -24.43
CA GLN B 80 41.86 4.50 -23.55
C GLN B 80 43.27 4.48 -23.00
N VAL B 81 43.41 3.95 -21.78
CA VAL B 81 44.72 3.87 -21.15
C VAL B 81 45.54 2.78 -21.82
N ARG B 82 46.84 3.05 -22.01
CA ARG B 82 47.72 2.06 -22.61
C ARG B 82 48.01 0.95 -21.61
N LEU B 83 47.74 -0.29 -22.00
CA LEU B 83 47.96 -1.38 -21.05
C LEU B 83 48.71 -2.56 -21.63
N ARG B 84 49.76 -2.96 -20.92
CA ARG B 84 50.53 -4.14 -21.31
C ARG B 84 49.63 -5.30 -20.90
N HIS B 85 49.03 -5.97 -21.88
CA HIS B 85 48.12 -7.07 -21.60
C HIS B 85 48.75 -8.32 -20.99
N ALA B 86 48.05 -8.88 -20.01
CA ALA B 86 48.47 -10.10 -19.33
C ALA B 86 49.91 -10.05 -18.81
N ASP B 87 50.31 -8.90 -18.26
CA ASP B 87 51.65 -8.73 -17.72
C ASP B 87 51.49 -8.33 -16.27
N LEU B 88 52.26 -8.94 -15.39
CA LEU B 88 52.17 -8.61 -13.99
C LEU B 88 53.36 -7.79 -13.50
N GLU B 89 53.06 -6.64 -12.94
CA GLU B 89 54.06 -5.76 -12.35
C GLU B 89 53.95 -5.81 -10.85
N ILE B 90 55.09 -5.75 -10.18
CA ILE B 90 55.16 -5.73 -8.72
C ILE B 90 55.34 -4.27 -8.32
N ARG B 91 54.44 -3.78 -7.47
CA ARG B 91 54.47 -2.39 -7.05
C ARG B 91 54.83 -2.35 -5.56
N LEU B 92 55.95 -1.71 -5.25
CA LEU B 92 56.46 -1.65 -3.89
C LEU B 92 55.80 -0.50 -3.13
N ALA B 93 56.35 -0.16 -1.97
CA ALA B 93 55.76 0.85 -1.09
C ALA B 93 55.88 2.22 -1.70
N GLN B 94 54.74 2.85 -1.96
CA GLN B 94 54.67 4.16 -2.61
C GLN B 94 53.34 4.80 -2.25
N ASP B 95 52.97 5.83 -3.00
CA ASP B 95 51.71 6.54 -2.81
C ASP B 95 50.53 5.63 -3.17
N PRO B 96 49.32 5.94 -2.67
CA PRO B 96 48.15 5.15 -3.05
C PRO B 96 47.75 5.35 -4.51
N PHE B 97 48.40 4.57 -5.38
CA PHE B 97 48.20 4.67 -6.82
C PHE B 97 46.75 4.29 -7.19
N PRO B 98 46.23 4.82 -8.29
CA PRO B 98 44.92 4.36 -8.78
C PRO B 98 45.05 3.17 -9.71
N LEU B 99 43.91 2.52 -9.95
CA LEU B 99 43.80 1.42 -10.90
C LEU B 99 43.08 1.91 -12.13
N TYR B 100 43.83 2.10 -13.21
CA TYR B 100 43.26 2.47 -14.49
C TYR B 100 42.43 1.31 -15.05
N PRO B 101 41.34 1.58 -15.77
CA PRO B 101 40.37 0.51 -16.05
C PRO B 101 40.89 -0.50 -17.07
N GLY B 102 40.40 -1.73 -16.93
CA GLY B 102 41.00 -2.87 -17.60
C GLY B 102 42.01 -3.62 -16.76
N GLU B 103 42.05 -3.36 -15.46
CA GLU B 103 43.00 -3.98 -14.55
C GLU B 103 42.28 -4.81 -13.49
N VAL B 104 42.88 -5.94 -13.14
CA VAL B 104 42.37 -6.82 -12.09
C VAL B 104 43.43 -6.91 -11.00
N LEU B 105 43.02 -6.68 -9.76
CA LEU B 105 43.91 -6.84 -8.61
C LEU B 105 43.92 -8.31 -8.24
N GLU B 106 45.02 -8.97 -8.62
CA GLU B 106 45.27 -10.37 -8.36
C GLU B 106 45.70 -10.53 -6.91
N LYS B 107 46.86 -10.00 -6.56
CA LYS B 107 47.37 -10.06 -5.20
C LYS B 107 47.07 -8.74 -4.51
N ASP B 108 45.93 -8.66 -3.84
CA ASP B 108 45.52 -7.41 -3.22
C ASP B 108 46.49 -6.92 -2.16
N ILE B 109 46.91 -7.80 -1.27
CA ILE B 109 47.88 -7.40 -0.26
C ILE B 109 48.66 -8.63 0.17
N THR B 110 49.96 -8.44 0.40
CA THR B 110 50.84 -9.53 0.78
C THR B 110 52.15 -8.92 1.24
N PRO B 111 52.69 -9.37 2.38
CA PRO B 111 53.97 -8.82 2.85
C PRO B 111 55.12 -9.15 1.91
N LEU B 112 56.11 -8.25 1.90
CA LEU B 112 57.33 -8.47 1.14
C LEU B 112 58.06 -9.67 1.72
N GLN B 113 58.52 -10.56 0.83
CA GLN B 113 59.05 -11.85 1.26
C GLN B 113 60.46 -11.66 1.84
N VAL B 114 60.59 -11.90 3.14
CA VAL B 114 61.87 -11.90 3.81
C VAL B 114 62.15 -13.32 4.30
N VAL B 115 63.37 -13.75 4.12
CA VAL B 115 63.67 -15.09 4.47
C VAL B 115 64.44 -15.18 5.78
N LEU B 116 64.30 -16.31 6.48
CA LEU B 116 64.86 -16.51 7.81
C LEU B 116 66.37 -16.67 7.74
N PRO B 117 67.08 -16.50 8.87
CA PRO B 117 68.50 -16.85 8.89
C PRO B 117 68.80 -18.32 8.60
N ASN B 118 69.82 -18.50 7.73
CA ASN B 118 70.17 -19.78 7.11
C ASN B 118 68.96 -20.44 6.45
N THR B 119 68.20 -19.68 5.66
CA THR B 119 67.07 -20.20 4.92
C THR B 119 67.03 -19.51 3.57
N ALA B 120 67.04 -20.30 2.51
CA ALA B 120 67.06 -19.76 1.15
C ALA B 120 65.70 -19.90 0.50
N LEU B 121 65.59 -19.32 -0.69
CA LEU B 121 64.35 -19.30 -1.45
C LEU B 121 64.60 -19.99 -2.78
N HIS B 122 63.97 -21.15 -2.97
CA HIS B 122 64.07 -21.88 -4.24
C HIS B 122 63.03 -21.30 -5.17
N LEU B 123 63.44 -20.34 -6.00
CA LEU B 123 62.52 -19.65 -6.90
C LEU B 123 62.93 -19.94 -8.34
N LYS B 124 61.99 -20.36 -9.16
CA LYS B 124 62.24 -20.73 -10.54
C LYS B 124 61.71 -19.66 -11.48
N ALA B 125 62.55 -19.24 -12.42
CA ALA B 125 62.15 -18.24 -13.40
C ALA B 125 61.19 -18.86 -14.40
N LEU B 126 60.00 -18.27 -14.53
CA LEU B 126 59.02 -18.82 -15.47
C LEU B 126 59.36 -18.46 -16.91
N LEU B 127 59.87 -17.25 -17.15
CA LEU B 127 60.14 -16.79 -18.50
C LEU B 127 61.42 -15.97 -18.52
N ASP B 128 61.85 -15.61 -19.72
CA ASP B 128 63.14 -14.94 -19.92
C ASP B 128 63.14 -13.52 -19.38
N PHE B 129 64.24 -13.14 -18.74
CA PHE B 129 64.37 -11.81 -18.15
C PHE B 129 65.84 -11.46 -18.10
N GLU B 130 66.11 -10.17 -17.86
CA GLU B 130 67.46 -9.66 -17.66
C GLU B 130 67.60 -9.21 -16.20
N ASP B 131 68.65 -9.67 -15.53
CA ASP B 131 68.76 -9.48 -14.09
C ASP B 131 69.47 -8.17 -13.76
N LYS B 132 69.71 -7.93 -12.46
CA LYS B 132 70.40 -6.73 -12.03
C LYS B 132 71.91 -6.83 -12.29
N ASP B 133 72.47 -8.04 -12.25
CA ASP B 133 73.91 -8.19 -12.44
C ASP B 133 74.32 -7.97 -13.88
N GLY B 134 73.50 -8.41 -14.84
CA GLY B 134 73.82 -8.21 -16.24
C GLY B 134 73.92 -9.48 -17.04
N ASP B 135 73.24 -10.54 -16.59
CA ASP B 135 73.28 -11.84 -17.25
C ASP B 135 71.87 -12.23 -17.68
N LYS B 136 71.74 -12.65 -18.93
CA LYS B 136 70.44 -13.10 -19.43
C LYS B 136 70.08 -14.44 -18.79
N VAL B 137 68.83 -14.56 -18.35
CA VAL B 137 68.35 -15.72 -17.62
C VAL B 137 67.40 -16.50 -18.52
N VAL B 138 67.72 -17.77 -18.76
CA VAL B 138 66.86 -18.63 -19.56
C VAL B 138 65.61 -18.98 -18.76
N ALA B 139 64.53 -19.31 -19.48
CA ALA B 139 63.27 -19.66 -18.88
C ALA B 139 63.28 -20.99 -18.13
N GLY B 140 64.32 -21.80 -18.30
CA GLY B 140 64.50 -23.01 -17.53
C GLY B 140 65.49 -22.92 -16.39
N ASP B 141 65.96 -21.72 -16.06
CA ASP B 141 66.97 -21.55 -15.02
C ASP B 141 66.35 -21.68 -13.64
N GLU B 142 67.22 -21.91 -12.65
CA GLU B 142 66.84 -22.02 -11.25
C GLU B 142 67.68 -21.07 -10.42
N TRP B 143 67.04 -20.42 -9.46
CA TRP B 143 67.69 -19.42 -8.62
C TRP B 143 67.69 -19.89 -7.17
N LEU B 144 68.80 -19.64 -6.48
CA LEU B 144 68.93 -19.90 -5.05
C LEU B 144 69.30 -18.59 -4.38
N PHE B 145 68.47 -18.16 -3.43
CA PHE B 145 68.59 -16.85 -2.80
C PHE B 145 69.14 -17.01 -1.39
N GLU B 146 70.46 -17.03 -1.27
CA GLU B 146 71.09 -17.19 0.01
C GLU B 146 71.06 -15.85 0.72
N GLY B 147 70.50 -15.85 1.92
CA GLY B 147 70.42 -14.64 2.70
C GLY B 147 69.06 -14.45 3.34
N PRO B 148 69.02 -13.70 4.43
CA PRO B 148 67.81 -13.38 5.17
C PRO B 148 67.27 -12.01 4.75
N GLY B 149 67.95 -11.37 3.80
CA GLY B 149 67.54 -10.07 3.31
C GLY B 149 66.23 -10.15 2.57
N THR B 150 65.42 -9.10 2.67
CA THR B 150 64.13 -9.07 1.98
C THR B 150 64.30 -9.32 0.49
N TYR B 151 63.41 -10.15 -0.03
CA TYR B 151 63.40 -10.53 -1.44
C TYR B 151 62.29 -9.77 -2.14
N ILE B 152 62.66 -8.99 -3.15
CA ILE B 152 61.70 -8.23 -3.94
C ILE B 152 61.15 -9.14 -5.03
N PRO B 153 59.86 -9.42 -5.06
CA PRO B 153 59.32 -10.32 -6.08
C PRO B 153 59.33 -9.70 -7.46
N ARG B 154 59.40 -10.56 -8.47
CA ARG B 154 59.37 -10.15 -9.86
C ARG B 154 58.25 -10.90 -10.58
N LYS B 155 57.83 -10.33 -11.71
CA LYS B 155 56.78 -10.95 -12.52
C LYS B 155 57.28 -12.25 -13.14
N GLU B 156 58.53 -12.26 -13.58
CA GLU B 156 59.12 -13.45 -14.19
C GLU B 156 59.25 -14.63 -13.22
N VAL B 157 60.06 -14.44 -12.17
CA VAL B 157 60.33 -15.50 -11.19
C VAL B 157 59.23 -15.71 -10.14
N GLU B 158 58.96 -16.98 -9.88
CA GLU B 158 57.96 -17.41 -8.89
C GLU B 158 58.64 -18.29 -7.87
N VAL B 159 58.29 -18.08 -6.60
CA VAL B 159 58.88 -18.82 -5.48
C VAL B 159 58.20 -20.18 -5.39
N VAL B 160 59.01 -21.24 -5.47
CA VAL B 160 58.50 -22.60 -5.46
C VAL B 160 58.43 -23.13 -4.05
N GLU B 161 59.56 -23.09 -3.33
CA GLU B 161 59.64 -23.66 -2.00
C GLU B 161 60.74 -22.95 -1.21
N ILE B 162 60.71 -23.16 0.11
CA ILE B 162 61.73 -22.64 1.02
C ILE B 162 62.76 -23.74 1.26
N ILE B 163 64.03 -23.38 1.16
CA ILE B 163 65.12 -24.31 1.39
C ILE B 163 65.66 -24.05 2.80
N GLN B 164 65.29 -24.91 3.73
CA GLN B 164 65.84 -24.82 5.08
C GLN B 164 67.19 -25.51 5.13
N ALA B 165 68.15 -24.87 5.78
CA ALA B 165 69.49 -25.43 5.89
C ALA B 165 69.51 -26.59 6.88
N THR B 166 70.13 -27.69 6.48
CA THR B 166 70.37 -28.82 7.36
C THR B 166 71.78 -28.68 7.93
N ILE B 167 71.88 -28.72 9.26
CA ILE B 167 73.11 -28.37 9.95
C ILE B 167 74.08 -29.55 9.91
N ILE B 168 75.31 -29.28 9.50
CA ILE B 168 76.40 -30.26 9.57
C ILE B 168 77.23 -29.92 10.79
N ARG B 169 77.18 -30.78 11.81
CA ARG B 169 77.99 -30.58 12.99
C ARG B 169 79.37 -31.21 12.77
N GLN B 170 80.22 -31.12 13.80
CA GLN B 170 81.55 -31.71 13.70
C GLN B 170 81.44 -33.23 13.76
N ASN B 171 82.35 -33.88 13.02
CA ASN B 171 82.32 -35.33 12.76
C ASN B 171 80.97 -35.77 12.20
N GLN B 172 80.54 -35.08 11.14
CA GLN B 172 79.31 -35.42 10.45
C GLN B 172 79.42 -34.95 9.01
N ALA B 173 78.56 -35.52 8.16
CA ALA B 173 78.56 -35.17 6.75
C ALA B 173 77.14 -35.26 6.22
N LEU B 174 76.92 -34.66 5.07
CA LEU B 174 75.60 -34.57 4.45
C LEU B 174 75.60 -35.37 3.17
N ARG B 175 74.68 -36.33 3.05
CA ARG B 175 74.55 -37.16 1.86
C ARG B 175 73.48 -36.54 0.98
N LEU B 176 73.88 -35.93 -0.12
CA LEU B 176 72.96 -35.22 -0.99
C LEU B 176 73.20 -35.60 -2.43
N ARG B 177 72.11 -35.67 -3.21
CA ARG B 177 72.12 -36.19 -4.56
C ARG B 177 71.74 -35.10 -5.54
N ALA B 178 72.50 -34.97 -6.62
CA ALA B 178 72.21 -33.98 -7.65
C ALA B 178 71.03 -34.44 -8.50
N ARG B 179 70.02 -33.57 -8.65
CA ARG B 179 68.92 -33.88 -9.54
C ARG B 179 69.28 -33.59 -11.00
N LYS B 180 70.18 -32.64 -11.24
CA LYS B 180 70.64 -32.30 -12.57
C LYS B 180 72.16 -32.23 -12.57
N GLU B 181 72.73 -32.23 -13.78
CA GLU B 181 74.16 -32.05 -13.93
C GLU B 181 74.55 -30.63 -13.53
N CYS B 182 75.57 -30.50 -12.69
CA CYS B 182 75.85 -29.22 -12.06
C CYS B 182 77.30 -29.19 -11.59
N TRP B 183 77.64 -28.10 -10.89
CA TRP B 183 78.93 -27.92 -10.26
C TRP B 183 78.68 -27.63 -8.79
N ASP B 184 79.38 -28.34 -7.91
CA ASP B 184 79.12 -28.24 -6.47
C ASP B 184 79.91 -27.08 -5.88
N ARG B 185 79.93 -27.00 -4.55
CA ARG B 185 80.73 -25.99 -3.86
C ARG B 185 82.23 -26.26 -4.01
N ASP B 186 82.61 -27.54 -4.09
CA ASP B 186 84.01 -27.89 -4.30
C ASP B 186 84.46 -27.57 -5.72
N GLY B 187 83.53 -27.60 -6.67
CA GLY B 187 83.85 -27.30 -8.06
C GLY B 187 84.03 -28.49 -8.97
N LYS B 188 83.75 -29.70 -8.49
CA LYS B 188 83.89 -30.89 -9.32
C LYS B 188 82.61 -31.19 -10.06
N GLU B 189 82.75 -31.87 -11.20
CA GLU B 189 81.60 -32.18 -12.04
C GLU B 189 80.74 -33.26 -11.40
N ARG B 190 79.43 -33.05 -11.39
CA ARG B 190 78.47 -34.02 -10.86
C ARG B 190 77.47 -34.37 -11.94
N VAL B 191 77.35 -35.66 -12.26
CA VAL B 191 76.38 -36.14 -13.22
C VAL B 191 75.04 -36.30 -12.53
N THR B 192 73.99 -36.54 -13.29
CA THR B 192 72.64 -36.70 -12.76
C THR B 192 72.53 -37.96 -11.92
N GLY B 193 72.02 -37.82 -10.70
CA GLY B 193 71.87 -38.94 -9.80
C GLY B 193 73.08 -39.25 -8.95
N GLU B 194 74.20 -38.56 -9.16
CA GLU B 194 75.41 -38.83 -8.40
C GLU B 194 75.29 -38.21 -7.01
N GLU B 195 75.53 -39.04 -5.99
CA GLU B 195 75.54 -38.57 -4.61
C GLU B 195 76.98 -38.39 -4.14
N TRP B 196 77.21 -37.38 -3.33
CA TRP B 196 78.54 -37.14 -2.76
C TRP B 196 78.36 -36.56 -1.37
N LEU B 197 79.48 -36.23 -0.73
CA LEU B 197 79.50 -35.80 0.65
C LEU B 197 80.13 -34.42 0.75
N VAL B 198 79.56 -33.59 1.61
CA VAL B 198 80.13 -32.28 1.94
C VAL B 198 80.53 -32.29 3.41
N THR B 199 81.77 -31.90 3.69
CA THR B 199 82.34 -31.97 5.03
C THR B 199 82.47 -30.61 5.68
N THR B 200 81.82 -29.58 5.16
CA THR B 200 81.90 -28.26 5.76
C THR B 200 81.05 -28.20 7.02
N VAL B 201 81.68 -27.84 8.13
CA VAL B 201 81.01 -27.80 9.43
C VAL B 201 80.14 -26.55 9.52
N GLY B 202 78.94 -26.72 10.03
CA GLY B 202 78.00 -25.63 10.20
C GLY B 202 76.71 -25.88 9.45
N ALA B 203 75.88 -24.84 9.41
CA ALA B 203 74.63 -24.92 8.67
C ALA B 203 74.92 -24.87 7.18
N TYR B 204 74.57 -25.94 6.47
CA TYR B 204 74.84 -26.05 5.05
C TYR B 204 73.57 -25.78 4.26
N LEU B 205 73.69 -24.90 3.27
CA LEU B 205 72.55 -24.52 2.44
C LEU B 205 72.65 -25.24 1.10
N PRO B 206 71.81 -26.23 0.83
CA PRO B 206 71.93 -26.97 -0.43
C PRO B 206 71.48 -26.12 -1.61
N ALA B 207 72.09 -26.39 -2.76
CA ALA B 207 71.84 -25.61 -3.95
C ALA B 207 70.52 -26.04 -4.60
N VAL B 208 70.23 -25.44 -5.76
CA VAL B 208 69.00 -25.76 -6.49
C VAL B 208 69.08 -27.16 -7.09
N PHE B 209 70.27 -27.61 -7.46
CA PHE B 209 70.49 -28.89 -8.09
C PHE B 209 70.59 -30.05 -7.11
N GLU B 210 70.96 -29.79 -5.86
CA GLU B 210 71.27 -30.85 -4.90
C GLU B 210 70.07 -31.14 -4.03
N GLU B 211 69.76 -32.42 -3.86
CA GLU B 211 68.65 -32.87 -3.03
C GLU B 211 69.21 -33.59 -1.82
N VAL B 212 68.92 -33.06 -0.64
CA VAL B 212 69.45 -33.61 0.61
C VAL B 212 68.62 -34.81 1.03
N LEU B 213 69.29 -35.94 1.28
CA LEU B 213 68.62 -37.15 1.76
C LEU B 213 68.73 -37.32 3.27
N ASP B 214 69.95 -37.41 3.78
CA ASP B 214 70.16 -37.57 5.22
C ASP B 214 71.58 -37.20 5.65
N LEU B 215 71.72 -36.95 6.96
CA LEU B 215 73.02 -36.66 7.54
C LEU B 215 73.69 -37.97 7.95
N VAL B 216 74.76 -38.34 7.25
CA VAL B 216 75.51 -39.54 7.61
C VAL B 216 76.38 -39.23 8.82
N ASP B 217 76.30 -40.08 9.85
CA ASP B 217 77.04 -39.88 11.07
C ASP B 217 78.39 -40.58 11.01
N ALA B 218 79.45 -39.85 11.36
CA ALA B 218 80.77 -40.47 11.42
C ALA B 218 80.86 -41.40 12.61
N VAL B 219 81.36 -42.60 12.37
CA VAL B 219 81.47 -43.61 13.43
C VAL B 219 82.79 -43.40 14.18
N ILE B 220 82.72 -43.36 15.50
CA ILE B 220 83.89 -43.12 16.33
C ILE B 220 84.69 -44.41 16.43
N LEU B 221 85.96 -44.36 16.04
CA LEU B 221 86.83 -45.53 16.09
C LEU B 221 87.71 -45.47 17.33
N THR B 222 87.65 -46.51 18.14
CA THR B 222 88.49 -46.70 19.30
C THR B 222 89.55 -47.74 18.93
N GLU B 223 90.54 -47.93 19.82
CA GLU B 223 91.60 -48.92 19.57
C GLU B 223 91.07 -50.35 19.55
N LYS B 224 89.91 -50.59 20.16
CA LYS B 224 89.29 -51.91 20.17
C LYS B 224 88.29 -52.13 19.04
N THR B 225 88.14 -51.18 18.11
CA THR B 225 87.17 -51.32 17.03
C THR B 225 87.76 -50.79 15.72
N ALA B 226 87.22 -51.29 14.61
CA ALA B 226 87.60 -50.79 13.30
C ALA B 226 86.42 -50.96 12.35
N LEU B 227 86.46 -50.19 11.28
CA LEU B 227 85.37 -50.09 10.32
C LEU B 227 85.61 -51.09 9.19
N HIS B 228 84.71 -52.04 9.04
CA HIS B 228 84.76 -53.01 7.94
C HIS B 228 83.81 -52.52 6.86
N LEU B 229 84.36 -52.10 5.74
CA LEU B 229 83.54 -51.56 4.67
C LEU B 229 84.04 -52.04 3.32
N ARG B 230 83.13 -52.16 2.36
CA ARG B 230 83.48 -52.47 0.99
C ARG B 230 83.46 -51.18 0.17
N ALA B 231 83.70 -51.31 -1.13
CA ALA B 231 83.63 -50.18 -2.06
C ALA B 231 82.61 -50.50 -3.14
N ARG B 232 81.76 -49.52 -3.45
CA ARG B 232 80.73 -49.68 -4.46
C ARG B 232 81.19 -49.28 -5.86
N ARG B 233 82.08 -48.31 -5.93
CA ARG B 233 82.61 -47.82 -7.21
C ARG B 233 84.11 -47.66 -7.09
N ASN B 234 84.82 -47.58 -8.22
CA ASN B 234 86.25 -47.38 -8.16
C ASN B 234 86.48 -45.92 -7.76
N PHE B 235 87.31 -45.70 -6.75
CA PHE B 235 87.59 -44.37 -6.22
C PHE B 235 88.83 -44.43 -5.35
N ARG B 236 89.27 -43.27 -4.89
CA ARG B 236 90.35 -43.15 -3.92
C ARG B 236 89.80 -42.53 -2.66
N ASP B 237 90.08 -43.15 -1.51
CA ASP B 237 89.56 -42.67 -0.23
C ASP B 237 90.41 -41.51 0.27
N PHE B 238 90.19 -41.11 1.53
CA PHE B 238 90.91 -39.98 2.09
C PHE B 238 92.37 -40.30 2.39
N ARG B 239 92.74 -41.58 2.42
CA ARG B 239 94.14 -41.93 2.64
C ARG B 239 94.97 -41.68 1.39
N GLY B 240 94.38 -41.86 0.21
CA GLY B 240 95.07 -41.63 -1.04
C GLY B 240 95.36 -42.86 -1.86
N VAL B 241 94.82 -44.02 -1.51
CA VAL B 241 95.05 -45.27 -2.23
C VAL B 241 93.77 -45.65 -2.94
N SER B 242 93.87 -45.90 -4.24
CA SER B 242 92.70 -46.24 -5.05
C SER B 242 92.16 -47.62 -4.68
N ARG B 243 90.84 -47.72 -4.63
CA ARG B 243 90.16 -48.94 -4.21
C ARG B 243 89.26 -49.43 -5.33
N ARG B 244 89.34 -50.71 -5.65
CA ARG B 244 88.57 -51.29 -6.74
C ARG B 244 87.11 -51.51 -6.29
N THR B 245 86.28 -51.89 -7.26
CA THR B 245 84.88 -52.16 -6.98
C THR B 245 84.75 -53.50 -6.26
N GLY B 246 84.10 -53.49 -5.11
CA GLY B 246 83.93 -54.69 -4.32
C GLY B 246 85.05 -55.00 -3.36
N GLU B 247 86.13 -54.24 -3.39
CA GLU B 247 87.23 -54.45 -2.46
C GLU B 247 86.83 -53.99 -1.06
N GLU B 248 87.11 -54.83 -0.07
CA GLU B 248 86.84 -54.50 1.32
C GLU B 248 88.15 -54.30 2.05
N TRP B 249 88.14 -53.38 3.01
CA TRP B 249 89.32 -53.10 3.80
C TRP B 249 88.89 -52.57 5.16
N LEU B 250 89.86 -52.33 6.03
CA LEU B 250 89.61 -51.89 7.39
C LEU B 250 90.11 -50.47 7.59
N VAL B 251 89.34 -49.68 8.33
CA VAL B 251 89.73 -48.34 8.73
C VAL B 251 89.99 -48.37 10.24
N THR B 252 91.20 -48.05 10.63
CA THR B 252 91.62 -48.09 12.02
C THR B 252 91.93 -46.68 12.52
N VAL B 253 92.33 -46.62 13.78
CA VAL B 253 92.70 -45.36 14.42
C VAL B 253 93.99 -44.78 13.84
N GLN B 254 94.88 -45.63 13.33
CA GLN B 254 96.11 -45.16 12.71
C GLN B 254 95.83 -44.40 11.42
N ASP B 255 94.70 -44.68 10.76
CA ASP B 255 94.28 -43.87 9.61
C ASP B 255 93.54 -42.62 10.07
N THR B 256 92.38 -42.79 10.72
CA THR B 256 91.56 -41.68 11.18
C THR B 256 90.91 -42.03 12.50
N GLU B 257 90.77 -41.01 13.36
CA GLU B 257 90.10 -41.23 14.64
C GLU B 257 88.60 -41.36 14.48
N ALA B 258 88.02 -40.67 13.50
CA ALA B 258 86.57 -40.71 13.26
C ALA B 258 86.34 -40.67 11.75
N HIS B 259 86.15 -41.84 11.16
CA HIS B 259 85.91 -41.92 9.74
C HIS B 259 84.42 -41.93 9.55
N VAL B 260 83.98 -41.30 8.46
CA VAL B 260 82.57 -41.25 8.11
C VAL B 260 82.36 -42.08 6.88
N PRO B 261 81.45 -43.07 6.96
CA PRO B 261 81.12 -43.92 5.82
C PRO B 261 80.81 -43.04 4.65
N ASP B 262 81.66 -43.10 3.64
CA ASP B 262 81.63 -42.34 2.40
C ASP B 262 80.43 -42.70 1.52
N VAL B 263 80.14 -41.88 0.51
CA VAL B 263 79.03 -42.20 -0.37
C VAL B 263 79.23 -43.54 -1.06
N HIS B 264 80.45 -43.80 -1.51
CA HIS B 264 80.80 -45.06 -2.15
C HIS B 264 80.90 -46.21 -1.15
N GLU B 265 81.66 -46.00 -0.07
CA GLU B 265 81.91 -47.05 0.90
C GLU B 265 80.62 -47.52 1.55
N GLU B 266 80.38 -48.82 1.53
CA GLU B 266 79.25 -49.43 2.23
C GLU B 266 79.77 -50.06 3.50
N VAL B 267 79.34 -49.53 4.65
CA VAL B 267 79.80 -50.09 5.92
C VAL B 267 79.05 -51.39 6.20
N LEU B 268 79.80 -52.49 6.25
CA LEU B 268 79.20 -53.78 6.55
C LEU B 268 78.97 -53.96 8.04
N GLY B 269 79.66 -53.18 8.86
CA GLY B 269 79.57 -53.27 10.30
C GLY B 269 80.92 -53.04 10.93
N VAL B 270 80.89 -52.70 12.21
CA VAL B 270 82.13 -52.51 12.96
C VAL B 270 82.72 -53.89 13.25
N VAL B 271 84.04 -53.93 13.40
CA VAL B 271 84.76 -55.16 13.72
C VAL B 271 85.47 -54.94 15.05
N PRO B 272 85.16 -55.70 16.09
CA PRO B 272 85.92 -55.56 17.35
C PRO B 272 87.31 -56.14 17.19
N ILE B 273 88.22 -55.68 18.04
CA ILE B 273 89.60 -56.15 17.99
C ILE B 273 89.65 -57.60 18.46
N THR B 274 90.62 -58.34 17.93
CA THR B 274 90.82 -59.74 18.28
C THR B 274 92.10 -59.79 19.10
N THR B 275 91.96 -59.58 20.41
CA THR B 275 93.10 -59.50 21.29
C THR B 275 93.44 -60.87 21.84
N LEU B 276 94.73 -61.17 21.90
CA LEU B 276 95.23 -62.43 22.42
C LEU B 276 96.15 -62.13 23.60
N GLY B 277 95.89 -62.77 24.73
CA GLY B 277 96.77 -62.66 25.87
C GLY B 277 98.05 -63.44 25.66
N PRO B 278 98.96 -63.33 26.64
CA PRO B 278 100.22 -64.09 26.55
C PRO B 278 100.03 -65.59 26.62
N HIS B 279 98.90 -66.07 27.15
CA HIS B 279 98.59 -67.48 27.20
C HIS B 279 97.54 -67.88 26.16
N ASN B 280 97.49 -67.15 25.04
CA ASN B 280 96.46 -67.37 24.04
C ASN B 280 97.07 -67.44 22.66
N TYR B 281 96.46 -68.25 21.81
CA TYR B 281 96.79 -68.29 20.39
C TYR B 281 95.50 -68.44 19.61
N CYS B 282 95.58 -68.15 18.32
CA CYS B 282 94.42 -68.30 17.45
C CYS B 282 94.90 -68.65 16.05
N VAL B 283 94.00 -69.27 15.28
CA VAL B 283 94.30 -69.71 13.92
C VAL B 283 93.46 -68.88 12.96
N ILE B 284 94.13 -68.12 12.12
CA ILE B 284 93.46 -67.25 11.15
C ILE B 284 93.15 -68.08 9.91
N LEU B 285 91.87 -68.23 9.59
CA LEU B 285 91.49 -68.89 8.35
C LEU B 285 91.51 -67.86 7.21
N ASP B 286 92.15 -68.24 6.10
CA ASP B 286 92.40 -67.40 4.92
C ASP B 286 93.11 -66.09 5.30
N PRO B 287 94.38 -66.13 5.65
CA PRO B 287 95.06 -64.90 6.09
C PRO B 287 95.37 -63.98 4.91
N VAL B 288 95.75 -62.75 5.24
CA VAL B 288 96.10 -61.76 4.24
C VAL B 288 97.61 -61.82 4.02
N GLY B 289 98.00 -62.00 2.77
CA GLY B 289 99.39 -62.09 2.42
C GLY B 289 100.03 -60.73 2.21
N PRO B 290 101.25 -60.74 1.67
CA PRO B 290 101.94 -59.47 1.42
C PRO B 290 101.35 -58.66 0.27
N ASP B 291 100.62 -59.29 -0.64
CA ASP B 291 100.00 -58.57 -1.75
C ASP B 291 98.69 -57.92 -1.36
N GLY B 292 98.16 -58.20 -0.18
CA GLY B 292 96.92 -57.64 0.28
C GLY B 292 95.70 -58.52 0.06
N LYS B 293 95.81 -59.51 -0.81
CA LYS B 293 94.71 -60.43 -1.07
C LYS B 293 94.79 -61.62 -0.11
N ASN B 294 93.63 -62.25 0.09
CA ASN B 294 93.54 -63.40 0.98
C ASN B 294 94.24 -64.60 0.36
N GLN B 295 95.00 -65.33 1.19
CA GLN B 295 95.56 -66.61 0.80
C GLN B 295 94.52 -67.67 1.15
N LEU B 296 93.66 -67.97 0.19
CA LEU B 296 92.53 -68.86 0.45
C LEU B 296 92.99 -70.31 0.59
N GLY B 297 92.40 -71.01 1.55
CA GLY B 297 92.74 -72.39 1.83
C GLY B 297 93.88 -72.58 2.79
N GLN B 298 94.58 -71.52 3.18
CA GLN B 298 95.69 -71.61 4.11
C GLN B 298 95.25 -71.10 5.47
N LYS B 299 96.05 -71.41 6.48
CA LYS B 299 95.78 -70.95 7.83
C LYS B 299 97.09 -70.50 8.47
N ARG B 300 96.99 -69.51 9.36
CA ARG B 300 98.14 -68.91 10.02
C ARG B 300 97.89 -68.87 11.52
N VAL B 301 98.90 -69.23 12.30
CA VAL B 301 98.81 -69.20 13.74
C VAL B 301 99.41 -67.89 14.25
N VAL B 302 98.75 -67.30 15.25
CA VAL B 302 99.18 -66.06 15.87
C VAL B 302 99.56 -66.36 17.32
N LYS B 303 100.72 -65.88 17.74
CA LYS B 303 101.23 -66.18 19.07
C LYS B 303 100.59 -65.23 20.10
N GLY B 304 101.10 -65.24 21.31
CA GLY B 304 100.51 -64.41 22.33
C GLY B 304 100.86 -62.94 22.30
N GLU B 305 100.08 -62.17 23.05
CA GLU B 305 100.29 -60.72 23.18
C GLU B 305 100.42 -60.00 21.85
N LYS B 306 99.42 -60.18 21.01
CA LYS B 306 99.35 -59.53 19.70
C LYS B 306 97.87 -59.17 19.47
N SER B 307 97.52 -57.93 19.79
CA SER B 307 96.18 -57.43 19.54
C SER B 307 96.09 -57.01 18.07
N PHE B 308 95.28 -57.72 17.30
CA PHE B 308 95.19 -57.50 15.86
C PHE B 308 93.72 -57.44 15.47
N PHE B 309 93.48 -56.95 14.26
CA PHE B 309 92.13 -56.83 13.73
C PHE B 309 91.88 -57.92 12.69
N LEU B 310 90.67 -58.46 12.70
CA LEU B 310 90.30 -59.47 11.72
C LEU B 310 90.09 -58.79 10.37
N GLN B 311 90.96 -59.09 9.42
CA GLN B 311 90.93 -58.49 8.10
C GLN B 311 89.70 -58.98 7.33
N PRO B 312 89.28 -58.24 6.27
CA PRO B 312 88.06 -58.63 5.56
C PRO B 312 88.15 -59.92 4.78
N GLY B 313 87.94 -61.03 5.48
CA GLY B 313 88.01 -62.35 4.89
C GLY B 313 88.61 -63.34 5.87
N GLU B 314 89.41 -62.82 6.80
CA GLU B 314 90.04 -63.64 7.82
C GLU B 314 89.03 -64.04 8.89
N GLN B 315 89.01 -65.32 9.25
CA GLN B 315 88.15 -65.85 10.28
C GLN B 315 88.98 -66.67 11.26
N LEU B 316 88.53 -66.70 12.51
CA LEU B 316 89.16 -67.57 13.49
C LEU B 316 88.65 -68.99 13.32
N GLU B 317 89.55 -69.96 13.47
CA GLU B 317 89.18 -71.37 13.29
C GLU B 317 88.28 -71.84 14.42
N GLN B 318 88.65 -71.53 15.67
CA GLN B 318 87.83 -71.92 16.81
C GLN B 318 87.69 -70.79 17.83
N GLY B 319 88.20 -69.61 17.54
CA GLY B 319 88.15 -68.50 18.48
C GLY B 319 89.49 -68.25 19.12
N ILE B 320 89.43 -67.65 20.31
CA ILE B 320 90.64 -67.37 21.08
C ILE B 320 91.01 -68.62 21.86
N GLN B 321 91.80 -69.50 21.25
CA GLN B 321 92.19 -70.73 21.91
C GLN B 321 93.29 -70.46 22.93
N ASP B 322 93.50 -71.43 23.81
CA ASP B 322 94.53 -71.35 24.83
C ASP B 322 95.75 -72.13 24.37
N VAL B 323 96.92 -71.53 24.60
CA VAL B 323 98.17 -72.20 24.26
C VAL B 323 98.41 -73.35 25.22
N TYR B 324 99.04 -74.41 24.74
CA TYR B 324 99.29 -75.59 25.55
C TYR B 324 100.55 -75.36 26.37
N VAL B 325 100.39 -75.10 27.66
CA VAL B 325 101.51 -75.15 28.59
C VAL B 325 101.53 -76.52 29.22
N LEU B 326 102.72 -77.06 29.45
CA LEU B 326 102.90 -78.43 29.90
C LEU B 326 103.87 -78.46 31.06
N SER B 327 103.61 -79.32 32.03
CA SER B 327 104.53 -79.53 33.15
C SER B 327 105.58 -80.57 32.74
N GLU B 328 106.41 -80.99 33.69
CA GLU B 328 107.39 -82.03 33.40
C GLU B 328 106.71 -83.39 33.22
N GLN B 329 105.72 -83.69 34.05
CA GLN B 329 104.99 -84.94 33.94
C GLN B 329 103.75 -84.82 33.07
N GLN B 330 103.66 -83.79 32.24
CA GLN B 330 102.60 -83.65 31.26
C GLN B 330 103.22 -83.59 29.88
N GLY B 331 102.42 -83.80 28.85
CA GLY B 331 102.98 -83.83 27.53
C GLY B 331 101.92 -83.86 26.45
N LEU B 332 102.40 -84.09 25.22
CA LEU B 332 101.59 -83.89 24.03
C LEU B 332 101.97 -84.92 22.98
N LEU B 333 100.97 -85.48 22.31
CA LEU B 333 101.18 -86.34 21.16
C LEU B 333 100.64 -85.62 19.93
N LEU B 334 101.47 -85.47 18.91
CA LEU B 334 101.17 -84.62 17.77
C LEU B 334 101.01 -85.46 16.51
N ARG B 335 100.71 -84.79 15.40
CA ARG B 335 100.58 -85.46 14.10
C ARG B 335 100.80 -84.44 13.02
N ALA B 336 101.93 -84.57 12.34
CA ALA B 336 102.31 -83.63 11.31
C ALA B 336 101.44 -83.81 10.10
N LEU B 337 100.46 -82.93 9.96
CA LEU B 337 99.53 -83.02 8.87
C LEU B 337 100.21 -82.78 7.54
N GLN B 338 101.42 -82.23 7.58
CA GLN B 338 102.14 -81.99 6.34
C GLN B 338 103.54 -82.55 6.42
N PRO B 339 104.36 -82.32 5.40
CA PRO B 339 105.67 -82.94 5.42
C PRO B 339 106.77 -81.99 5.78
N LEU B 340 107.78 -82.49 6.49
CA LEU B 340 108.93 -81.69 6.91
C LEU B 340 108.60 -80.35 7.55
N GLU B 341 107.88 -80.38 8.67
CA GLU B 341 107.59 -79.13 9.36
C GLU B 341 108.92 -78.49 9.76
N GLU B 342 109.78 -79.24 10.46
CA GLU B 342 111.10 -78.80 10.89
C GLU B 342 111.12 -77.37 11.40
N GLY B 343 110.05 -77.01 12.12
CA GLY B 343 109.91 -75.69 12.64
C GLY B 343 109.50 -75.79 14.07
N GLU B 344 109.74 -74.69 14.74
CA GLU B 344 109.50 -74.52 16.17
C GLU B 344 109.89 -75.76 16.97
N ASP B 345 110.99 -76.39 16.56
CA ASP B 345 111.51 -77.59 17.20
C ASP B 345 112.90 -77.27 17.75
N GLU B 346 113.17 -77.66 18.98
CA GLU B 346 114.44 -77.36 19.63
C GLU B 346 115.63 -77.94 18.88
N GLU B 347 115.47 -79.15 18.38
CA GLU B 347 116.51 -79.81 17.61
C GLU B 347 116.29 -79.62 16.11
N LYS B 348 115.29 -78.80 15.78
CA LYS B 348 114.91 -78.50 14.39
C LYS B 348 114.73 -79.79 13.63
N VAL B 349 114.29 -80.82 14.35
CA VAL B 349 114.04 -82.11 13.75
C VAL B 349 112.83 -81.94 12.83
N SER B 350 112.86 -82.61 11.68
CA SER B 350 111.76 -82.49 10.74
C SER B 350 110.94 -83.76 10.63
N HIS B 351 109.72 -83.72 11.13
CA HIS B 351 108.91 -84.89 11.06
C HIS B 351 108.31 -85.00 9.68
N GLN B 352 108.02 -86.22 9.27
CA GLN B 352 107.44 -86.43 7.94
C GLN B 352 105.93 -86.31 8.06
N ALA B 353 105.22 -86.35 6.95
CA ALA B 353 103.78 -86.19 7.06
C ALA B 353 103.05 -87.41 7.53
N GLY B 354 102.45 -87.30 8.69
CA GLY B 354 101.63 -88.33 9.30
C GLY B 354 102.24 -89.00 10.51
N ASP B 355 103.52 -88.83 10.77
CA ASP B 355 104.13 -89.48 11.91
C ASP B 355 103.99 -88.63 13.17
N HIS B 356 103.95 -89.28 14.32
CA HIS B 356 103.77 -88.63 15.60
C HIS B 356 105.09 -88.35 16.27
N TRP B 357 105.07 -87.41 17.21
CA TRP B 357 106.22 -87.17 18.05
C TRP B 357 105.71 -86.75 19.42
N LEU B 358 106.60 -86.72 20.39
CA LEU B 358 106.23 -86.39 21.77
C LEU B 358 106.90 -85.08 22.18
N ILE B 359 106.09 -84.14 22.67
CA ILE B 359 106.56 -82.91 23.28
C ILE B 359 106.13 -82.91 24.73
N ARG B 360 107.09 -82.76 25.64
CA ARG B 360 106.80 -82.76 27.06
C ARG B 360 107.68 -81.71 27.74
N GLY B 361 107.67 -81.72 29.07
CA GLY B 361 108.53 -80.86 29.83
C GLY B 361 107.96 -79.46 29.96
N PRO B 362 108.71 -78.55 30.57
CA PRO B 362 108.25 -77.17 30.67
C PRO B 362 108.32 -76.43 29.35
N LEU B 363 107.32 -76.64 28.49
CA LEU B 363 107.27 -76.00 27.19
C LEU B 363 105.89 -75.39 26.99
N GLU B 364 105.85 -74.11 26.65
CA GLU B 364 104.61 -73.43 26.30
C GLU B 364 104.44 -73.60 24.79
N TYR B 365 103.85 -74.72 24.39
CA TYR B 365 103.82 -75.11 22.99
C TYR B 365 102.53 -74.64 22.33
N VAL B 366 102.62 -74.05 21.14
CA VAL B 366 101.44 -73.62 20.37
C VAL B 366 101.40 -74.39 19.05
N PRO B 367 100.36 -75.19 18.82
CA PRO B 367 100.32 -76.08 17.65
C PRO B 367 100.34 -75.27 16.36
N SER B 368 101.25 -75.62 15.47
CA SER B 368 101.39 -74.91 14.21
C SER B 368 100.24 -75.29 13.26
N ALA B 369 100.22 -74.65 12.10
CA ALA B 369 99.18 -74.91 11.11
C ALA B 369 99.35 -76.29 10.47
N LYS B 370 100.55 -76.84 10.47
CA LYS B 370 100.81 -78.14 9.86
C LYS B 370 100.56 -79.29 10.82
N VAL B 371 100.88 -79.12 12.10
CA VAL B 371 100.74 -80.19 13.08
C VAL B 371 99.32 -80.22 13.62
N GLU B 372 98.98 -81.32 14.29
CA GLU B 372 97.68 -81.47 14.93
C GLU B 372 97.86 -82.27 16.21
N VAL B 373 97.35 -81.73 17.32
CA VAL B 373 97.46 -82.41 18.59
C VAL B 373 96.46 -83.56 18.63
N VAL B 374 96.96 -84.77 18.90
CA VAL B 374 96.12 -85.96 18.91
C VAL B 374 95.45 -86.12 20.27
N GLU B 375 96.27 -86.23 21.32
CA GLU B 375 95.74 -86.47 22.65
C GLU B 375 96.66 -85.87 23.68
N GLU B 376 96.07 -85.45 24.80
CA GLU B 376 96.84 -84.98 25.95
C GLU B 376 97.44 -86.18 26.67
N ARG B 377 98.75 -86.22 26.77
CA ARG B 377 99.43 -87.35 27.39
C ARG B 377 100.02 -86.94 28.72
N GLN B 378 99.81 -87.78 29.73
CA GLN B 378 100.27 -87.55 31.09
C GLN B 378 101.22 -88.65 31.49
N ALA B 379 102.32 -88.27 32.15
CA ALA B 379 103.27 -89.27 32.63
C ALA B 379 102.68 -90.02 33.83
N ILE B 380 102.93 -91.32 33.88
CA ILE B 380 102.38 -92.20 34.91
C ILE B 380 103.40 -92.29 36.04
N PRO B 381 103.04 -91.89 37.26
CA PRO B 381 104.02 -91.88 38.36
C PRO B 381 104.28 -93.28 38.88
N LEU B 382 105.49 -93.78 38.64
CA LEU B 382 105.91 -95.11 39.06
C LEU B 382 107.18 -95.00 39.88
N ASP B 383 107.19 -95.62 41.05
CA ASP B 383 108.39 -95.65 41.88
C ASP B 383 109.17 -96.91 41.54
N GLU B 384 110.16 -97.25 42.37
CA GLU B 384 110.91 -98.48 42.16
C GLU B 384 110.03 -99.69 42.44
N ASN B 385 110.42 -100.84 41.87
CA ASN B 385 109.68 -102.12 41.80
C ASN B 385 108.19 -101.95 41.46
N GLU B 386 107.89 -101.00 40.58
CA GLU B 386 106.54 -100.81 40.05
C GLU B 386 106.69 -100.24 38.65
N GLY B 387 105.68 -100.43 37.82
CA GLY B 387 105.80 -100.01 36.44
C GLY B 387 104.61 -100.45 35.61
N ILE B 388 104.72 -100.21 34.31
CA ILE B 388 103.67 -100.46 33.36
C ILE B 388 104.21 -101.35 32.25
N TYR B 389 103.32 -101.78 31.36
CA TYR B 389 103.68 -102.60 30.21
C TYR B 389 103.44 -101.78 28.95
N VAL B 390 104.48 -101.18 28.44
CA VAL B 390 104.38 -100.38 27.23
C VAL B 390 104.62 -101.27 26.02
N GLN B 391 103.94 -100.97 24.92
CA GLN B 391 104.06 -101.73 23.68
C GLN B 391 104.50 -100.81 22.57
N ASP B 392 105.76 -100.92 22.16
CA ASP B 392 106.30 -100.13 21.06
C ASP B 392 105.71 -100.63 19.75
N VAL B 393 104.66 -99.98 19.26
CA VAL B 393 103.97 -100.50 18.08
C VAL B 393 104.73 -100.26 16.80
N LYS B 394 105.77 -99.42 16.84
CA LYS B 394 106.62 -99.26 15.67
C LYS B 394 107.44 -100.52 15.41
N THR B 395 107.91 -101.17 16.47
CA THR B 395 108.65 -102.42 16.34
C THR B 395 107.87 -103.62 16.83
N GLY B 396 106.71 -103.42 17.44
CA GLY B 396 105.84 -104.51 17.81
C GLY B 396 106.11 -105.15 19.15
N LYS B 397 107.22 -104.83 19.79
CA LYS B 397 107.63 -105.53 21.00
C LYS B 397 107.07 -104.86 22.24
N VAL B 398 106.92 -105.64 23.30
CA VAL B 398 106.37 -105.17 24.56
C VAL B 398 107.41 -105.40 25.65
N ARG B 399 107.66 -104.38 26.45
CA ARG B 399 108.69 -104.43 27.48
C ARG B 399 108.11 -104.01 28.81
N ALA B 400 108.83 -104.33 29.87
CA ALA B 400 108.44 -103.96 31.23
C ALA B 400 109.34 -102.82 31.67
N VAL B 401 108.79 -101.63 31.78
CA VAL B 401 109.54 -100.47 32.26
C VAL B 401 109.28 -100.31 33.76
N ILE B 402 110.35 -100.36 34.55
CA ILE B 402 110.28 -100.23 36.00
C ILE B 402 111.39 -99.29 36.43
N GLY B 403 111.08 -98.37 37.34
CA GLY B 403 112.05 -97.38 37.75
C GLY B 403 111.43 -96.02 38.00
N SER B 404 111.91 -95.00 37.29
CA SER B 404 111.36 -93.67 37.44
C SER B 404 109.98 -93.58 36.79
N THR B 405 109.35 -92.42 36.96
CA THR B 405 108.01 -92.19 36.44
C THR B 405 108.08 -92.11 34.92
N TYR B 406 107.67 -93.19 34.25
CA TYR B 406 107.83 -93.31 32.81
C TYR B 406 106.71 -92.59 32.08
N MET B 407 107.07 -91.93 30.99
CA MET B 407 106.12 -91.28 30.10
C MET B 407 106.17 -91.96 28.74
N LEU B 408 105.01 -92.30 28.21
CA LEU B 408 104.93 -93.04 26.95
C LEU B 408 105.40 -92.17 25.79
N THR B 409 106.19 -92.76 24.90
CA THR B 409 106.75 -92.04 23.77
C THR B 409 105.73 -91.94 22.65
N GLN B 410 106.20 -91.58 21.45
CA GLN B 410 105.32 -91.34 20.32
C GLN B 410 104.68 -92.62 19.81
N ASP B 411 105.39 -93.74 19.89
CA ASP B 411 104.92 -95.00 19.31
C ASP B 411 104.72 -96.08 20.35
N GLU B 412 104.23 -95.73 21.53
CA GLU B 412 103.99 -96.71 22.58
C GLU B 412 102.56 -96.61 23.09
N VAL B 413 101.96 -97.76 23.38
CA VAL B 413 100.61 -97.85 23.90
C VAL B 413 100.68 -98.85 25.05
N LEU B 414 99.83 -98.65 26.07
CA LEU B 414 99.79 -99.53 27.21
C LEU B 414 99.32 -100.93 26.81
N TRP B 415 100.06 -101.94 27.25
CA TRP B 415 99.77 -103.33 26.94
C TRP B 415 99.13 -104.00 28.13
N GLU B 416 97.98 -104.62 27.92
CA GLU B 416 97.23 -105.28 28.99
C GLU B 416 97.72 -106.72 29.10
N LYS B 417 98.41 -107.04 30.20
CA LYS B 417 98.83 -108.41 30.44
C LYS B 417 97.64 -109.23 30.91
N GLU B 418 97.26 -110.23 30.12
CA GLU B 418 96.14 -111.10 30.46
C GLU B 418 96.70 -112.31 31.21
N LEU B 419 96.51 -112.34 32.53
CA LEU B 419 96.92 -113.48 33.32
C LEU B 419 95.98 -114.66 33.05
N PRO B 420 96.48 -115.90 33.22
CA PRO B 420 95.60 -117.06 33.10
C PRO B 420 94.59 -117.06 34.26
N PRO B 421 93.40 -117.65 34.04
CA PRO B 421 92.38 -117.61 35.08
C PRO B 421 92.77 -118.44 36.30
N GLY B 422 92.45 -117.91 37.47
CA GLY B 422 92.86 -118.52 38.71
C GLY B 422 94.03 -117.80 39.34
N VAL B 423 94.98 -117.37 38.50
CA VAL B 423 96.17 -116.67 38.99
C VAL B 423 95.80 -115.29 39.54
N GLU B 424 94.81 -114.63 38.91
CA GLU B 424 94.36 -113.32 39.37
C GLU B 424 93.72 -113.41 40.75
N GLU B 425 93.11 -114.54 41.09
CA GLU B 425 92.57 -114.72 42.42
C GLU B 425 93.68 -114.92 43.46
N LEU B 426 94.76 -115.60 43.07
CA LEU B 426 95.84 -115.88 44.01
C LEU B 426 96.71 -114.68 44.30
N LEU B 427 96.68 -113.66 43.45
CA LEU B 427 97.43 -112.44 43.75
C LEU B 427 96.64 -111.49 44.63
N ASN B 428 95.33 -111.42 44.44
CA ASN B 428 94.49 -110.60 45.30
C ASN B 428 94.30 -111.24 46.67
N LYS B 429 94.12 -112.56 46.70
CA LYS B 429 93.91 -113.26 47.97
C LYS B 429 95.21 -113.48 48.72
N GLY B 430 96.22 -114.02 48.03
CA GLY B 430 97.48 -114.31 48.67
C GLY B 430 98.40 -113.11 48.80
N GLN B 431 98.02 -112.16 49.65
CA GLN B 431 98.89 -111.02 49.91
C GLN B 431 100.10 -111.43 50.75
N ASP B 432 99.89 -112.34 51.71
CA ASP B 432 100.97 -112.86 52.53
C ASP B 432 100.64 -114.31 52.89
N PRO B 433 101.15 -115.28 52.11
CA PRO B 433 100.84 -116.69 52.39
C PRO B 433 101.51 -117.26 53.63
N LEU B 434 102.50 -116.58 54.20
CA LEU B 434 103.08 -116.99 55.47
C LEU B 434 102.10 -116.80 56.63
N ALA B 435 101.26 -115.78 56.57
CA ALA B 435 100.23 -115.56 57.57
C ALA B 435 98.84 -115.97 57.13
N ASP B 436 98.50 -115.77 55.86
CA ASP B 436 97.21 -116.20 55.30
C ASP B 436 97.41 -117.58 54.71
N ARG B 437 97.32 -118.61 55.53
CA ARG B 437 97.51 -119.95 55.02
C ARG B 437 96.38 -120.90 55.40
N GLY B 438 95.63 -120.57 56.46
CA GLY B 438 94.57 -121.48 56.86
C GLY B 438 93.46 -121.64 55.83
N GLU B 439 93.38 -120.73 54.86
CA GLU B 439 92.37 -120.82 53.82
C GLU B 439 92.87 -120.16 52.54
N LEU B 449 88.66 -107.40 45.86
CA LEU B 449 87.36 -106.82 45.57
C LEU B 449 87.44 -105.88 44.37
N ALA B 450 88.35 -104.92 44.44
CA ALA B 450 88.54 -104.00 43.33
C ALA B 450 89.21 -104.70 42.16
N PRO B 451 88.81 -104.41 40.93
CA PRO B 451 89.48 -105.02 39.77
C PRO B 451 90.89 -104.46 39.58
N ARG B 452 91.82 -105.36 39.26
CA ARG B 452 93.20 -104.96 39.07
C ARG B 452 93.39 -104.24 37.74
N ASN B 453 94.46 -103.46 37.65
CA ASN B 453 94.82 -102.81 36.41
C ASN B 453 95.63 -103.78 35.56
N LYS B 454 95.15 -104.04 34.34
CA LYS B 454 95.84 -104.98 33.47
C LYS B 454 97.15 -104.42 32.95
N THR B 455 97.27 -103.09 32.94
CA THR B 455 98.48 -102.44 32.42
C THR B 455 99.67 -102.65 33.33
N ARG B 456 99.47 -102.55 34.65
CA ARG B 456 100.55 -102.53 35.62
C ARG B 456 101.26 -103.88 35.67
N VAL B 457 102.55 -103.84 36.04
CA VAL B 457 103.35 -105.05 36.11
C VAL B 457 102.87 -105.89 37.28
N VAL B 458 102.66 -107.18 37.03
CA VAL B 458 102.15 -108.10 38.04
C VAL B 458 103.28 -108.40 39.01
N SER B 459 103.15 -107.92 40.24
CA SER B 459 104.18 -108.08 41.26
C SER B 459 103.61 -108.90 42.41
N TYR B 460 104.37 -109.91 42.85
CA TYR B 460 103.96 -110.79 43.93
C TYR B 460 105.04 -110.75 45.00
N ARG B 461 104.65 -110.37 46.22
CA ARG B 461 105.61 -110.23 47.32
C ARG B 461 105.90 -111.59 47.92
N VAL B 462 107.08 -112.12 47.66
CA VAL B 462 107.46 -113.45 48.13
C VAL B 462 107.88 -113.36 49.59
N PRO B 463 107.35 -114.19 50.48
CA PRO B 463 107.85 -114.23 51.87
C PRO B 463 109.23 -114.84 51.95
N HIS B 464 109.83 -114.71 53.13
CA HIS B 464 111.25 -115.06 53.33
C HIS B 464 111.51 -116.56 53.22
N ASN B 465 110.51 -117.39 53.52
CA ASN B 465 110.66 -118.83 53.37
C ASN B 465 110.01 -119.37 52.11
N ALA B 466 109.11 -118.62 51.49
CA ALA B 466 108.44 -119.12 50.30
C ALA B 466 109.35 -118.98 49.08
N ALA B 467 108.94 -119.60 47.98
CA ALA B 467 109.71 -119.59 46.75
C ALA B 467 108.76 -119.67 45.56
N VAL B 468 108.97 -118.80 44.59
CA VAL B 468 108.17 -118.76 43.36
C VAL B 468 109.11 -118.92 42.18
N GLN B 469 108.67 -119.73 41.21
CA GLN B 469 109.41 -119.94 39.97
C GLN B 469 108.63 -119.29 38.85
N VAL B 470 109.30 -118.43 38.08
CA VAL B 470 108.67 -117.71 36.98
C VAL B 470 109.26 -118.20 35.67
N TYR B 471 108.39 -118.39 34.68
CA TYR B 471 108.78 -118.90 33.37
C TYR B 471 108.80 -117.73 32.38
N ASP B 472 109.99 -117.21 32.09
CA ASP B 472 110.11 -116.16 31.07
C ASP B 472 110.00 -116.82 29.71
N TYR B 473 108.78 -116.85 29.18
CA TYR B 473 108.50 -117.50 27.92
C TYR B 473 109.10 -116.82 26.70
N ARG B 474 109.47 -115.55 26.82
CA ARG B 474 110.02 -114.83 25.67
C ARG B 474 111.43 -115.27 25.35
N GLU B 475 112.22 -115.64 26.37
CA GLU B 475 113.58 -116.11 26.16
C GLU B 475 113.77 -117.56 26.60
N LYS B 476 112.69 -118.23 27.00
CA LYS B 476 112.68 -119.63 27.47
C LYS B 476 113.62 -119.85 28.65
N ARG B 477 113.77 -118.84 29.51
CA ARG B 477 114.62 -118.93 30.69
C ARG B 477 113.72 -119.06 31.91
N ALA B 478 113.95 -120.11 32.69
CA ALA B 478 113.18 -120.31 33.90
C ALA B 478 114.05 -119.94 35.09
N ARG B 479 113.57 -119.02 35.90
CA ARG B 479 114.26 -118.60 37.11
C ARG B 479 113.31 -118.71 38.29
N VAL B 480 113.86 -119.13 39.44
CA VAL B 480 113.11 -119.25 40.67
C VAL B 480 113.79 -118.38 41.72
N VAL B 481 113.00 -117.52 42.36
CA VAL B 481 113.53 -116.51 43.26
C VAL B 481 112.84 -116.64 44.61
N PHE B 482 113.61 -116.42 45.68
CA PHE B 482 113.10 -116.47 47.04
C PHE B 482 113.80 -115.43 47.90
N GLY B 483 113.18 -115.13 49.03
CA GLY B 483 113.72 -114.13 49.93
C GLY B 483 112.67 -113.08 50.25
N PRO B 484 113.10 -111.88 50.63
CA PRO B 484 112.16 -110.78 50.84
C PRO B 484 111.74 -110.09 49.56
N GLU B 485 112.23 -110.52 48.41
CA GLU B 485 112.05 -109.79 47.16
C GLU B 485 110.67 -110.03 46.59
N LEU B 486 110.05 -108.97 46.09
CA LEU B 486 108.84 -109.11 45.29
C LEU B 486 109.27 -109.29 43.85
N VAL B 487 108.77 -110.34 43.21
CA VAL B 487 109.15 -110.64 41.84
C VAL B 487 108.19 -109.91 40.90
N SER B 488 108.74 -109.36 39.83
CA SER B 488 107.98 -108.59 38.86
C SER B 488 107.99 -109.36 37.54
N LEU B 489 106.80 -109.66 37.04
CA LEU B 489 106.70 -110.38 35.78
C LEU B 489 107.11 -109.48 34.62
N GLY B 490 107.70 -110.07 33.61
CA GLY B 490 108.04 -109.35 32.40
C GLY B 490 106.86 -109.29 31.47
N PRO B 491 107.11 -109.10 30.18
CA PRO B 491 106.02 -109.16 29.20
C PRO B 491 105.40 -110.54 29.06
N GLU B 492 106.14 -111.61 29.37
CA GLU B 492 105.60 -112.96 29.24
C GLU B 492 106.02 -113.89 30.37
N GLU B 493 106.61 -113.38 31.45
CA GLU B 493 106.90 -114.22 32.61
C GLU B 493 105.59 -114.63 33.28
N GLN B 494 105.47 -115.90 33.63
CA GLN B 494 104.27 -116.43 34.26
C GLN B 494 104.65 -117.23 35.50
N PHE B 495 103.78 -117.18 36.51
CA PHE B 495 104.02 -117.87 37.76
C PHE B 495 103.80 -119.37 37.60
N THR B 496 104.43 -120.14 38.47
CA THR B 496 104.23 -121.58 38.54
C THR B 496 103.18 -121.87 39.58
N VAL B 497 101.95 -122.13 39.13
CA VAL B 497 100.85 -122.43 40.05
C VAL B 497 100.97 -123.87 40.49
N LEU B 498 100.88 -124.11 41.80
CA LEU B 498 101.04 -125.42 42.38
C LEU B 498 99.71 -125.87 42.95
N SER B 499 99.05 -126.81 42.27
CA SER B 499 97.81 -127.38 42.78
C SER B 499 98.18 -128.35 43.90
N LEU B 500 98.25 -127.83 45.12
CA LEU B 500 98.76 -128.58 46.26
C LEU B 500 97.66 -129.46 46.85
N SER B 501 97.92 -129.98 48.04
CA SER B 501 96.95 -130.73 48.82
C SER B 501 96.72 -130.04 50.15
N ALA B 502 95.49 -130.06 50.62
CA ALA B 502 95.15 -129.39 51.87
C ALA B 502 94.00 -130.12 52.53
N GLY B 503 93.62 -129.65 53.72
CA GLY B 503 92.57 -130.27 54.49
C GLY B 503 93.10 -131.39 55.38
N ARG B 504 92.20 -131.98 56.15
CA ARG B 504 92.61 -133.07 57.02
C ARG B 504 92.77 -134.37 56.26
N PRO B 505 91.72 -134.83 55.55
CA PRO B 505 91.96 -136.10 54.85
C PRO B 505 92.84 -136.00 53.61
N LYS B 506 93.44 -134.83 53.37
CA LYS B 506 94.40 -134.57 52.29
C LYS B 506 93.80 -134.85 50.91
N ARG B 507 92.83 -134.00 50.56
CA ARG B 507 92.30 -133.98 49.20
C ARG B 507 93.40 -133.60 48.21
N PRO B 508 93.45 -134.24 47.04
CA PRO B 508 94.63 -134.06 46.18
C PRO B 508 94.68 -132.75 45.42
N HIS B 509 93.57 -132.05 45.24
CA HIS B 509 93.55 -130.79 44.50
C HIS B 509 92.81 -129.74 45.30
N ALA B 510 93.56 -128.99 46.07
CA ALA B 510 93.09 -127.86 46.84
C ALA B 510 94.30 -126.97 47.11
N ARG B 511 94.04 -125.82 47.72
CA ARG B 511 95.08 -124.84 48.01
C ARG B 511 96.00 -124.52 46.84
N ARG B 512 95.46 -124.20 45.67
CA ARG B 512 96.34 -123.84 44.55
C ARG B 512 97.07 -122.56 44.93
N ALA B 513 98.33 -122.42 44.56
CA ALA B 513 99.10 -121.32 45.13
C ALA B 513 100.37 -121.09 44.33
N LEU B 514 100.74 -119.82 44.19
CA LEU B 514 101.92 -119.45 43.40
C LEU B 514 103.22 -119.75 44.13
N CYS B 515 103.23 -119.64 45.46
CA CYS B 515 104.45 -119.78 46.23
C CYS B 515 104.70 -121.22 46.63
N LEU B 516 105.89 -121.47 47.15
CA LEU B 516 106.29 -122.78 47.66
C LEU B 516 107.17 -122.53 48.88
N LEU B 517 106.64 -122.76 50.06
CA LEU B 517 107.40 -122.51 51.29
C LEU B 517 108.47 -123.57 51.46
N LEU B 518 109.66 -123.13 51.86
CA LEU B 518 110.78 -124.03 52.13
C LEU B 518 111.13 -124.09 53.60
N GLY B 519 110.33 -123.49 54.46
CA GLY B 519 110.65 -123.41 55.87
C GLY B 519 110.18 -124.63 56.61
N PRO B 520 110.65 -124.77 57.83
CA PRO B 520 110.25 -125.94 58.60
C PRO B 520 108.78 -126.00 59.00
N ASP B 521 107.86 -126.18 58.07
CA ASP B 521 106.44 -126.28 58.42
C ASP B 521 106.04 -127.72 58.73
N PHE B 522 104.75 -127.99 58.77
CA PHE B 522 104.23 -129.32 59.06
C PHE B 522 102.79 -129.41 58.57
N PHE B 523 102.44 -130.53 57.93
CA PHE B 523 101.05 -130.79 57.55
C PHE B 523 100.51 -132.00 58.30
N THR B 524 99.33 -131.86 58.88
CA THR B 524 98.72 -132.95 59.64
C THR B 524 97.73 -133.70 58.75
N ASP B 525 97.95 -135.00 58.61
CA ASP B 525 97.12 -135.86 57.77
C ASP B 525 96.61 -137.03 58.58
N VAL B 526 95.30 -137.27 58.53
CA VAL B 526 94.74 -138.48 59.10
C VAL B 526 94.93 -139.62 58.11
N ILE B 527 95.46 -140.75 58.58
CA ILE B 527 95.61 -141.94 57.76
C ILE B 527 94.97 -143.10 58.49
N THR B 528 94.09 -143.82 57.81
CA THR B 528 93.39 -144.97 58.38
C THR B 528 94.10 -146.24 57.94
N ILE B 529 94.82 -146.87 58.86
CA ILE B 529 95.63 -148.03 58.55
C ILE B 529 95.11 -149.22 59.37
N GLU B 530 95.52 -150.41 58.97
CA GLU B 530 95.11 -151.65 59.60
C GLU B 530 96.32 -152.31 60.24
N THR B 531 96.13 -152.81 61.46
CA THR B 531 97.19 -153.52 62.17
C THR B 531 97.22 -154.98 61.74
N ALA B 532 98.11 -155.75 62.36
CA ALA B 532 98.23 -157.17 62.03
C ALA B 532 97.12 -158.01 62.65
N ASP B 533 96.32 -157.46 63.55
CA ASP B 533 95.20 -158.16 64.16
C ASP B 533 93.86 -157.76 63.54
N HIS B 534 93.90 -157.18 62.34
CA HIS B 534 92.72 -156.74 61.58
C HIS B 534 91.87 -155.72 62.34
N ALA B 535 92.52 -154.89 63.14
CA ALA B 535 91.85 -153.82 63.89
C ALA B 535 92.29 -152.50 63.28
N ARG B 536 91.50 -152.00 62.32
CA ARG B 536 91.86 -150.79 61.60
C ARG B 536 91.67 -149.57 62.48
N LEU B 537 92.58 -148.62 62.36
CA LEU B 537 92.61 -147.46 63.23
C LEU B 537 93.15 -146.26 62.48
N GLN B 538 92.54 -145.10 62.69
CA GLN B 538 92.93 -143.86 62.02
C GLN B 538 93.82 -143.06 62.95
N LEU B 539 94.91 -142.54 62.39
CA LEU B 539 95.92 -141.88 63.20
C LEU B 539 96.51 -140.69 62.42
N GLN B 540 97.11 -139.76 63.17
CA GLN B 540 97.58 -138.49 62.62
C GLN B 540 99.07 -138.38 62.77
N LEU B 541 99.73 -137.82 61.76
CA LEU B 541 101.16 -137.52 61.82
C LEU B 541 101.37 -136.03 61.62
N ALA B 542 102.38 -135.50 62.31
CA ALA B 542 102.65 -134.07 62.21
C ALA B 542 103.36 -133.71 60.93
N TYR B 543 104.27 -134.58 60.46
CA TYR B 543 105.03 -134.42 59.21
C TYR B 543 105.84 -133.12 59.18
N ASN B 544 106.81 -133.02 60.07
CA ASN B 544 107.68 -131.85 60.09
C ASN B 544 108.62 -131.90 58.88
N TRP B 545 108.50 -130.90 58.00
CA TRP B 545 109.20 -130.93 56.72
C TRP B 545 109.85 -129.58 56.46
N HIS B 546 110.93 -129.60 55.67
CA HIS B 546 111.49 -128.38 55.11
C HIS B 546 112.29 -128.74 53.88
N PHE B 547 112.31 -127.84 52.91
CA PHE B 547 113.07 -128.05 51.68
C PHE B 547 114.53 -127.71 51.94
N GLU B 548 115.41 -128.66 51.68
CA GLU B 548 116.84 -128.49 51.90
C GLU B 548 117.48 -128.06 50.59
N VAL B 549 117.87 -126.79 50.51
CA VAL B 549 118.54 -126.24 49.35
C VAL B 549 120.04 -126.18 49.64
N ASN B 550 120.83 -126.92 48.86
CA ASN B 550 122.28 -126.92 49.08
C ASN B 550 122.90 -125.62 48.60
N ASP B 551 122.51 -125.15 47.42
CA ASP B 551 122.94 -123.88 46.89
C ASP B 551 121.72 -123.13 46.40
N ARG B 552 121.64 -121.85 46.77
CA ARG B 552 120.48 -121.04 46.50
C ARG B 552 120.59 -120.21 45.23
N LYS B 553 121.66 -120.36 44.45
CA LYS B 553 121.86 -119.63 43.21
C LYS B 553 122.05 -120.56 42.03
N ASP B 554 121.70 -121.83 42.19
CA ASP B 554 121.88 -122.82 41.12
C ASP B 554 120.63 -123.00 40.25
N PRO B 555 120.73 -122.67 38.95
CA PRO B 555 119.58 -122.83 38.05
C PRO B 555 118.90 -124.19 38.08
N GLN B 556 119.63 -125.24 38.44
CA GLN B 556 119.04 -126.56 38.45
C GLN B 556 118.51 -127.06 39.78
N GLU B 557 119.30 -126.89 40.84
CA GLU B 557 118.85 -127.37 42.15
C GLU B 557 117.73 -126.53 42.74
N THR B 558 117.74 -125.21 42.53
CA THR B 558 116.66 -124.37 43.04
C THR B 558 115.38 -124.57 42.24
N ALA B 559 115.49 -124.95 40.97
CA ALA B 559 114.31 -125.28 40.18
C ALA B 559 113.91 -126.74 40.34
N LYS B 560 114.68 -127.53 41.08
CA LYS B 560 114.31 -128.90 41.35
C LYS B 560 113.19 -129.00 42.39
N LEU B 561 112.98 -127.96 43.17
CA LEU B 561 111.92 -127.97 44.18
C LEU B 561 110.52 -127.93 43.57
N PHE B 562 110.40 -127.48 42.32
CA PHE B 562 109.13 -127.44 41.62
C PHE B 562 108.95 -128.64 40.69
N SER B 563 109.66 -129.74 40.96
CA SER B 563 109.56 -130.92 40.09
C SER B 563 108.21 -131.60 40.28
N VAL B 564 107.95 -132.09 41.47
CA VAL B 564 106.65 -132.70 41.77
C VAL B 564 105.61 -131.58 41.93
N PRO B 565 104.47 -131.67 41.26
CA PRO B 565 103.49 -130.57 41.36
C PRO B 565 102.82 -130.48 42.71
N ASP B 566 102.51 -131.62 43.32
CA ASP B 566 101.83 -131.68 44.61
C ASP B 566 102.81 -132.31 45.60
N PHE B 567 103.65 -131.47 46.22
CA PHE B 567 104.63 -132.02 47.16
C PHE B 567 103.98 -132.41 48.48
N VAL B 568 102.84 -131.81 48.82
CA VAL B 568 102.14 -132.14 50.06
C VAL B 568 101.35 -133.42 49.92
N GLY B 569 100.81 -133.69 48.75
CA GLY B 569 100.18 -134.98 48.49
C GLY B 569 101.18 -136.11 48.30
N ASP B 570 102.29 -135.84 47.62
CA ASP B 570 103.32 -136.85 47.43
C ASP B 570 104.01 -137.19 48.74
N ALA B 571 104.32 -136.18 49.56
CA ALA B 571 104.95 -136.43 50.85
C ALA B 571 103.98 -137.01 51.86
N CYS B 572 102.67 -136.90 51.62
CA CYS B 572 101.72 -137.58 52.48
C CYS B 572 101.55 -139.03 52.08
N LYS B 573 101.43 -139.31 50.78
CA LYS B 573 101.25 -140.71 50.35
C LYS B 573 102.53 -141.52 50.52
N ALA B 574 103.70 -140.89 50.39
CA ALA B 574 104.95 -141.65 50.48
C ALA B 574 105.29 -142.06 51.91
N ILE B 575 104.63 -141.37 52.85
CA ILE B 575 104.78 -141.54 54.30
C ILE B 575 103.58 -142.24 54.93
N ALA B 576 102.50 -142.31 54.18
CA ALA B 576 101.33 -143.12 54.49
C ALA B 576 101.52 -144.56 54.06
N SER B 577 102.16 -144.78 52.91
CA SER B 577 102.49 -146.13 52.48
C SER B 577 103.48 -146.78 53.42
N ARG B 578 104.48 -146.03 53.90
CA ARG B 578 105.46 -146.57 54.83
C ARG B 578 104.84 -146.90 56.17
N VAL B 579 103.95 -146.04 56.67
CA VAL B 579 103.29 -146.26 57.95
C VAL B 579 102.35 -147.47 57.86
N ARG B 580 101.58 -147.58 56.76
CA ARG B 580 100.69 -148.72 56.60
C ARG B 580 101.49 -150.02 56.41
N GLY B 581 102.62 -149.96 55.73
CA GLY B 581 103.44 -151.16 55.56
C GLY B 581 104.21 -151.56 56.79
N ALA B 582 104.47 -150.63 57.70
CA ALA B 582 105.22 -150.95 58.90
C ALA B 582 104.33 -151.28 60.10
N VAL B 583 103.09 -150.81 60.12
CA VAL B 583 102.20 -151.12 61.24
C VAL B 583 101.39 -152.41 60.99
N ALA B 584 101.09 -152.72 59.73
CA ALA B 584 100.37 -153.96 59.42
C ALA B 584 101.18 -155.22 59.65
N SER B 585 102.49 -155.11 59.85
CA SER B 585 103.32 -156.28 60.14
C SER B 585 103.50 -156.52 61.63
N VAL B 586 102.94 -155.67 62.50
CA VAL B 586 103.09 -155.81 63.95
C VAL B 586 101.72 -155.74 64.60
N THR B 587 101.60 -156.42 65.74
CA THR B 587 100.31 -156.65 66.36
C THR B 587 99.80 -155.41 67.06
N PHE B 588 98.59 -155.50 67.63
CA PHE B 588 97.99 -154.36 68.30
C PHE B 588 98.72 -154.04 69.61
N ASP B 589 99.13 -155.06 70.38
CA ASP B 589 99.75 -154.76 71.67
C ASP B 589 101.11 -154.09 71.50
N ASP B 590 101.90 -154.55 70.52
CA ASP B 590 103.21 -153.96 70.27
C ASP B 590 103.10 -152.59 69.63
N PHE B 591 101.98 -152.30 68.97
CA PHE B 591 101.77 -150.97 68.41
C PHE B 591 101.18 -150.00 69.41
N HIS B 592 100.30 -150.46 70.29
CA HIS B 592 99.72 -149.58 71.29
C HIS B 592 100.71 -149.26 72.39
N LYS B 593 101.59 -150.20 72.75
CA LYS B 593 102.61 -149.91 73.74
C LYS B 593 103.71 -149.04 73.12
N ASN B 594 104.35 -149.52 72.08
CA ASN B 594 105.46 -148.80 71.43
C ASN B 594 104.94 -148.23 70.12
N SER B 595 104.34 -147.05 70.20
CA SER B 595 103.73 -146.40 69.06
C SER B 595 104.62 -145.40 68.37
N ALA B 596 105.83 -145.14 68.88
CA ALA B 596 106.68 -144.08 68.36
C ALA B 596 107.92 -144.58 67.65
N ARG B 597 108.52 -145.68 68.11
CA ARG B 597 109.73 -146.18 67.46
C ARG B 597 109.42 -146.83 66.12
N ILE B 598 108.28 -147.54 66.03
CA ILE B 598 107.90 -148.21 64.79
C ILE B 598 107.15 -147.30 63.83
N ILE B 599 107.03 -146.02 64.16
CA ILE B 599 106.45 -145.05 63.23
C ILE B 599 107.45 -143.96 62.86
N ARG B 600 108.59 -143.89 63.54
CA ARG B 600 109.62 -142.92 63.25
C ARG B 600 110.88 -143.56 62.70
N THR B 601 111.33 -144.66 63.30
CA THR B 601 112.49 -145.38 62.80
C THR B 601 112.14 -146.38 61.71
N ALA B 602 110.84 -146.42 61.41
CA ALA B 602 110.19 -147.21 60.40
C ALA B 602 109.82 -146.31 59.21
N VAL B 603 109.25 -145.15 59.49
CA VAL B 603 108.94 -144.18 58.43
C VAL B 603 110.24 -143.69 57.80
N PHE B 604 111.27 -143.48 58.60
CA PHE B 604 112.58 -143.16 58.05
C PHE B 604 113.63 -144.03 58.73
N GLY B 605 113.43 -145.34 58.62
CA GLY B 605 114.30 -146.33 59.22
C GLY B 605 115.72 -146.33 58.69
N PHE B 606 116.64 -146.81 59.53
CA PHE B 606 118.06 -146.87 59.19
C PHE B 606 118.31 -147.51 57.83
N ARG B 623 118.75 -143.23 60.17
CA ARG B 623 118.73 -141.80 59.87
C ARG B 623 117.44 -141.16 60.33
N ASP B 624 117.52 -139.89 60.71
CA ASP B 624 116.37 -139.14 61.23
C ASP B 624 115.69 -138.29 60.17
N GLN B 625 116.14 -138.36 58.92
CA GLN B 625 115.62 -137.49 57.86
C GLN B 625 115.05 -138.36 56.75
N ALA B 626 113.80 -138.09 56.37
CA ALA B 626 113.17 -138.77 55.23
C ALA B 626 113.36 -137.88 54.00
N VAL B 627 114.52 -138.02 53.37
CA VAL B 627 114.82 -137.20 52.20
C VAL B 627 114.00 -137.69 51.00
N PHE B 628 113.61 -136.73 50.16
CA PHE B 628 112.93 -137.02 48.90
C PHE B 628 113.78 -136.42 47.79
N PRO B 629 114.51 -137.21 47.01
CA PRO B 629 115.43 -136.63 46.03
C PRO B 629 114.77 -136.06 44.79
N GLN B 630 113.45 -136.25 44.62
CA GLN B 630 112.74 -135.66 43.49
C GLN B 630 112.69 -134.14 43.59
N ASN B 631 112.48 -133.61 44.80
CA ASN B 631 112.38 -132.17 44.99
C ASN B 631 113.27 -131.64 46.10
N GLY B 632 114.12 -132.48 46.69
CA GLY B 632 114.97 -132.04 47.77
C GLY B 632 114.29 -131.91 49.10
N LEU B 633 113.02 -132.32 49.20
CA LEU B 633 112.26 -132.18 50.44
C LEU B 633 112.72 -133.21 51.45
N VAL B 634 113.00 -132.77 52.67
CA VAL B 634 113.30 -133.68 53.75
C VAL B 634 112.14 -133.62 54.74
N VAL B 635 111.93 -134.70 55.47
CA VAL B 635 110.89 -134.79 56.48
C VAL B 635 111.55 -135.16 57.79
N SER B 636 111.36 -134.32 58.81
CA SER B 636 111.91 -134.56 60.13
C SER B 636 111.03 -135.53 60.92
N SER B 637 111.24 -135.60 62.23
CA SER B 637 110.52 -136.55 63.06
C SER B 637 109.03 -136.30 63.05
N VAL B 638 108.26 -137.37 62.90
CA VAL B 638 106.80 -137.29 62.80
C VAL B 638 106.22 -137.44 64.21
N ASP B 639 105.31 -136.55 64.57
CA ASP B 639 104.77 -136.49 65.92
C ASP B 639 103.31 -136.91 65.90
N VAL B 640 103.02 -138.11 66.42
CA VAL B 640 101.67 -138.64 66.42
C VAL B 640 100.87 -137.98 67.53
N GLN B 641 99.60 -137.67 67.25
CA GLN B 641 98.74 -137.03 68.22
C GLN B 641 97.44 -137.79 68.51
N SER B 642 97.16 -138.87 67.79
CA SER B 642 96.02 -139.74 68.07
C SER B 642 96.31 -141.10 67.48
N VAL B 643 95.99 -142.16 68.17
CA VAL B 643 96.08 -143.47 67.55
C VAL B 643 94.70 -144.12 67.74
N GLU B 644 93.68 -143.28 67.84
CA GLU B 644 92.31 -143.65 68.08
C GLU B 644 91.78 -144.62 67.07
N PRO B 645 91.20 -145.73 67.56
CA PRO B 645 90.62 -146.71 66.65
C PRO B 645 89.35 -146.23 65.97
N VAL B 646 89.11 -146.79 64.77
CA VAL B 646 87.92 -146.41 64.00
C VAL B 646 86.67 -147.00 64.62
N ASP B 647 86.69 -148.28 64.92
CA ASP B 647 85.49 -148.98 65.39
C ASP B 647 85.17 -148.62 66.82
N GLN B 648 83.87 -148.48 67.11
CA GLN B 648 83.47 -148.26 68.48
C GLN B 648 83.57 -149.54 69.30
N ARG B 649 83.55 -150.70 68.65
CA ARG B 649 83.80 -151.96 69.34
C ARG B 649 85.24 -152.02 69.83
N THR B 650 86.19 -151.60 68.99
CA THR B 650 87.59 -151.58 69.41
C THR B 650 87.85 -150.49 70.45
N ARG B 651 87.08 -149.41 70.40
CA ARG B 651 87.18 -148.36 71.42
C ARG B 651 86.42 -148.71 72.68
N ASP B 652 85.63 -149.79 72.68
CA ASP B 652 84.97 -150.29 73.88
C ASP B 652 85.74 -151.42 74.53
N ALA B 653 86.39 -152.29 73.75
CA ALA B 653 87.20 -153.34 74.34
C ALA B 653 88.45 -152.77 75.00
N LEU B 654 89.00 -151.69 74.44
CA LEU B 654 90.10 -151.01 75.11
C LEU B 654 89.63 -150.32 76.39
N GLN B 655 88.39 -149.84 76.41
CA GLN B 655 87.80 -149.29 77.63
C GLN B 655 87.64 -150.38 78.69
N ARG B 656 87.14 -151.54 78.27
CA ARG B 656 86.96 -152.64 79.21
C ARG B 656 88.31 -152.95 79.80
N SER B 657 89.35 -152.77 79.02
CA SER B 657 90.69 -152.97 79.51
C SER B 657 91.11 -151.97 80.55
N VAL B 658 90.55 -150.78 80.53
CA VAL B 658 90.93 -149.81 81.52
C VAL B 658 90.56 -150.37 82.86
N GLN B 659 89.30 -150.78 82.97
CA GLN B 659 88.77 -151.30 84.21
C GLN B 659 89.53 -152.52 84.66
N LEU B 660 89.84 -153.40 83.73
CA LEU B 660 90.60 -154.56 84.13
C LEU B 660 91.97 -154.08 84.57
N ALA B 661 92.41 -152.92 84.10
CA ALA B 661 93.70 -152.46 84.61
C ALA B 661 93.54 -151.71 85.92
N ILE B 662 92.54 -150.82 86.00
CA ILE B 662 92.32 -150.13 87.27
C ILE B 662 91.72 -151.08 88.31
N GLU B 663 91.01 -152.13 87.86
CA GLU B 663 90.47 -153.12 88.79
C GLU B 663 91.59 -153.95 89.41
N ILE B 664 92.55 -154.41 88.60
CA ILE B 664 93.67 -155.14 89.19
C ILE B 664 94.61 -154.22 89.94
N THR B 665 94.63 -152.91 89.63
CA THR B 665 95.40 -151.97 90.44
C THR B 665 94.81 -151.80 91.84
N THR B 666 93.48 -151.58 91.93
CA THR B 666 92.88 -151.46 93.25
C THR B 666 92.81 -152.80 93.96
N ASN B 667 92.79 -153.91 93.22
CA ASN B 667 92.86 -155.22 93.87
C ASN B 667 94.24 -155.48 94.44
N SER B 668 95.30 -155.04 93.75
CA SER B 668 96.63 -155.15 94.30
C SER B 668 96.81 -154.25 95.51
N GLN B 669 96.22 -153.05 95.48
CA GLN B 669 96.27 -152.15 96.63
C GLN B 669 95.53 -152.74 97.83
N GLU B 670 94.35 -153.32 97.60
CA GLU B 670 93.56 -153.95 98.66
C GLU B 670 94.28 -155.18 99.20
N ALA B 671 94.89 -155.98 98.33
CA ALA B 671 95.62 -157.16 98.78
C ALA B 671 96.87 -156.79 99.56
N ALA B 672 97.57 -155.73 99.15
CA ALA B 672 98.75 -155.29 99.90
C ALA B 672 98.36 -154.72 101.25
N ALA B 673 97.24 -153.99 101.31
CA ALA B 673 96.73 -153.50 102.59
C ALA B 673 96.29 -154.63 103.49
N LYS B 674 95.66 -155.66 102.93
CA LYS B 674 95.24 -156.82 103.71
C LYS B 674 96.44 -157.62 104.22
N HIS B 675 97.48 -157.75 103.40
CA HIS B 675 98.68 -158.47 103.83
C HIS B 675 99.42 -157.69 104.91
N GLU B 676 99.48 -156.37 104.80
CA GLU B 676 100.11 -155.57 105.84
C GLU B 676 99.30 -155.59 107.13
N ALA B 677 97.96 -155.59 107.02
CA ALA B 677 97.10 -155.70 108.19
C ALA B 677 97.24 -157.07 108.84
N GLN B 678 97.38 -158.13 108.06
CA GLN B 678 97.59 -159.46 108.60
C GLN B 678 98.94 -159.58 109.27
N ARG B 679 99.97 -158.95 108.69
CA ARG B 679 101.29 -158.97 109.32
C ARG B 679 101.31 -158.19 110.62
N LEU B 680 100.65 -157.04 110.66
CA LEU B 680 100.57 -156.26 111.90
C LEU B 680 99.72 -156.96 112.95
N GLU B 681 98.65 -157.63 112.53
CA GLU B 681 97.82 -158.41 113.44
C GLU B 681 98.59 -159.60 114.01
N GLN B 682 99.40 -160.26 113.17
CA GLN B 682 100.22 -161.36 113.64
C GLN B 682 101.32 -160.89 114.60
N GLU B 683 101.92 -159.73 114.31
CA GLU B 683 102.93 -159.19 115.21
C GLU B 683 102.33 -158.78 116.55
N ALA B 684 101.16 -158.14 116.52
CA ALA B 684 100.48 -157.75 117.74
C ALA B 684 100.01 -158.98 118.52
N ARG B 685 99.57 -160.02 117.81
CA ARG B 685 99.16 -161.26 118.46
C ARG B 685 100.36 -161.95 119.10
N GLY B 686 101.50 -161.96 118.42
CA GLY B 686 102.68 -162.57 119.00
C GLY B 686 103.19 -161.82 120.22
N ARG B 687 103.13 -160.48 120.18
CA ARG B 687 103.46 -159.69 121.36
C ARG B 687 102.47 -159.92 122.49
N LEU B 688 101.19 -160.07 122.16
CA LEU B 688 100.16 -160.35 123.16
C LEU B 688 100.36 -161.72 123.81
N GLU B 689 100.72 -162.74 123.03
CA GLU B 689 100.94 -164.05 123.62
C GLU B 689 102.25 -164.10 124.41
N ARG B 690 103.28 -163.38 123.98
CA ARG B 690 104.50 -163.30 124.78
C ARG B 690 104.25 -162.57 126.08
N GLN B 691 103.47 -161.49 126.05
CA GLN B 691 103.12 -160.77 127.27
C GLN B 691 102.19 -161.59 128.15
N LYS B 692 101.33 -162.41 127.56
CA LYS B 692 100.45 -163.27 128.36
C LYS B 692 101.23 -164.39 129.04
N ILE B 693 102.23 -164.94 128.35
CA ILE B 693 103.12 -165.93 128.96
C ILE B 693 103.94 -165.29 130.09
N LEU B 694 104.39 -164.04 129.89
CA LEU B 694 105.11 -163.36 130.95
C LEU B 694 104.20 -162.98 132.12
N ASP B 695 102.94 -162.64 131.84
CA ASP B 695 101.99 -162.35 132.91
C ASP B 695 101.64 -163.61 133.70
N GLN B 696 101.51 -164.75 133.02
CA GLN B 696 101.31 -166.01 133.72
C GLN B 696 102.57 -166.42 134.48
N SER B 697 103.75 -166.02 134.00
CA SER B 697 104.98 -166.25 134.75
C SER B 697 105.02 -165.43 136.03
N GLU B 698 104.58 -164.17 135.97
CA GLU B 698 104.50 -163.36 137.18
C GLU B 698 103.41 -163.86 138.13
N ALA B 699 102.29 -164.31 137.57
CA ALA B 699 101.23 -164.91 138.38
C ALA B 699 101.70 -166.20 139.04
N GLU B 700 102.52 -167.00 138.35
CA GLU B 700 103.07 -168.20 138.97
C GLU B 700 104.16 -167.85 139.98
N LYS B 701 104.87 -166.74 139.79
CA LYS B 701 105.82 -166.29 140.80
C LYS B 701 105.11 -165.86 142.08
N ALA B 702 103.94 -165.22 141.96
CA ALA B 702 103.14 -164.93 143.14
C ALA B 702 102.49 -166.19 143.69
N ARG B 703 102.08 -167.11 142.82
CA ARG B 703 101.42 -168.33 143.24
C ARG B 703 102.40 -169.30 143.90
N LYS B 704 103.69 -169.15 143.70
CA LYS B 704 104.65 -169.94 144.45
C LYS B 704 104.61 -169.62 145.93
N GLU B 705 104.59 -168.32 146.28
CA GLU B 705 104.46 -167.97 147.69
C GLU B 705 103.03 -168.19 148.19
N LEU B 706 102.03 -168.10 147.31
CA LEU B 706 100.66 -168.43 147.70
C LEU B 706 100.54 -169.92 148.04
N LEU B 707 101.16 -170.79 147.24
CA LEU B 707 101.13 -172.21 147.51
C LEU B 707 102.04 -172.59 148.66
N GLU B 708 103.10 -171.83 148.91
CA GLU B 708 103.90 -172.05 150.11
C GLU B 708 103.11 -171.73 151.38
N LEU B 709 102.39 -170.60 151.39
CA LEU B 709 101.54 -170.28 152.53
C LEU B 709 100.35 -171.24 152.63
N GLU B 710 99.82 -171.70 151.50
CA GLU B 710 98.75 -172.69 151.53
C GLU B 710 99.25 -174.04 152.07
N ALA B 711 100.48 -174.41 151.74
CA ALA B 711 101.06 -175.64 152.28
C ALA B 711 101.33 -175.49 153.77
N LEU B 712 101.76 -174.31 154.21
CA LEU B 712 101.95 -174.07 155.64
C LEU B 712 100.62 -174.13 156.40
N SER B 713 99.57 -173.54 155.84
CA SER B 713 98.26 -173.59 156.48
C SER B 713 97.66 -174.99 156.43
N MET B 714 97.90 -175.74 155.35
CA MET B 714 97.44 -177.12 155.27
C MET B 714 98.16 -178.01 156.27
N ALA B 715 99.47 -177.81 156.44
CA ALA B 715 100.22 -178.55 157.44
C ALA B 715 99.76 -178.21 158.84
N VAL B 716 99.49 -176.93 159.11
CA VAL B 716 99.01 -176.48 160.42
C VAL B 716 97.64 -177.07 160.71
N GLU B 717 96.73 -177.04 159.73
CA GLU B 717 95.39 -177.59 159.91
C GLU B 717 95.42 -179.11 160.10
N SER B 718 96.21 -179.82 159.29
CA SER B 718 96.27 -181.28 159.37
C SER B 718 96.91 -181.73 160.66
N THR B 719 98.04 -181.13 161.06
CA THR B 719 98.64 -181.51 162.32
C THR B 719 97.84 -181.01 163.52
N GLY B 720 97.04 -179.95 163.36
CA GLY B 720 96.18 -179.54 164.45
C GLY B 720 95.02 -180.50 164.67
N THR B 721 94.37 -180.93 163.60
CA THR B 721 93.29 -181.89 163.72
C THR B 721 93.80 -183.24 164.19
N ALA B 722 94.93 -183.71 163.64
CA ALA B 722 95.49 -185.00 164.05
C ALA B 722 96.00 -184.96 165.48
N LYS B 723 96.67 -183.88 165.88
CA LYS B 723 97.18 -183.76 167.24
C LYS B 723 96.05 -183.56 168.24
N ALA B 724 94.98 -182.86 167.86
CA ALA B 724 93.85 -182.71 168.76
C ALA B 724 93.11 -184.02 168.97
N GLU B 725 92.87 -184.77 167.89
CA GLU B 725 92.22 -186.08 168.03
C GLU B 725 93.10 -187.07 168.79
N ALA B 726 94.39 -187.11 168.48
CA ALA B 726 95.29 -188.03 169.16
C ALA B 726 95.50 -187.65 170.62
N GLU B 727 95.56 -186.37 170.90
CA GLU B 727 95.75 -185.90 172.25
C GLU B 727 94.52 -186.17 173.10
N SER B 728 93.33 -185.94 172.55
CA SER B 728 92.12 -186.21 173.32
C SER B 728 92.03 -187.69 173.63
N ARG B 729 92.30 -188.50 172.62
CA ARG B 729 92.28 -189.95 172.76
C ARG B 729 93.32 -190.40 173.75
N ALA B 730 94.49 -189.79 173.71
CA ALA B 730 95.55 -190.10 174.66
C ALA B 730 95.11 -189.73 176.06
N GLU B 731 94.43 -188.59 176.20
CA GLU B 731 93.96 -188.17 177.52
C GLU B 731 92.88 -189.11 178.00
N ALA B 732 91.89 -189.39 177.16
CA ALA B 732 90.85 -190.34 177.56
C ALA B 732 91.45 -191.68 177.96
N ALA B 733 92.49 -192.13 177.27
CA ALA B 733 93.17 -193.36 177.64
C ALA B 733 93.92 -193.22 178.95
N ARG B 734 94.50 -192.06 179.23
CA ARG B 734 95.18 -191.84 180.51
C ARG B 734 94.18 -191.78 181.66
N ILE B 735 93.04 -191.12 181.45
CA ILE B 735 92.00 -191.05 182.46
C ILE B 735 91.42 -192.45 182.72
N GLU B 736 91.19 -193.21 181.66
CA GLU B 736 90.70 -194.58 181.81
C GLU B 736 91.75 -195.50 182.41
N GLY B 737 93.04 -195.22 182.18
CA GLY B 737 94.07 -196.03 182.80
C GLY B 737 94.24 -195.78 184.28
N GLU B 738 94.17 -194.50 184.68
CA GLU B 738 94.19 -194.17 186.11
C GLU B 738 92.94 -194.67 186.81
N GLY B 739 91.80 -194.54 186.12
CA GLY B 739 90.58 -195.15 186.61
C GLY B 739 90.70 -196.64 186.73
N SER B 740 91.32 -197.31 185.76
CA SER B 740 91.47 -198.75 185.80
C SER B 740 92.43 -199.20 186.89
N VAL B 741 93.44 -198.38 187.20
CA VAL B 741 94.31 -198.66 188.34
C VAL B 741 93.53 -198.57 189.64
N LEU B 742 92.70 -197.52 189.78
CA LEU B 742 91.85 -197.39 190.98
C LEU B 742 90.82 -198.51 191.08
N GLN B 743 90.20 -198.88 189.94
CA GLN B 743 89.25 -199.98 189.91
C GLN B 743 89.92 -201.31 190.21
N ALA B 744 91.17 -201.49 189.78
CA ALA B 744 91.88 -202.72 190.08
C ALA B 744 92.27 -202.79 191.55
N LYS B 745 92.60 -201.64 192.16
CA LYS B 745 92.85 -201.61 193.60
C LYS B 745 91.56 -201.91 194.38
N LEU B 746 90.43 -201.35 193.94
CA LEU B 746 89.16 -201.62 194.60
C LEU B 746 88.71 -203.06 194.39
N LYS B 747 88.97 -203.63 193.21
CA LYS B 747 88.68 -205.03 192.97
C LYS B 747 89.60 -205.94 193.77
N ALA B 748 90.84 -205.51 194.01
CA ALA B 748 91.72 -206.25 194.89
C ALA B 748 91.22 -206.23 196.33
N GLN B 749 90.71 -205.09 196.78
CA GLN B 749 90.10 -205.02 198.11
C GLN B 749 88.85 -205.89 198.21
N ALA B 750 87.99 -205.84 197.18
CA ALA B 750 86.77 -206.63 197.18
C ALA B 750 87.07 -208.13 197.08
N LEU B 751 88.05 -208.51 196.27
CA LEU B 751 88.48 -209.89 196.12
C LEU B 751 89.38 -210.34 197.26
N ALA B 752 89.79 -209.44 198.15
CA ALA B 752 90.38 -209.85 199.41
C ALA B 752 89.31 -210.12 200.46
N ILE B 753 88.35 -209.20 200.58
CA ILE B 753 87.27 -209.35 201.56
C ILE B 753 86.39 -210.56 201.24
N GLU B 754 86.01 -210.71 199.97
CA GLU B 754 85.16 -211.81 199.54
C GLU B 754 85.88 -213.15 199.65
N THR B 755 87.18 -213.19 199.32
CA THR B 755 87.91 -214.44 199.44
C THR B 755 88.18 -214.80 200.90
N GLU B 756 88.29 -213.78 201.74
CA GLU B 756 88.50 -214.00 203.15
C GLU B 756 87.21 -214.53 203.78
N ALA B 757 86.07 -213.98 203.39
CA ALA B 757 84.79 -214.43 203.91
C ALA B 757 84.41 -215.71 203.21
N GLU B 758 84.99 -215.91 202.04
CA GLU B 758 84.86 -217.13 201.26
C GLU B 758 85.66 -218.30 201.81
N LEU B 759 86.85 -218.02 202.34
CA LEU B 759 87.69 -219.08 202.86
C LEU B 759 87.32 -219.47 204.29
N GLN B 760 86.92 -218.50 205.11
CA GLN B 760 86.53 -218.85 206.47
C GLN B 760 85.38 -219.86 206.47
N ARG B 761 84.38 -219.64 205.62
CA ARG B 761 83.27 -220.58 205.49
C ARG B 761 83.72 -221.91 204.93
N VAL B 762 84.63 -221.89 203.95
CA VAL B 762 85.14 -223.13 203.35
C VAL B 762 85.97 -223.91 204.35
N GLN B 763 86.80 -223.22 205.14
CA GLN B 763 87.61 -223.89 206.15
C GLN B 763 86.74 -224.47 207.27
N LYS B 764 85.71 -223.73 207.70
CA LYS B 764 84.82 -224.24 208.74
C LYS B 764 84.01 -225.44 208.25
N VAL B 765 83.47 -225.37 207.04
CA VAL B 765 82.66 -226.47 206.54
C VAL B 765 83.54 -227.65 206.15
N ARG B 766 84.81 -227.41 205.80
CA ARG B 766 85.70 -228.52 205.53
C ARG B 766 86.20 -229.16 206.80
N GLU B 767 86.28 -228.37 207.86
CA GLU B 767 86.71 -228.90 209.13
C GLU B 767 85.69 -229.94 209.58
N LEU B 768 84.42 -229.56 209.60
CA LEU B 768 83.39 -230.51 210.01
C LEU B 768 83.34 -231.68 209.06
N GLU B 769 83.41 -231.38 207.76
CA GLU B 769 83.36 -232.41 206.73
C GLU B 769 84.46 -233.39 206.98
N LEU B 770 85.50 -232.92 207.66
CA LEU B 770 86.58 -233.82 208.05
C LEU B 770 86.25 -234.56 209.35
N VAL B 771 85.66 -233.86 210.33
CA VAL B 771 85.33 -234.55 211.58
C VAL B 771 84.14 -235.50 211.38
N TYR B 772 83.19 -235.13 210.51
CA TYR B 772 82.10 -236.06 210.19
C TYR B 772 82.60 -237.24 209.37
N ALA B 773 83.58 -237.04 208.50
CA ALA B 773 84.16 -238.14 207.76
C ALA B 773 84.99 -239.05 208.66
N ARG B 774 85.65 -238.49 209.67
CA ARG B 774 86.35 -239.32 210.65
C ARG B 774 85.37 -240.14 211.48
N ALA B 775 84.25 -239.53 211.88
CA ALA B 775 83.22 -240.27 212.62
C ALA B 775 82.58 -241.35 211.77
N GLN B 776 82.30 -241.04 210.49
CA GLN B 776 81.73 -242.04 209.59
C GLN B 776 82.75 -243.13 209.26
N LEU B 777 84.03 -242.79 209.20
CA LEU B 777 85.07 -243.79 208.95
C LEU B 777 85.23 -244.73 210.14
N GLU B 778 85.20 -244.20 211.36
CA GLU B 778 85.31 -245.08 212.52
C GLU B 778 84.04 -245.90 212.72
N LEU B 779 82.87 -245.35 212.35
CA LEU B 779 81.64 -246.15 212.39
C LEU B 779 81.64 -247.24 211.34
N GLU B 780 82.10 -246.93 210.12
CA GLU B 780 82.17 -247.91 209.04
C GLU B 780 83.19 -249.00 209.34
N VAL B 781 84.34 -248.63 209.90
CA VAL B 781 85.32 -249.64 210.25
C VAL B 781 84.92 -250.42 211.49
N SER B 782 84.09 -249.85 212.38
CA SER B 782 83.55 -250.64 213.49
C SER B 782 82.53 -251.64 213.00
N LYS B 783 81.68 -251.24 212.05
CA LYS B 783 80.73 -252.17 211.46
C LYS B 783 81.44 -253.26 210.66
N ALA B 784 82.52 -252.89 209.97
CA ALA B 784 83.30 -253.87 209.22
C ALA B 784 84.01 -254.85 210.16
N GLN B 785 84.54 -254.34 211.28
CA GLN B 785 85.19 -255.20 212.26
C GLN B 785 84.19 -256.15 212.91
N GLN B 786 82.99 -255.67 213.25
CA GLN B 786 81.98 -256.53 213.86
C GLN B 786 81.45 -257.57 212.89
N LEU B 787 81.21 -257.17 211.64
CA LEU B 787 80.72 -258.12 210.65
C LEU B 787 81.78 -259.15 210.27
N ALA B 788 83.05 -258.73 210.18
CA ALA B 788 84.12 -259.67 209.94
C ALA B 788 84.35 -260.58 211.13
N GLU B 789 84.14 -260.07 212.35
CA GLU B 789 84.28 -260.90 213.53
C GLU B 789 83.20 -261.98 213.60
N VAL B 790 81.95 -261.61 213.30
CA VAL B 790 80.89 -262.62 213.34
C VAL B 790 81.00 -263.58 212.15
N GLU B 791 81.53 -263.11 211.01
CA GLU B 791 81.76 -264.00 209.88
C GLU B 791 82.88 -264.99 210.17
N VAL B 792 83.97 -264.53 210.79
CA VAL B 792 85.07 -265.41 211.15
C VAL B 792 84.65 -266.38 212.24
N LYS B 793 83.83 -265.92 213.19
CA LYS B 793 83.32 -266.81 214.24
C LYS B 793 82.38 -267.87 213.67
N LYS B 794 81.51 -267.50 212.74
CA LYS B 794 80.62 -268.47 212.11
C LYS B 794 81.39 -269.46 211.26
N PHE B 795 82.42 -268.99 210.53
CA PHE B 795 83.23 -269.89 209.73
C PHE B 795 84.04 -270.84 210.58
N LYS B 796 84.58 -270.36 211.70
CA LYS B 796 85.35 -271.21 212.60
C LYS B 796 84.47 -272.23 213.31
N GLN B 797 83.26 -271.83 213.69
CA GLN B 797 82.32 -272.76 214.32
C GLN B 797 81.85 -273.82 213.33
N MET B 798 81.58 -273.42 212.08
CA MET B 798 81.18 -274.40 211.07
C MET B 798 82.32 -275.32 210.70
N THR B 799 83.55 -274.80 210.69
CA THR B 799 84.72 -275.63 210.41
C THR B 799 84.98 -276.63 211.52
N GLU B 800 84.92 -276.20 212.78
CA GLU B 800 85.13 -277.12 213.89
C GLU B 800 83.95 -278.06 214.11
N ALA B 801 82.76 -277.73 213.60
CA ALA B 801 81.65 -278.65 213.67
C ALA B 801 81.71 -279.70 212.56
N ILE B 802 82.01 -279.26 211.34
CA ILE B 802 82.16 -280.19 210.22
C ILE B 802 83.43 -281.01 210.38
N GLY B 803 84.54 -280.36 210.73
CA GLY B 803 85.81 -281.02 210.81
C GLY B 803 86.75 -280.57 209.71
N PRO B 804 87.99 -280.25 210.05
CA PRO B 804 88.97 -279.88 209.02
C PRO B 804 89.34 -281.03 208.09
N SER B 805 89.52 -282.23 208.63
CA SER B 805 89.80 -283.39 207.79
C SER B 805 88.58 -283.76 206.94
N THR B 806 87.38 -283.59 207.49
CA THR B 806 86.16 -283.82 206.74
C THR B 806 86.02 -282.83 205.58
N ILE B 807 86.36 -281.56 205.80
CA ILE B 807 86.29 -280.60 204.70
C ILE B 807 87.45 -280.78 203.71
N ARG B 808 88.57 -281.38 204.14
CA ARG B 808 89.59 -281.75 203.17
C ARG B 808 89.15 -282.92 202.31
N ASP B 809 88.38 -283.82 202.89
CA ASP B 809 87.88 -284.97 202.15
C ASP B 809 86.73 -284.58 201.23
N LEU B 810 85.99 -283.56 201.64
CA LEU B 810 84.86 -283.05 200.89
C LEU B 810 85.33 -282.15 199.75
N ALA B 811 86.42 -281.40 199.97
CA ALA B 811 86.96 -280.53 198.92
C ALA B 811 87.72 -281.32 197.88
N VAL B 812 88.18 -282.50 198.30
CA VAL B 812 88.94 -283.44 197.48
C VAL B 812 88.06 -284.60 197.01
N ALA B 813 86.80 -284.31 196.72
CA ALA B 813 85.85 -285.30 196.26
C ALA B 813 86.31 -285.88 194.92
#